data_8JVZ
# 
_entry.id   8JVZ 
# 
_audit_conform.dict_name       mmcif_pdbx.dic 
_audit_conform.dict_version    5.395 
_audit_conform.dict_location   http://mmcif.pdb.org/dictionaries/ascii/mmcif_pdbx.dic 
# 
loop_
_database_2.database_id 
_database_2.database_code 
_database_2.pdbx_database_accession 
_database_2.pdbx_DOI 
PDB   8JVZ         pdb_00008jvz 10.2210/pdb8jvz/pdb 
WWPDB D_1300038847 ?            ?                   
# 
loop_
_pdbx_audit_revision_history.ordinal 
_pdbx_audit_revision_history.data_content_type 
_pdbx_audit_revision_history.major_revision 
_pdbx_audit_revision_history.minor_revision 
_pdbx_audit_revision_history.revision_date 
1 'Structure model' 1 0 2024-07-03 
2 'Structure model' 1 1 2024-08-07 
# 
_pdbx_audit_revision_details.ordinal             1 
_pdbx_audit_revision_details.revision_ordinal    1 
_pdbx_audit_revision_details.data_content_type   'Structure model' 
_pdbx_audit_revision_details.provider            repository 
_pdbx_audit_revision_details.type                'Initial release' 
_pdbx_audit_revision_details.description         ? 
_pdbx_audit_revision_details.details             ? 
# 
_pdbx_audit_revision_group.ordinal             1 
_pdbx_audit_revision_group.revision_ordinal    2 
_pdbx_audit_revision_group.data_content_type   'Structure model' 
_pdbx_audit_revision_group.group               'Database references' 
# 
loop_
_pdbx_audit_revision_category.ordinal 
_pdbx_audit_revision_category.revision_ordinal 
_pdbx_audit_revision_category.data_content_type 
_pdbx_audit_revision_category.category 
1 2 'Structure model' citation        
2 2 'Structure model' citation_author 
# 
loop_
_pdbx_audit_revision_item.ordinal 
_pdbx_audit_revision_item.revision_ordinal 
_pdbx_audit_revision_item.data_content_type 
_pdbx_audit_revision_item.item 
1  2 'Structure model' '_citation.country'                 
2  2 'Structure model' '_citation.journal_abbrev'          
3  2 'Structure model' '_citation.journal_id_CSD'          
4  2 'Structure model' '_citation.journal_id_ISSN'         
5  2 'Structure model' '_citation.journal_volume'          
6  2 'Structure model' '_citation.page_first'              
7  2 'Structure model' '_citation.page_last'               
8  2 'Structure model' '_citation.pdbx_database_id_DOI'    
9  2 'Structure model' '_citation.pdbx_database_id_PubMed' 
10 2 'Structure model' '_citation.title'                   
11 2 'Structure model' '_citation.year'                    
12 2 'Structure model' '_citation_author.identifier_ORCID' 
# 
_pdbx_database_status.status_code                     REL 
_pdbx_database_status.status_code_sf                  REL 
_pdbx_database_status.status_code_mr                  ? 
_pdbx_database_status.entry_id                        8JVZ 
_pdbx_database_status.recvd_initial_deposition_date   2023-06-28 
_pdbx_database_status.SG_entry                        N 
_pdbx_database_status.deposit_site                    PDBJ 
_pdbx_database_status.process_site                    PDBJ 
_pdbx_database_status.status_code_cs                  ? 
_pdbx_database_status.status_code_nmr_data            ? 
_pdbx_database_status.methods_development_category    ? 
_pdbx_database_status.pdb_format_compatible           Y 
# 
_pdbx_contact_author.id                 2 
_pdbx_contact_author.email              shunsuke.tagami@riken.jp 
_pdbx_contact_author.name_first         Shunsuke 
_pdbx_contact_author.name_last          Tagami 
_pdbx_contact_author.name_mi            ? 
_pdbx_contact_author.role               'principal investigator/group leader' 
_pdbx_contact_author.identifier_ORCID   0000-0002-1720-3627 
# 
loop_
_audit_author.name 
_audit_author.pdbx_ordinal 
_audit_author.identifier_ORCID 
'Yagi, S.'   1 ? 
'Tagami, S.' 2 ? 
# 
_citation.abstract                  ? 
_citation.abstract_id_CAS           ? 
_citation.book_id_ISBN              ? 
_citation.book_publisher            ? 
_citation.book_publisher_city       ? 
_citation.book_title                ? 
_citation.coordinate_linkage        ? 
_citation.country                   UK 
_citation.database_id_Medline       ? 
_citation.details                   ? 
_citation.id                        primary 
_citation.journal_abbrev            'Nat Commun' 
_citation.journal_id_ASTM           ? 
_citation.journal_id_CSD            ? 
_citation.journal_id_ISSN           2041-1723 
_citation.journal_full              ? 
_citation.journal_issue             ? 
_citation.journal_volume            15 
_citation.language                  ? 
_citation.page_first                5938 
_citation.page_last                 5938 
_citation.title                     
'An ancestral fold reveals the evolutionary link between RNA polymerase and ribosomal proteins.' 
_citation.year                      2024 
_citation.database_id_CSD           ? 
_citation.pdbx_database_id_DOI      10.1038/s41467-024-50013-9 
_citation.pdbx_database_id_PubMed   39025855 
_citation.pdbx_database_id_patent   ? 
_citation.unpublished_flag          ? 
# 
loop_
_citation_author.citation_id 
_citation_author.name 
_citation_author.ordinal 
_citation_author.identifier_ORCID 
primary 'Yagi, S.'   1 0000-0002-7117-3318 
primary 'Tagami, S.' 2 0000-0002-1720-3627 
# 
loop_
_entity.id 
_entity.type 
_entity.src_method 
_entity.pdbx_description 
_entity.formula_weight 
_entity.pdbx_number_of_molecules 
_entity.pdbx_ec 
_entity.pdbx_mutation 
_entity.pdbx_fragment 
_entity.details 
1 polymer man mkaL2_v1_SH3 5797.727 2   ? ? ? ? 
2 water   nat water        18.015   107 ? ? ? ? 
# 
_entity_poly.entity_id                      1 
_entity_poly.type                           'polypeptide(L)' 
_entity_poly.nstd_linkage                   no 
_entity_poly.nstd_monomer                   no 
_entity_poly.pdbx_seq_one_letter_code       GPGVKVGDVVEVKKDGKKVVARVVELLHDPARNAPVARVRFEDGEERLILVPE 
_entity_poly.pdbx_seq_one_letter_code_can   GPGVKVGDVVEVKKDGKKVVARVVELLHDPARNAPVARVRFEDGEERLILVPE 
_entity_poly.pdbx_strand_id                 A,B 
_entity_poly.pdbx_target_identifier         ? 
# 
_pdbx_entity_nonpoly.entity_id   2 
_pdbx_entity_nonpoly.name        water 
_pdbx_entity_nonpoly.comp_id     HOH 
# 
loop_
_entity_poly_seq.entity_id 
_entity_poly_seq.num 
_entity_poly_seq.mon_id 
_entity_poly_seq.hetero 
1 1  GLY n 
1 2  PRO n 
1 3  GLY n 
1 4  VAL n 
1 5  LYS n 
1 6  VAL n 
1 7  GLY n 
1 8  ASP n 
1 9  VAL n 
1 10 VAL n 
1 11 GLU n 
1 12 VAL n 
1 13 LYS n 
1 14 LYS n 
1 15 ASP n 
1 16 GLY n 
1 17 LYS n 
1 18 LYS n 
1 19 VAL n 
1 20 VAL n 
1 21 ALA n 
1 22 ARG n 
1 23 VAL n 
1 24 VAL n 
1 25 GLU n 
1 26 LEU n 
1 27 LEU n 
1 28 HIS n 
1 29 ASP n 
1 30 PRO n 
1 31 ALA n 
1 32 ARG n 
1 33 ASN n 
1 34 ALA n 
1 35 PRO n 
1 36 VAL n 
1 37 ALA n 
1 38 ARG n 
1 39 VAL n 
1 40 ARG n 
1 41 PHE n 
1 42 GLU n 
1 43 ASP n 
1 44 GLY n 
1 45 GLU n 
1 46 GLU n 
1 47 ARG n 
1 48 LEU n 
1 49 ILE n 
1 50 LEU n 
1 51 VAL n 
1 52 PRO n 
1 53 GLU n 
# 
_entity_src_gen.entity_id                          1 
_entity_src_gen.pdbx_src_id                        1 
_entity_src_gen.pdbx_alt_source_flag               sample 
_entity_src_gen.pdbx_seq_type                      'Biological sequence' 
_entity_src_gen.pdbx_beg_seq_num                   1 
_entity_src_gen.pdbx_end_seq_num                   53 
_entity_src_gen.gene_src_common_name               ? 
_entity_src_gen.gene_src_genus                     ? 
_entity_src_gen.pdbx_gene_src_gene                 ? 
_entity_src_gen.gene_src_species                   ? 
_entity_src_gen.gene_src_strain                    ? 
_entity_src_gen.gene_src_tissue                    ? 
_entity_src_gen.gene_src_tissue_fraction           ? 
_entity_src_gen.gene_src_details                   ? 
_entity_src_gen.pdbx_gene_src_fragment             ? 
_entity_src_gen.pdbx_gene_src_scientific_name      'synthetic construct' 
_entity_src_gen.pdbx_gene_src_ncbi_taxonomy_id     32630 
_entity_src_gen.pdbx_gene_src_variant              ? 
_entity_src_gen.pdbx_gene_src_cell_line            ? 
_entity_src_gen.pdbx_gene_src_atcc                 ? 
_entity_src_gen.pdbx_gene_src_organ                ? 
_entity_src_gen.pdbx_gene_src_organelle            ? 
_entity_src_gen.pdbx_gene_src_cell                 ? 
_entity_src_gen.pdbx_gene_src_cellular_location    ? 
_entity_src_gen.host_org_common_name               ? 
_entity_src_gen.pdbx_host_org_scientific_name      'Escherichia coli BL21(DE3)' 
_entity_src_gen.pdbx_host_org_ncbi_taxonomy_id     469008 
_entity_src_gen.host_org_genus                     ? 
_entity_src_gen.pdbx_host_org_gene                 ? 
_entity_src_gen.pdbx_host_org_organ                ? 
_entity_src_gen.host_org_species                   ? 
_entity_src_gen.pdbx_host_org_tissue               ? 
_entity_src_gen.pdbx_host_org_tissue_fraction      ? 
_entity_src_gen.pdbx_host_org_strain               ? 
_entity_src_gen.pdbx_host_org_variant              ? 
_entity_src_gen.pdbx_host_org_cell_line            ? 
_entity_src_gen.pdbx_host_org_atcc                 ? 
_entity_src_gen.pdbx_host_org_culture_collection   ? 
_entity_src_gen.pdbx_host_org_cell                 ? 
_entity_src_gen.pdbx_host_org_organelle            ? 
_entity_src_gen.pdbx_host_org_cellular_location    ? 
_entity_src_gen.pdbx_host_org_vector_type          ? 
_entity_src_gen.pdbx_host_org_vector               ? 
_entity_src_gen.host_org_details                   ? 
_entity_src_gen.expression_system_id               ? 
_entity_src_gen.plasmid_name                       ? 
_entity_src_gen.plasmid_details                    ? 
_entity_src_gen.pdbx_description                   ? 
# 
loop_
_chem_comp.id 
_chem_comp.type 
_chem_comp.mon_nstd_flag 
_chem_comp.name 
_chem_comp.pdbx_synonyms 
_chem_comp.formula 
_chem_comp.formula_weight 
ALA 'L-peptide linking' y ALANINE         ? 'C3 H7 N O2'     89.093  
ARG 'L-peptide linking' y ARGININE        ? 'C6 H15 N4 O2 1' 175.209 
ASN 'L-peptide linking' y ASPARAGINE      ? 'C4 H8 N2 O3'    132.118 
ASP 'L-peptide linking' y 'ASPARTIC ACID' ? 'C4 H7 N O4'     133.103 
GLU 'L-peptide linking' y 'GLUTAMIC ACID' ? 'C5 H9 N O4'     147.129 
GLY 'peptide linking'   y GLYCINE         ? 'C2 H5 N O2'     75.067  
HIS 'L-peptide linking' y HISTIDINE       ? 'C6 H10 N3 O2 1' 156.162 
HOH non-polymer         . WATER           ? 'H2 O'           18.015  
ILE 'L-peptide linking' y ISOLEUCINE      ? 'C6 H13 N O2'    131.173 
LEU 'L-peptide linking' y LEUCINE         ? 'C6 H13 N O2'    131.173 
LYS 'L-peptide linking' y LYSINE          ? 'C6 H15 N2 O2 1' 147.195 
PHE 'L-peptide linking' y PHENYLALANINE   ? 'C9 H11 N O2'    165.189 
PRO 'L-peptide linking' y PROLINE         ? 'C5 H9 N O2'     115.130 
VAL 'L-peptide linking' y VALINE          ? 'C5 H11 N O2'    117.146 
# 
loop_
_pdbx_poly_seq_scheme.asym_id 
_pdbx_poly_seq_scheme.entity_id 
_pdbx_poly_seq_scheme.seq_id 
_pdbx_poly_seq_scheme.mon_id 
_pdbx_poly_seq_scheme.ndb_seq_num 
_pdbx_poly_seq_scheme.pdb_seq_num 
_pdbx_poly_seq_scheme.auth_seq_num 
_pdbx_poly_seq_scheme.pdb_mon_id 
_pdbx_poly_seq_scheme.auth_mon_id 
_pdbx_poly_seq_scheme.pdb_strand_id 
_pdbx_poly_seq_scheme.pdb_ins_code 
_pdbx_poly_seq_scheme.hetero 
A 1 1  GLY 1  1  ?  ?   ?   A . n 
A 1 2  PRO 2  2  ?  ?   ?   A . n 
A 1 3  GLY 3  3  3  GLY GLY A . n 
A 1 4  VAL 4  4  4  VAL VAL A . n 
A 1 5  LYS 5  5  5  LYS LYS A . n 
A 1 6  VAL 6  6  6  VAL VAL A . n 
A 1 7  GLY 7  7  7  GLY GLY A . n 
A 1 8  ASP 8  8  8  ASP ASP A . n 
A 1 9  VAL 9  9  9  VAL VAL A . n 
A 1 10 VAL 10 10 10 VAL VAL A . n 
A 1 11 GLU 11 11 11 GLU GLU A . n 
A 1 12 VAL 12 12 12 VAL VAL A . n 
A 1 13 LYS 13 13 13 LYS LYS A . n 
A 1 14 LYS 14 14 14 LYS LYS A . n 
A 1 15 ASP 15 15 15 ASP ASP A . n 
A 1 16 GLY 16 16 16 GLY GLY A . n 
A 1 17 LYS 17 17 17 LYS LYS A . n 
A 1 18 LYS 18 18 18 LYS LYS A . n 
A 1 19 VAL 19 19 19 VAL VAL A . n 
A 1 20 VAL 20 20 20 VAL VAL A . n 
A 1 21 ALA 21 21 21 ALA ALA A . n 
A 1 22 ARG 22 22 22 ARG ARG A . n 
A 1 23 VAL 23 23 23 VAL VAL A . n 
A 1 24 VAL 24 24 24 VAL VAL A . n 
A 1 25 GLU 25 25 25 GLU GLU A . n 
A 1 26 LEU 26 26 26 LEU LEU A . n 
A 1 27 LEU 27 27 27 LEU LEU A . n 
A 1 28 HIS 28 28 28 HIS HIS A . n 
A 1 29 ASP 29 29 29 ASP ASP A . n 
A 1 30 PRO 30 30 30 PRO PRO A . n 
A 1 31 ALA 31 31 31 ALA ALA A . n 
A 1 32 ARG 32 32 32 ARG ARG A . n 
A 1 33 ASN 33 33 33 ASN ASN A . n 
A 1 34 ALA 34 34 34 ALA ALA A . n 
A 1 35 PRO 35 35 35 PRO PRO A . n 
A 1 36 VAL 36 36 36 VAL VAL A . n 
A 1 37 ALA 37 37 37 ALA ALA A . n 
A 1 38 ARG 38 38 38 ARG ARG A . n 
A 1 39 VAL 39 39 39 VAL VAL A . n 
A 1 40 ARG 40 40 40 ARG ARG A . n 
A 1 41 PHE 41 41 41 PHE PHE A . n 
A 1 42 GLU 42 42 42 GLU GLU A . n 
A 1 43 ASP 43 43 43 ASP ASP A . n 
A 1 44 GLY 44 44 44 GLY GLY A . n 
A 1 45 GLU 45 45 45 GLU GLU A . n 
A 1 46 GLU 46 46 46 GLU GLU A . n 
A 1 47 ARG 47 47 47 ARG ARG A . n 
A 1 48 LEU 48 48 48 LEU LEU A . n 
A 1 49 ILE 49 49 49 ILE ILE A . n 
A 1 50 LEU 50 50 50 LEU LEU A . n 
A 1 51 VAL 51 51 51 VAL VAL A . n 
A 1 52 PRO 52 52 52 PRO PRO A . n 
A 1 53 GLU 53 53 ?  ?   ?   A . n 
B 1 1  GLY 1  1  ?  ?   ?   B . n 
B 1 2  PRO 2  2  ?  ?   ?   B . n 
B 1 3  GLY 3  3  3  GLY GLY B . n 
B 1 4  VAL 4  4  4  VAL VAL B . n 
B 1 5  LYS 5  5  5  LYS LYS B . n 
B 1 6  VAL 6  6  6  VAL VAL B . n 
B 1 7  GLY 7  7  7  GLY GLY B . n 
B 1 8  ASP 8  8  8  ASP ASP B . n 
B 1 9  VAL 9  9  9  VAL VAL B . n 
B 1 10 VAL 10 10 10 VAL VAL B . n 
B 1 11 GLU 11 11 11 GLU GLU B . n 
B 1 12 VAL 12 12 12 VAL VAL B . n 
B 1 13 LYS 13 13 13 LYS LYS B . n 
B 1 14 LYS 14 14 14 LYS LYS B . n 
B 1 15 ASP 15 15 15 ASP ASP B . n 
B 1 16 GLY 16 16 16 GLY GLY B . n 
B 1 17 LYS 17 17 17 LYS LYS B . n 
B 1 18 LYS 18 18 18 LYS LYS B . n 
B 1 19 VAL 19 19 19 VAL VAL B . n 
B 1 20 VAL 20 20 20 VAL VAL B . n 
B 1 21 ALA 21 21 21 ALA ALA B . n 
B 1 22 ARG 22 22 22 ARG ARG B . n 
B 1 23 VAL 23 23 23 VAL VAL B . n 
B 1 24 VAL 24 24 24 VAL VAL B . n 
B 1 25 GLU 25 25 25 GLU GLU B . n 
B 1 26 LEU 26 26 26 LEU LEU B . n 
B 1 27 LEU 27 27 27 LEU LEU B . n 
B 1 28 HIS 28 28 28 HIS HIS B . n 
B 1 29 ASP 29 29 29 ASP ASP B . n 
B 1 30 PRO 30 30 30 PRO PRO B . n 
B 1 31 ALA 31 31 31 ALA ALA B . n 
B 1 32 ARG 32 32 32 ARG ARG B . n 
B 1 33 ASN 33 33 33 ASN ASN B . n 
B 1 34 ALA 34 34 34 ALA ALA B . n 
B 1 35 PRO 35 35 35 PRO PRO B . n 
B 1 36 VAL 36 36 36 VAL VAL B . n 
B 1 37 ALA 37 37 37 ALA ALA B . n 
B 1 38 ARG 38 38 38 ARG ARG B . n 
B 1 39 VAL 39 39 39 VAL VAL B . n 
B 1 40 ARG 40 40 40 ARG ARG B . n 
B 1 41 PHE 41 41 41 PHE PHE B . n 
B 1 42 GLU 42 42 42 GLU GLU B . n 
B 1 43 ASP 43 43 43 ASP ASP B . n 
B 1 44 GLY 44 44 44 GLY GLY B . n 
B 1 45 GLU 45 45 45 GLU GLU B . n 
B 1 46 GLU 46 46 46 GLU GLU B . n 
B 1 47 ARG 47 47 47 ARG ARG B . n 
B 1 48 LEU 48 48 48 LEU LEU B . n 
B 1 49 ILE 49 49 49 ILE ILE B . n 
B 1 50 LEU 50 50 50 LEU LEU B . n 
B 1 51 VAL 51 51 51 VAL VAL B . n 
B 1 52 PRO 52 52 52 PRO PRO B . n 
B 1 53 GLU 53 53 ?  ?   ?   B . n 
# 
loop_
_pdbx_nonpoly_scheme.asym_id 
_pdbx_nonpoly_scheme.entity_id 
_pdbx_nonpoly_scheme.mon_id 
_pdbx_nonpoly_scheme.ndb_seq_num 
_pdbx_nonpoly_scheme.pdb_seq_num 
_pdbx_nonpoly_scheme.auth_seq_num 
_pdbx_nonpoly_scheme.pdb_mon_id 
_pdbx_nonpoly_scheme.auth_mon_id 
_pdbx_nonpoly_scheme.pdb_strand_id 
_pdbx_nonpoly_scheme.pdb_ins_code 
C 2 HOH 1  101 15  HOH HOH A . 
C 2 HOH 2  102 29  HOH HOH A . 
C 2 HOH 3  103 53  HOH HOH A . 
C 2 HOH 4  104 69  HOH HOH A . 
C 2 HOH 5  105 10  HOH HOH A . 
C 2 HOH 6  106 76  HOH HOH A . 
C 2 HOH 7  107 31  HOH HOH A . 
C 2 HOH 8  108 43  HOH HOH A . 
C 2 HOH 9  109 30  HOH HOH A . 
C 2 HOH 10 110 18  HOH HOH A . 
C 2 HOH 11 111 54  HOH HOH A . 
C 2 HOH 12 112 3   HOH HOH A . 
C 2 HOH 13 113 88  HOH HOH A . 
C 2 HOH 14 114 32  HOH HOH A . 
C 2 HOH 15 115 5   HOH HOH A . 
C 2 HOH 16 116 93  HOH HOH A . 
C 2 HOH 17 117 19  HOH HOH A . 
C 2 HOH 18 118 2   HOH HOH A . 
C 2 HOH 19 119 9   HOH HOH A . 
C 2 HOH 20 120 107 HOH HOH A . 
C 2 HOH 21 121 44  HOH HOH A . 
C 2 HOH 22 122 64  HOH HOH A . 
C 2 HOH 23 123 70  HOH HOH A . 
C 2 HOH 24 124 36  HOH HOH A . 
C 2 HOH 25 125 8   HOH HOH A . 
C 2 HOH 26 126 79  HOH HOH A . 
C 2 HOH 27 127 104 HOH HOH A . 
C 2 HOH 28 128 47  HOH HOH A . 
C 2 HOH 29 129 108 HOH HOH A . 
C 2 HOH 30 130 16  HOH HOH A . 
C 2 HOH 31 131 26  HOH HOH A . 
C 2 HOH 32 132 21  HOH HOH A . 
C 2 HOH 33 133 4   HOH HOH A . 
C 2 HOH 34 134 1   HOH HOH A . 
C 2 HOH 35 135 17  HOH HOH A . 
C 2 HOH 36 136 90  HOH HOH A . 
C 2 HOH 37 137 24  HOH HOH A . 
C 2 HOH 38 138 63  HOH HOH A . 
C 2 HOH 39 139 35  HOH HOH A . 
C 2 HOH 40 140 38  HOH HOH A . 
C 2 HOH 41 141 111 HOH HOH A . 
C 2 HOH 42 142 73  HOH HOH A . 
C 2 HOH 43 143 57  HOH HOH A . 
C 2 HOH 44 144 20  HOH HOH A . 
C 2 HOH 45 145 27  HOH HOH A . 
C 2 HOH 46 146 62  HOH HOH A . 
C 2 HOH 47 147 51  HOH HOH A . 
C 2 HOH 48 148 45  HOH HOH A . 
C 2 HOH 49 149 81  HOH HOH A . 
C 2 HOH 50 150 42  HOH HOH A . 
C 2 HOH 51 151 68  HOH HOH A . 
C 2 HOH 52 152 65  HOH HOH A . 
C 2 HOH 53 153 86  HOH HOH A . 
C 2 HOH 54 154 105 HOH HOH A . 
C 2 HOH 55 155 96  HOH HOH A . 
C 2 HOH 56 156 74  HOH HOH A . 
C 2 HOH 57 157 75  HOH HOH A . 
C 2 HOH 58 158 60  HOH HOH A . 
C 2 HOH 59 159 58  HOH HOH A . 
C 2 HOH 60 160 67  HOH HOH A . 
C 2 HOH 61 161 78  HOH HOH A . 
C 2 HOH 62 162 82  HOH HOH A . 
C 2 HOH 63 163 37  HOH HOH A . 
C 2 HOH 64 164 25  HOH HOH A . 
C 2 HOH 65 165 92  HOH HOH A . 
C 2 HOH 66 166 14  HOH HOH A . 
C 2 HOH 67 167 66  HOH HOH A . 
C 2 HOH 68 168 110 HOH HOH A . 
C 2 HOH 69 169 41  HOH HOH A . 
C 2 HOH 70 170 99  HOH HOH A . 
C 2 HOH 71 171 49  HOH HOH A . 
D 2 HOH 1  101 109 HOH HOH B . 
D 2 HOH 2  102 102 HOH HOH B . 
D 2 HOH 3  103 48  HOH HOH B . 
D 2 HOH 4  104 6   HOH HOH B . 
D 2 HOH 5  105 83  HOH HOH B . 
D 2 HOH 6  106 80  HOH HOH B . 
D 2 HOH 7  107 100 HOH HOH B . 
D 2 HOH 8  108 89  HOH HOH B . 
D 2 HOH 9  109 55  HOH HOH B . 
D 2 HOH 10 110 11  HOH HOH B . 
D 2 HOH 11 111 34  HOH HOH B . 
D 2 HOH 12 112 61  HOH HOH B . 
D 2 HOH 13 113 87  HOH HOH B . 
D 2 HOH 14 114 98  HOH HOH B . 
D 2 HOH 15 115 23  HOH HOH B . 
D 2 HOH 16 116 22  HOH HOH B . 
D 2 HOH 17 117 106 HOH HOH B . 
D 2 HOH 18 118 97  HOH HOH B . 
D 2 HOH 19 119 77  HOH HOH B . 
D 2 HOH 20 120 12  HOH HOH B . 
D 2 HOH 21 121 52  HOH HOH B . 
D 2 HOH 22 122 13  HOH HOH B . 
D 2 HOH 23 123 28  HOH HOH B . 
D 2 HOH 24 124 33  HOH HOH B . 
D 2 HOH 25 125 46  HOH HOH B . 
D 2 HOH 26 126 7   HOH HOH B . 
D 2 HOH 27 127 85  HOH HOH B . 
D 2 HOH 28 128 72  HOH HOH B . 
D 2 HOH 29 129 56  HOH HOH B . 
D 2 HOH 30 130 84  HOH HOH B . 
D 2 HOH 31 131 40  HOH HOH B . 
D 2 HOH 32 132 91  HOH HOH B . 
D 2 HOH 33 133 103 HOH HOH B . 
D 2 HOH 34 134 59  HOH HOH B . 
D 2 HOH 35 135 101 HOH HOH B . 
D 2 HOH 36 136 39  HOH HOH B . 
# 
loop_
_software.citation_id 
_software.classification 
_software.compiler_name 
_software.compiler_version 
_software.contact_author 
_software.contact_author_email 
_software.date 
_software.description 
_software.dependencies 
_software.hardware 
_software.language 
_software.location 
_software.mods 
_software.name 
_software.os 
_software.os_version 
_software.type 
_software.version 
_software.pdbx_ordinal 
? refinement       ? ? ? ? ? ? ? ? ? ? ? PHENIX ? ? ? '(1.14_3260: ???)' 1 
? 'data reduction' ? ? ? ? ? ? ? ? ? ? ? XDS    ? ? ? .                  2 
? 'data scaling'   ? ? ? ? ? ? ? ? ? ? ? XDS    ? ? ? .                  3 
? phasing          ? ? ? ? ? ? ? ? ? ? ? PHENIX ? ? ? .                  4 
# 
_cell.angle_alpha                  90.00 
_cell.angle_alpha_esd              ? 
_cell.angle_beta                   90.00 
_cell.angle_beta_esd               ? 
_cell.angle_gamma                  90.00 
_cell.angle_gamma_esd              ? 
_cell.entry_id                     8JVZ 
_cell.details                      ? 
_cell.formula_units_Z              ? 
_cell.length_a                     90.182 
_cell.length_a_esd                 ? 
_cell.length_b                     28.280 
_cell.length_b_esd                 ? 
_cell.length_c                     38.768 
_cell.length_c_esd                 ? 
_cell.volume                       ? 
_cell.volume_esd                   ? 
_cell.Z_PDB                        8 
_cell.reciprocal_angle_alpha       ? 
_cell.reciprocal_angle_beta        ? 
_cell.reciprocal_angle_gamma       ? 
_cell.reciprocal_angle_alpha_esd   ? 
_cell.reciprocal_angle_beta_esd    ? 
_cell.reciprocal_angle_gamma_esd   ? 
_cell.reciprocal_length_a          ? 
_cell.reciprocal_length_b          ? 
_cell.reciprocal_length_c          ? 
_cell.reciprocal_length_a_esd      ? 
_cell.reciprocal_length_b_esd      ? 
_cell.reciprocal_length_c_esd      ? 
_cell.pdbx_unique_axis             ? 
_cell.pdbx_esd_method              ? 
# 
_symmetry.entry_id                         8JVZ 
_symmetry.cell_setting                     ? 
_symmetry.Int_Tables_number                18 
_symmetry.space_group_name_Hall            ? 
_symmetry.space_group_name_H-M             'P 21 21 2' 
_symmetry.pdbx_full_space_group_name_H-M   ? 
# 
_exptl.absorpt_coefficient_mu     ? 
_exptl.absorpt_correction_T_max   ? 
_exptl.absorpt_correction_T_min   ? 
_exptl.absorpt_correction_type    ? 
_exptl.absorpt_process_details    ? 
_exptl.entry_id                   8JVZ 
_exptl.crystals_number            1 
_exptl.details                    ? 
_exptl.method                     'X-RAY DIFFRACTION' 
_exptl.method_details             ? 
# 
_exptl_crystal.colour                       ? 
_exptl_crystal.density_diffrn               ? 
_exptl_crystal.density_Matthews             2.13 
_exptl_crystal.density_method               ? 
_exptl_crystal.density_percent_sol          42.30 
_exptl_crystal.description                  ? 
_exptl_crystal.F_000                        ? 
_exptl_crystal.id                           1 
_exptl_crystal.preparation                  ? 
_exptl_crystal.size_max                     ? 
_exptl_crystal.size_mid                     ? 
_exptl_crystal.size_min                     ? 
_exptl_crystal.size_rad                     ? 
_exptl_crystal.colour_lustre                ? 
_exptl_crystal.colour_modifier              ? 
_exptl_crystal.colour_primary               ? 
_exptl_crystal.density_meas                 ? 
_exptl_crystal.density_meas_esd             ? 
_exptl_crystal.density_meas_gt              ? 
_exptl_crystal.density_meas_lt              ? 
_exptl_crystal.density_meas_temp            ? 
_exptl_crystal.density_meas_temp_esd        ? 
_exptl_crystal.density_meas_temp_gt         ? 
_exptl_crystal.density_meas_temp_lt         ? 
_exptl_crystal.pdbx_crystal_image_url       ? 
_exptl_crystal.pdbx_crystal_image_format    ? 
_exptl_crystal.pdbx_mosaicity               ? 
_exptl_crystal.pdbx_mosaicity_esd           ? 
_exptl_crystal.pdbx_mosaic_method           ? 
_exptl_crystal.pdbx_mosaic_block_size       ? 
_exptl_crystal.pdbx_mosaic_block_size_esd   ? 
# 
_exptl_crystal_grow.apparatus       ? 
_exptl_crystal_grow.atmosphere      ? 
_exptl_crystal_grow.crystal_id      1 
_exptl_crystal_grow.details         ? 
_exptl_crystal_grow.method          'VAPOR DIFFUSION, SITTING DROP' 
_exptl_crystal_grow.method_ref      ? 
_exptl_crystal_grow.pH              ? 
_exptl_crystal_grow.pressure        ? 
_exptl_crystal_grow.pressure_esd    ? 
_exptl_crystal_grow.seeding         ? 
_exptl_crystal_grow.seeding_ref     ? 
_exptl_crystal_grow.temp_details    ? 
_exptl_crystal_grow.temp_esd        ? 
_exptl_crystal_grow.time            ? 
_exptl_crystal_grow.pdbx_details    '30% 2-propanol, 100mM Tris-HCl pH8.5, 30% PEG 3350' 
_exptl_crystal_grow.pdbx_pH_range   ? 
_exptl_crystal_grow.temp            293 
# 
_diffrn.ambient_environment              ? 
_diffrn.ambient_temp                     100 
_diffrn.ambient_temp_details             ? 
_diffrn.ambient_temp_esd                 ? 
_diffrn.crystal_id                       1 
_diffrn.crystal_support                  ? 
_diffrn.crystal_treatment                ? 
_diffrn.details                          ? 
_diffrn.id                               1 
_diffrn.ambient_pressure                 ? 
_diffrn.ambient_pressure_esd             ? 
_diffrn.ambient_pressure_gt              ? 
_diffrn.ambient_pressure_lt              ? 
_diffrn.ambient_temp_gt                  ? 
_diffrn.ambient_temp_lt                  ? 
_diffrn.pdbx_serial_crystal_experiment   N 
# 
_diffrn_detector.details                      ? 
_diffrn_detector.detector                     PIXEL 
_diffrn_detector.diffrn_id                    1 
_diffrn_detector.type                         'DECTRIS PILATUS 6M' 
_diffrn_detector.area_resol_mean              ? 
_diffrn_detector.dtime                        ? 
_diffrn_detector.pdbx_frames_total            ? 
_diffrn_detector.pdbx_collection_time_total   ? 
_diffrn_detector.pdbx_collection_date         2022-10-12 
_diffrn_detector.pdbx_frequency               ? 
_diffrn_detector.id                           ? 
_diffrn_detector.number_of_axes               ? 
# 
_diffrn_radiation.collimation                      ? 
_diffrn_radiation.diffrn_id                        1 
_diffrn_radiation.filter_edge                      ? 
_diffrn_radiation.inhomogeneity                    ? 
_diffrn_radiation.monochromator                    ? 
_diffrn_radiation.polarisn_norm                    ? 
_diffrn_radiation.polarisn_ratio                   ? 
_diffrn_radiation.probe                            ? 
_diffrn_radiation.type                             ? 
_diffrn_radiation.xray_symbol                      ? 
_diffrn_radiation.wavelength_id                    1 
_diffrn_radiation.pdbx_monochromatic_or_laue_m_l   M 
_diffrn_radiation.pdbx_wavelength_list             ? 
_diffrn_radiation.pdbx_wavelength                  ? 
_diffrn_radiation.pdbx_diffrn_protocol             'SINGLE WAVELENGTH' 
_diffrn_radiation.pdbx_analyzer                    ? 
_diffrn_radiation.pdbx_scattering_type             x-ray 
# 
_diffrn_radiation_wavelength.id           1 
_diffrn_radiation_wavelength.wavelength   1 
_diffrn_radiation_wavelength.wt           1.0 
# 
_diffrn_source.current                     ? 
_diffrn_source.details                     ? 
_diffrn_source.diffrn_id                   1 
_diffrn_source.power                       ? 
_diffrn_source.size                        ? 
_diffrn_source.source                      SYNCHROTRON 
_diffrn_source.target                      ? 
_diffrn_source.type                        'PHOTON FACTORY BEAMLINE BL-5A' 
_diffrn_source.voltage                     ? 
_diffrn_source.take-off_angle              ? 
_diffrn_source.pdbx_wavelength_list        1 
_diffrn_source.pdbx_wavelength             ? 
_diffrn_source.pdbx_synchrotron_beamline   BL-5A 
_diffrn_source.pdbx_synchrotron_site       'Photon Factory' 
# 
_reflns.B_iso_Wilson_estimate                          ? 
_reflns.entry_id                                       8JVZ 
_reflns.data_reduction_details                         ? 
_reflns.data_reduction_method                          ? 
_reflns.d_resolution_high                              1.892 
_reflns.d_resolution_low                               50 
_reflns.details                                        ? 
_reflns.limit_h_max                                    ? 
_reflns.limit_h_min                                    ? 
_reflns.limit_k_max                                    ? 
_reflns.limit_k_min                                    ? 
_reflns.limit_l_max                                    ? 
_reflns.limit_l_min                                    ? 
_reflns.number_all                                     ? 
_reflns.number_obs                                     15179 
_reflns.observed_criterion                             ? 
_reflns.observed_criterion_F_max                       ? 
_reflns.observed_criterion_F_min                       ? 
_reflns.observed_criterion_I_max                       ? 
_reflns.observed_criterion_I_min                       ? 
_reflns.observed_criterion_sigma_F                     ? 
_reflns.observed_criterion_sigma_I                     ? 
_reflns.percent_possible_obs                           99.2 
_reflns.R_free_details                                 ? 
_reflns.Rmerge_F_all                                   ? 
_reflns.Rmerge_F_obs                                   ? 
_reflns.Friedel_coverage                               ? 
_reflns.number_gt                                      ? 
_reflns.threshold_expression                           ? 
_reflns.pdbx_redundancy                                3.4 
_reflns.pdbx_netI_over_av_sigmaI                       ? 
_reflns.pdbx_netI_over_sigmaI                          9.97 
_reflns.pdbx_res_netI_over_av_sigmaI_2                 ? 
_reflns.pdbx_res_netI_over_sigmaI_2                    ? 
_reflns.pdbx_chi_squared                               ? 
_reflns.pdbx_scaling_rejects                           ? 
_reflns.pdbx_d_res_high_opt                            ? 
_reflns.pdbx_d_res_low_opt                             ? 
_reflns.pdbx_d_res_opt_method                          ? 
_reflns.phase_calculation_details                      ? 
_reflns.pdbx_Rrim_I_all                                ? 
_reflns.pdbx_Rpim_I_all                                ? 
_reflns.pdbx_d_opt                                     ? 
_reflns.pdbx_number_measured_all                       ? 
_reflns.pdbx_diffrn_id                                 1 
_reflns.pdbx_ordinal                                   1 
_reflns.pdbx_CC_half                                   0.99 
_reflns.pdbx_CC_star                                   ? 
_reflns.pdbx_R_split                                   ? 
_reflns.pdbx_Rmerge_I_obs                              ? 
_reflns.pdbx_Rmerge_I_all                              ? 
_reflns.pdbx_Rsym_value                                ? 
_reflns.pdbx_CC_split_method                           ? 
_reflns.pdbx_aniso_diffraction_limit_axis_1_ortho[1]   ? 
_reflns.pdbx_aniso_diffraction_limit_axis_1_ortho[2]   ? 
_reflns.pdbx_aniso_diffraction_limit_axis_1_ortho[3]   ? 
_reflns.pdbx_aniso_diffraction_limit_axis_2_ortho[1]   ? 
_reflns.pdbx_aniso_diffraction_limit_axis_2_ortho[2]   ? 
_reflns.pdbx_aniso_diffraction_limit_axis_2_ortho[3]   ? 
_reflns.pdbx_aniso_diffraction_limit_axis_3_ortho[1]   ? 
_reflns.pdbx_aniso_diffraction_limit_axis_3_ortho[2]   ? 
_reflns.pdbx_aniso_diffraction_limit_axis_3_ortho[3]   ? 
_reflns.pdbx_aniso_diffraction_limit_1                 ? 
_reflns.pdbx_aniso_diffraction_limit_2                 ? 
_reflns.pdbx_aniso_diffraction_limit_3                 ? 
_reflns.pdbx_aniso_B_tensor_eigenvector_1_ortho[1]     ? 
_reflns.pdbx_aniso_B_tensor_eigenvector_1_ortho[2]     ? 
_reflns.pdbx_aniso_B_tensor_eigenvector_1_ortho[3]     ? 
_reflns.pdbx_aniso_B_tensor_eigenvector_2_ortho[1]     ? 
_reflns.pdbx_aniso_B_tensor_eigenvector_2_ortho[2]     ? 
_reflns.pdbx_aniso_B_tensor_eigenvector_2_ortho[3]     ? 
_reflns.pdbx_aniso_B_tensor_eigenvector_3_ortho[1]     ? 
_reflns.pdbx_aniso_B_tensor_eigenvector_3_ortho[2]     ? 
_reflns.pdbx_aniso_B_tensor_eigenvector_3_ortho[3]     ? 
_reflns.pdbx_aniso_B_tensor_eigenvalue_1               ? 
_reflns.pdbx_aniso_B_tensor_eigenvalue_2               ? 
_reflns.pdbx_aniso_B_tensor_eigenvalue_3               ? 
_reflns.pdbx_orthogonalization_convention              ? 
_reflns.pdbx_percent_possible_ellipsoidal              ? 
_reflns.pdbx_percent_possible_spherical                ? 
_reflns.pdbx_percent_possible_ellipsoidal_anomalous    ? 
_reflns.pdbx_percent_possible_spherical_anomalous      ? 
_reflns.pdbx_redundancy_anomalous                      ? 
_reflns.pdbx_CC_half_anomalous                         ? 
_reflns.pdbx_absDiff_over_sigma_anomalous              ? 
_reflns.pdbx_percent_possible_anomalous                ? 
_reflns.pdbx_observed_signal_threshold                 ? 
_reflns.pdbx_signal_type                               ? 
_reflns.pdbx_signal_details                            ? 
_reflns.pdbx_signal_software_id                        ? 
# 
_reflns_shell.d_res_high                                    1.892 
_reflns_shell.d_res_low                                     2 
_reflns_shell.meanI_over_sigI_all                           ? 
_reflns_shell.meanI_over_sigI_obs                           ? 
_reflns_shell.number_measured_all                           ? 
_reflns_shell.number_measured_obs                           ? 
_reflns_shell.number_possible                               ? 
_reflns_shell.number_unique_all                             ? 
_reflns_shell.number_unique_obs                             2445 
_reflns_shell.percent_possible_obs                          ? 
_reflns_shell.Rmerge_F_all                                  ? 
_reflns_shell.Rmerge_F_obs                                  ? 
_reflns_shell.meanI_over_sigI_gt                            ? 
_reflns_shell.meanI_over_uI_all                             ? 
_reflns_shell.meanI_over_uI_gt                              ? 
_reflns_shell.number_measured_gt                            ? 
_reflns_shell.number_unique_gt                              ? 
_reflns_shell.percent_possible_gt                           ? 
_reflns_shell.Rmerge_F_gt                                   ? 
_reflns_shell.Rmerge_I_gt                                   ? 
_reflns_shell.pdbx_redundancy                               ? 
_reflns_shell.pdbx_chi_squared                              ? 
_reflns_shell.pdbx_netI_over_sigmaI_all                     ? 
_reflns_shell.pdbx_netI_over_sigmaI_obs                     ? 
_reflns_shell.pdbx_Rrim_I_all                               ? 
_reflns_shell.pdbx_Rpim_I_all                               ? 
_reflns_shell.pdbx_rejects                                  ? 
_reflns_shell.pdbx_ordinal                                  1 
_reflns_shell.pdbx_diffrn_id                                1 
_reflns_shell.pdbx_CC_half                                  0.70 
_reflns_shell.pdbx_CC_star                                  ? 
_reflns_shell.pdbx_R_split                                  ? 
_reflns_shell.percent_possible_all                          ? 
_reflns_shell.Rmerge_I_all                                  ? 
_reflns_shell.Rmerge_I_obs                                  ? 
_reflns_shell.pdbx_Rsym_value                               ? 
_reflns_shell.pdbx_percent_possible_ellipsoidal             ? 
_reflns_shell.pdbx_percent_possible_spherical               ? 
_reflns_shell.pdbx_percent_possible_ellipsoidal_anomalous   ? 
_reflns_shell.pdbx_percent_possible_spherical_anomalous     ? 
_reflns_shell.pdbx_redundancy_anomalous                     ? 
_reflns_shell.pdbx_CC_half_anomalous                        ? 
_reflns_shell.pdbx_absDiff_over_sigma_anomalous             ? 
_reflns_shell.pdbx_percent_possible_anomalous               ? 
# 
_refine.aniso_B[1][1]                            ? 
_refine.aniso_B[1][2]                            ? 
_refine.aniso_B[1][3]                            ? 
_refine.aniso_B[2][2]                            ? 
_refine.aniso_B[2][3]                            ? 
_refine.aniso_B[3][3]                            ? 
_refine.B_iso_max                                ? 
_refine.B_iso_mean                               ? 
_refine.B_iso_min                                ? 
_refine.correlation_coeff_Fo_to_Fc               ? 
_refine.correlation_coeff_Fo_to_Fc_free          ? 
_refine.details                                  ? 
_refine.diff_density_max                         ? 
_refine.diff_density_max_esd                     ? 
_refine.diff_density_min                         ? 
_refine.diff_density_min_esd                     ? 
_refine.diff_density_rms                         ? 
_refine.diff_density_rms_esd                     ? 
_refine.entry_id                                 8JVZ 
_refine.pdbx_refine_id                           'X-RAY DIFFRACTION' 
_refine.ls_abs_structure_details                 ? 
_refine.ls_abs_structure_Flack                   ? 
_refine.ls_abs_structure_Flack_esd               ? 
_refine.ls_abs_structure_Rogers                  ? 
_refine.ls_abs_structure_Rogers_esd              ? 
_refine.ls_d_res_high                            1.892 
_refine.ls_d_res_low                             38.768 
_refine.ls_extinction_coef                       ? 
_refine.ls_extinction_coef_esd                   ? 
_refine.ls_extinction_expression                 ? 
_refine.ls_extinction_method                     ? 
_refine.ls_goodness_of_fit_all                   ? 
_refine.ls_goodness_of_fit_all_esd               ? 
_refine.ls_goodness_of_fit_obs                   ? 
_refine.ls_goodness_of_fit_obs_esd               ? 
_refine.ls_hydrogen_treatment                    ? 
_refine.ls_matrix_type                           ? 
_refine.ls_number_constraints                    ? 
_refine.ls_number_parameters                     ? 
_refine.ls_number_reflns_all                     ? 
_refine.ls_number_reflns_obs                     15178 
_refine.ls_number_reflns_R_free                  1517 
_refine.ls_number_reflns_R_work                  ? 
_refine.ls_number_restraints                     ? 
_refine.ls_percent_reflns_obs                    99.25 
_refine.ls_percent_reflns_R_free                 9.99 
_refine.ls_R_factor_all                          ? 
_refine.ls_R_factor_obs                          0.2205 
_refine.ls_R_factor_R_free                       0.2347 
_refine.ls_R_factor_R_free_error                 ? 
_refine.ls_R_factor_R_free_error_details         ? 
_refine.ls_R_factor_R_work                       0.2188 
_refine.ls_R_Fsqd_factor_obs                     ? 
_refine.ls_R_I_factor_obs                        ? 
_refine.ls_redundancy_reflns_all                 ? 
_refine.ls_redundancy_reflns_obs                 ? 
_refine.ls_restrained_S_all                      ? 
_refine.ls_restrained_S_obs                      ? 
_refine.ls_shift_over_esd_max                    ? 
_refine.ls_shift_over_esd_mean                   ? 
_refine.ls_structure_factor_coef                 ? 
_refine.ls_weighting_details                     ? 
_refine.ls_weighting_scheme                      ? 
_refine.ls_wR_factor_all                         ? 
_refine.ls_wR_factor_obs                         ? 
_refine.ls_wR_factor_R_free                      ? 
_refine.ls_wR_factor_R_work                      ? 
_refine.occupancy_max                            ? 
_refine.occupancy_min                            ? 
_refine.solvent_model_details                    'FLAT BULK SOLVENT MODEL' 
_refine.solvent_model_param_bsol                 ? 
_refine.solvent_model_param_ksol                 ? 
_refine.pdbx_R_complete                          ? 
_refine.ls_R_factor_gt                           ? 
_refine.ls_goodness_of_fit_gt                    ? 
_refine.ls_goodness_of_fit_ref                   ? 
_refine.ls_shift_over_su_max                     ? 
_refine.ls_shift_over_su_max_lt                  ? 
_refine.ls_shift_over_su_mean                    ? 
_refine.ls_shift_over_su_mean_lt                 ? 
_refine.pdbx_ls_sigma_I                          ? 
_refine.pdbx_ls_sigma_F                          1.36 
_refine.pdbx_ls_sigma_Fsqd                       ? 
_refine.pdbx_data_cutoff_high_absF               ? 
_refine.pdbx_data_cutoff_high_rms_absF           ? 
_refine.pdbx_data_cutoff_low_absF                ? 
_refine.pdbx_isotropic_thermal_model             ? 
_refine.pdbx_ls_cross_valid_method               'FREE R-VALUE' 
_refine.pdbx_method_to_determine_struct          'MOLECULAR REPLACEMENT' 
_refine.pdbx_starting_model                      ? 
_refine.pdbx_stereochemistry_target_values       ML 
_refine.pdbx_R_Free_selection_details            ? 
_refine.pdbx_stereochem_target_val_spec_case     ? 
_refine.pdbx_overall_ESU_R                       ? 
_refine.pdbx_overall_ESU_R_Free                  ? 
_refine.pdbx_solvent_vdw_probe_radii             1.11 
_refine.pdbx_solvent_ion_probe_radii             ? 
_refine.pdbx_solvent_shrinkage_radii             0.90 
_refine.pdbx_real_space_R                        ? 
_refine.pdbx_density_correlation                 ? 
_refine.pdbx_pd_number_of_powder_patterns        ? 
_refine.pdbx_pd_number_of_points                 ? 
_refine.pdbx_pd_meas_number_of_points            ? 
_refine.pdbx_pd_proc_ls_prof_R_factor            ? 
_refine.pdbx_pd_proc_ls_prof_wR_factor           ? 
_refine.pdbx_pd_Marquardt_correlation_coeff      ? 
_refine.pdbx_pd_Fsqrd_R_factor                   ? 
_refine.pdbx_pd_ls_matrix_band_width             ? 
_refine.pdbx_overall_phase_error                 23.73 
_refine.pdbx_overall_SU_R_free_Cruickshank_DPI   ? 
_refine.pdbx_overall_SU_R_free_Blow_DPI          ? 
_refine.pdbx_overall_SU_R_Blow_DPI               ? 
_refine.pdbx_TLS_residual_ADP_flag               ? 
_refine.pdbx_diffrn_id                           1 
_refine.overall_SU_B                             ? 
_refine.overall_SU_ML                            0.17 
_refine.overall_SU_R_Cruickshank_DPI             ? 
_refine.overall_SU_R_free                        ? 
_refine.overall_FOM_free_R_set                   ? 
_refine.overall_FOM_work_R_set                   ? 
_refine.pdbx_average_fsc_overall                 ? 
_refine.pdbx_average_fsc_work                    ? 
_refine.pdbx_average_fsc_free                    ? 
# 
_refine_hist.pdbx_refine_id                   'X-RAY DIFFRACTION' 
_refine_hist.cycle_id                         LAST 
_refine_hist.details                          ? 
_refine_hist.d_res_high                       1.892 
_refine_hist.d_res_low                        38.768 
_refine_hist.number_atoms_solvent             107 
_refine_hist.number_atoms_total               881 
_refine_hist.number_reflns_all                ? 
_refine_hist.number_reflns_obs                ? 
_refine_hist.number_reflns_R_free             ? 
_refine_hist.number_reflns_R_work             ? 
_refine_hist.R_factor_all                     ? 
_refine_hist.R_factor_obs                     ? 
_refine_hist.R_factor_R_free                  ? 
_refine_hist.R_factor_R_work                  ? 
_refine_hist.pdbx_number_residues_total       ? 
_refine_hist.pdbx_B_iso_mean_ligand           ? 
_refine_hist.pdbx_B_iso_mean_solvent          ? 
_refine_hist.pdbx_number_atoms_protein        774 
_refine_hist.pdbx_number_atoms_nucleic_acid   0 
_refine_hist.pdbx_number_atoms_ligand         0 
_refine_hist.pdbx_number_atoms_lipid          ? 
_refine_hist.pdbx_number_atoms_carb           ? 
_refine_hist.pdbx_pseudo_atom_details         ? 
# 
loop_
_refine_ls_restr.pdbx_refine_id 
_refine_ls_restr.criterion 
_refine_ls_restr.dev_ideal 
_refine_ls_restr.dev_ideal_target 
_refine_ls_restr.number 
_refine_ls_restr.rejects 
_refine_ls_restr.type 
_refine_ls_restr.weight 
_refine_ls_restr.pdbx_restraint_function 
'X-RAY DIFFRACTION' ? 0.013  ? 782  ? f_bond_d           ? ? 
'X-RAY DIFFRACTION' ? 1.478  ? 1054 ? f_angle_d          ? ? 
'X-RAY DIFFRACTION' ? 28.970 ? 308  ? f_dihedral_angle_d ? ? 
'X-RAY DIFFRACTION' ? 0.463  ? 126  ? f_chiral_restr     ? ? 
'X-RAY DIFFRACTION' ? 0.006  ? 138  ? f_plane_restr      ? ? 
# 
loop_
_refine_ls_shell.pdbx_refine_id 
_refine_ls_shell.d_res_high 
_refine_ls_shell.d_res_low 
_refine_ls_shell.number_reflns_all 
_refine_ls_shell.number_reflns_obs 
_refine_ls_shell.number_reflns_R_free 
_refine_ls_shell.number_reflns_R_work 
_refine_ls_shell.percent_reflns_obs 
_refine_ls_shell.percent_reflns_R_free 
_refine_ls_shell.R_factor_all 
_refine_ls_shell.R_factor_obs 
_refine_ls_shell.R_factor_R_free_error 
_refine_ls_shell.R_factor_R_work 
_refine_ls_shell.redundancy_reflns_all 
_refine_ls_shell.redundancy_reflns_obs 
_refine_ls_shell.wR_factor_all 
_refine_ls_shell.wR_factor_obs 
_refine_ls_shell.wR_factor_R_free 
_refine_ls_shell.wR_factor_R_work 
_refine_ls_shell.pdbx_R_complete 
_refine_ls_shell.pdbx_total_number_of_bins_used 
_refine_ls_shell.pdbx_phase_error 
_refine_ls_shell.pdbx_fsc_work 
_refine_ls_shell.pdbx_fsc_free 
_refine_ls_shell.R_factor_R_free 
'X-RAY DIFFRACTION' 1.8924 1.9535 . . 135 1193 97.00  . . . . 0.3036 . . . . . . . . . . . 0.3023 
'X-RAY DIFFRACTION' 1.9535 2.0233 . . 144 1300 100.00 . . . . 0.2601 . . . . . . . . . . . 0.2602 
'X-RAY DIFFRACTION' 2.0233 2.1043 . . 130 1201 100.00 . . . . 0.2547 . . . . . . . . . . . 0.2961 
'X-RAY DIFFRACTION' 2.1043 2.2000 . . 139 1267 100.00 . . . . 0.2347 . . . . . . . . . . . 0.2537 
'X-RAY DIFFRACTION' 2.2000 2.3160 . . 140 1232 99.00  . . . . 0.2504 . . . . . . . . . . . 0.3353 
'X-RAY DIFFRACTION' 2.3160 2.4611 . . 135 1244 100.00 . . . . 0.2592 . . . . . . . . . . . 0.2677 
'X-RAY DIFFRACTION' 2.4611 2.6511 . . 138 1252 99.00  . . . . 0.2631 . . . . . . . . . . . 0.2920 
'X-RAY DIFFRACTION' 2.6511 2.9178 . . 141 1241 99.00  . . . . 0.2531 . . . . . . . . . . . 0.3054 
'X-RAY DIFFRACTION' 2.9178 3.3398 . . 133 1229 99.00  . . . . 0.2297 . . . . . . . . . . . 0.2276 
'X-RAY DIFFRACTION' 3.3398 4.2070 . . 145 1247 100.00 . . . . 0.1840 . . . . . . . . . . . 0.1881 
'X-RAY DIFFRACTION' 4.2070 38.768 . . 137 1255 99.00  . . . . 0.1766 . . . . . . . . . . . 0.1837 
# 
_struct.entry_id                     8JVZ 
_struct.title                        'Crystal structure of the circular-permutated protein mkaL2_v1_SH3' 
_struct.pdbx_model_details           ? 
_struct.pdbx_formula_weight          ? 
_struct.pdbx_formula_weight_method   ? 
_struct.pdbx_model_type_details      ? 
_struct.pdbx_CASP_flag               N 
# 
_struct_keywords.entry_id        8JVZ 
_struct_keywords.text            'SH3 fold, RIBOSOMAL PROTEIN' 
_struct_keywords.pdbx_keywords   'RIBOSOMAL PROTEIN' 
# 
loop_
_struct_asym.id 
_struct_asym.pdbx_blank_PDB_chainid_flag 
_struct_asym.pdbx_modified 
_struct_asym.entity_id 
_struct_asym.details 
A N N 1 ? 
B N N 1 ? 
C N N 2 ? 
D N N 2 ? 
# 
_struct_ref.id                         1 
_struct_ref.db_name                    PDB 
_struct_ref.db_code                    8JVZ 
_struct_ref.pdbx_db_accession          8JVZ 
_struct_ref.pdbx_db_isoform            ? 
_struct_ref.entity_id                  1 
_struct_ref.pdbx_seq_one_letter_code   ? 
_struct_ref.pdbx_align_begin           1 
# 
loop_
_struct_ref_seq.align_id 
_struct_ref_seq.ref_id 
_struct_ref_seq.pdbx_PDB_id_code 
_struct_ref_seq.pdbx_strand_id 
_struct_ref_seq.seq_align_beg 
_struct_ref_seq.pdbx_seq_align_beg_ins_code 
_struct_ref_seq.seq_align_end 
_struct_ref_seq.pdbx_seq_align_end_ins_code 
_struct_ref_seq.pdbx_db_accession 
_struct_ref_seq.db_align_beg 
_struct_ref_seq.pdbx_db_align_beg_ins_code 
_struct_ref_seq.db_align_end 
_struct_ref_seq.pdbx_db_align_end_ins_code 
_struct_ref_seq.pdbx_auth_seq_align_beg 
_struct_ref_seq.pdbx_auth_seq_align_end 
1 1 8JVZ A 1 ? 53 ? 8JVZ 1 ? 53 ? 1 53 
2 1 8JVZ B 1 ? 53 ? 8JVZ 1 ? 53 ? 1 53 
# 
loop_
_pdbx_struct_assembly.id 
_pdbx_struct_assembly.details 
_pdbx_struct_assembly.method_details 
_pdbx_struct_assembly.oligomeric_details 
_pdbx_struct_assembly.oligomeric_count 
1 author_defined_assembly ? monomeric 1 
2 author_defined_assembly ? monomeric 1 
# 
loop_
_pdbx_struct_assembly_gen.assembly_id 
_pdbx_struct_assembly_gen.oper_expression 
_pdbx_struct_assembly_gen.asym_id_list 
1 1 A,C 
2 1 B,D 
# 
_pdbx_struct_assembly_auth_evidence.id                     1 
_pdbx_struct_assembly_auth_evidence.assembly_id            1 
_pdbx_struct_assembly_auth_evidence.experimental_support   'gel filtration' 
_pdbx_struct_assembly_auth_evidence.details                ? 
# 
_pdbx_struct_oper_list.id                   1 
_pdbx_struct_oper_list.type                 'identity operation' 
_pdbx_struct_oper_list.name                 1_555 
_pdbx_struct_oper_list.symmetry_operation   x,y,z 
_pdbx_struct_oper_list.matrix[1][1]         1.0000000000 
_pdbx_struct_oper_list.matrix[1][2]         0.0000000000 
_pdbx_struct_oper_list.matrix[1][3]         0.0000000000 
_pdbx_struct_oper_list.vector[1]            0.0000000000 
_pdbx_struct_oper_list.matrix[2][1]         0.0000000000 
_pdbx_struct_oper_list.matrix[2][2]         1.0000000000 
_pdbx_struct_oper_list.matrix[2][3]         0.0000000000 
_pdbx_struct_oper_list.vector[2]            0.0000000000 
_pdbx_struct_oper_list.matrix[3][1]         0.0000000000 
_pdbx_struct_oper_list.matrix[3][2]         0.0000000000 
_pdbx_struct_oper_list.matrix[3][3]         1.0000000000 
_pdbx_struct_oper_list.vector[3]            0.0000000000 
# 
loop_
_struct_sheet.id 
_struct_sheet.type 
_struct_sheet.number_strands 
_struct_sheet.details 
AA1 ? 4 ? 
AA2 ? 4 ? 
# 
loop_
_struct_sheet_order.sheet_id 
_struct_sheet_order.range_id_1 
_struct_sheet_order.range_id_2 
_struct_sheet_order.offset 
_struct_sheet_order.sense 
AA1 1 2 ? anti-parallel 
AA1 2 3 ? anti-parallel 
AA1 3 4 ? anti-parallel 
AA2 1 2 ? anti-parallel 
AA2 2 3 ? anti-parallel 
AA2 3 4 ? anti-parallel 
# 
loop_
_struct_sheet_range.sheet_id 
_struct_sheet_range.id 
_struct_sheet_range.beg_label_comp_id 
_struct_sheet_range.beg_label_asym_id 
_struct_sheet_range.beg_label_seq_id 
_struct_sheet_range.pdbx_beg_PDB_ins_code 
_struct_sheet_range.end_label_comp_id 
_struct_sheet_range.end_label_asym_id 
_struct_sheet_range.end_label_seq_id 
_struct_sheet_range.pdbx_end_PDB_ins_code 
_struct_sheet_range.beg_auth_comp_id 
_struct_sheet_range.beg_auth_asym_id 
_struct_sheet_range.beg_auth_seq_id 
_struct_sheet_range.end_auth_comp_id 
_struct_sheet_range.end_auth_asym_id 
_struct_sheet_range.end_auth_seq_id 
AA1 1 VAL A 9  ? LYS A 14 ? VAL A 9  LYS A 14 
AA1 2 LYS A 17 ? ASP A 29 ? LYS A 17 ASP A 29 
AA1 3 ALA A 34 ? PHE A 41 ? ALA A 34 PHE A 41 
AA1 4 GLU A 46 ? LEU A 50 ? GLU A 46 LEU A 50 
AA2 1 VAL B 9  ? LYS B 14 ? VAL B 9  LYS B 14 
AA2 2 LYS B 17 ? ASP B 29 ? LYS B 17 ASP B 29 
AA2 3 ALA B 34 ? ARG B 40 ? ALA B 34 ARG B 40 
AA2 4 GLU B 46 ? LEU B 50 ? GLU B 46 LEU B 50 
# 
loop_
_pdbx_struct_sheet_hbond.sheet_id 
_pdbx_struct_sheet_hbond.range_id_1 
_pdbx_struct_sheet_hbond.range_id_2 
_pdbx_struct_sheet_hbond.range_1_label_atom_id 
_pdbx_struct_sheet_hbond.range_1_label_comp_id 
_pdbx_struct_sheet_hbond.range_1_label_asym_id 
_pdbx_struct_sheet_hbond.range_1_label_seq_id 
_pdbx_struct_sheet_hbond.range_1_PDB_ins_code 
_pdbx_struct_sheet_hbond.range_1_auth_atom_id 
_pdbx_struct_sheet_hbond.range_1_auth_comp_id 
_pdbx_struct_sheet_hbond.range_1_auth_asym_id 
_pdbx_struct_sheet_hbond.range_1_auth_seq_id 
_pdbx_struct_sheet_hbond.range_2_label_atom_id 
_pdbx_struct_sheet_hbond.range_2_label_comp_id 
_pdbx_struct_sheet_hbond.range_2_label_asym_id 
_pdbx_struct_sheet_hbond.range_2_label_seq_id 
_pdbx_struct_sheet_hbond.range_2_PDB_ins_code 
_pdbx_struct_sheet_hbond.range_2_auth_atom_id 
_pdbx_struct_sheet_hbond.range_2_auth_comp_id 
_pdbx_struct_sheet_hbond.range_2_auth_asym_id 
_pdbx_struct_sheet_hbond.range_2_auth_seq_id 
AA1 1 2 N VAL A 12 ? N VAL A 12 O VAL A 19 ? O VAL A 19 
AA1 2 3 N LEU A 27 ? N LEU A 27 O VAL A 36 ? O VAL A 36 
AA1 3 4 N VAL A 39 ? N VAL A 39 O ARG A 47 ? O ARG A 47 
AA2 1 2 N VAL B 10 ? N VAL B 10 O ALA B 21 ? O ALA B 21 
AA2 2 3 N LEU B 27 ? N LEU B 27 O VAL B 36 ? O VAL B 36 
AA2 3 4 N ALA B 37 ? N ALA B 37 O ILE B 49 ? O ILE B 49 
# 
_pdbx_validate_close_contact.id               1 
_pdbx_validate_close_contact.PDB_model_num    1 
_pdbx_validate_close_contact.auth_atom_id_1   OE1 
_pdbx_validate_close_contact.auth_asym_id_1   B 
_pdbx_validate_close_contact.auth_comp_id_1   GLU 
_pdbx_validate_close_contact.auth_seq_id_1    45 
_pdbx_validate_close_contact.PDB_ins_code_1   ? 
_pdbx_validate_close_contact.label_alt_id_1   ? 
_pdbx_validate_close_contact.auth_atom_id_2   O 
_pdbx_validate_close_contact.auth_asym_id_2   B 
_pdbx_validate_close_contact.auth_comp_id_2   HOH 
_pdbx_validate_close_contact.auth_seq_id_2    101 
_pdbx_validate_close_contact.PDB_ins_code_2   ? 
_pdbx_validate_close_contact.label_alt_id_2   ? 
_pdbx_validate_close_contact.dist             2.08 
# 
_pdbx_validate_symm_contact.id                1 
_pdbx_validate_symm_contact.PDB_model_num     1 
_pdbx_validate_symm_contact.auth_atom_id_1    OE1 
_pdbx_validate_symm_contact.auth_asym_id_1    A 
_pdbx_validate_symm_contact.auth_comp_id_1    GLU 
_pdbx_validate_symm_contact.auth_seq_id_1     25 
_pdbx_validate_symm_contact.PDB_ins_code_1    ? 
_pdbx_validate_symm_contact.label_alt_id_1    ? 
_pdbx_validate_symm_contact.site_symmetry_1   1_555 
_pdbx_validate_symm_contact.auth_atom_id_2    NH2 
_pdbx_validate_symm_contact.auth_asym_id_2    B 
_pdbx_validate_symm_contact.auth_comp_id_2    ARG 
_pdbx_validate_symm_contact.auth_seq_id_2     32 
_pdbx_validate_symm_contact.PDB_ins_code_2    ? 
_pdbx_validate_symm_contact.label_alt_id_2    ? 
_pdbx_validate_symm_contact.site_symmetry_2   2_554 
_pdbx_validate_symm_contact.dist              1.95 
# 
_pdbx_struct_special_symmetry.id              1 
_pdbx_struct_special_symmetry.PDB_model_num   1 
_pdbx_struct_special_symmetry.auth_asym_id    B 
_pdbx_struct_special_symmetry.auth_comp_id    HOH 
_pdbx_struct_special_symmetry.auth_seq_id     106 
_pdbx_struct_special_symmetry.PDB_ins_code    ? 
_pdbx_struct_special_symmetry.label_asym_id   D 
_pdbx_struct_special_symmetry.label_comp_id   HOH 
_pdbx_struct_special_symmetry.label_seq_id    . 
# 
loop_
_pdbx_unobs_or_zero_occ_residues.id 
_pdbx_unobs_or_zero_occ_residues.PDB_model_num 
_pdbx_unobs_or_zero_occ_residues.polymer_flag 
_pdbx_unobs_or_zero_occ_residues.occupancy_flag 
_pdbx_unobs_or_zero_occ_residues.auth_asym_id 
_pdbx_unobs_or_zero_occ_residues.auth_comp_id 
_pdbx_unobs_or_zero_occ_residues.auth_seq_id 
_pdbx_unobs_or_zero_occ_residues.PDB_ins_code 
_pdbx_unobs_or_zero_occ_residues.label_asym_id 
_pdbx_unobs_or_zero_occ_residues.label_comp_id 
_pdbx_unobs_or_zero_occ_residues.label_seq_id 
1 1 Y 1 A GLY 1  ? A GLY 1  
2 1 Y 1 A PRO 2  ? A PRO 2  
3 1 Y 1 A GLU 53 ? A GLU 53 
4 1 Y 1 B GLY 1  ? B GLY 1  
5 1 Y 1 B PRO 2  ? B PRO 2  
6 1 Y 1 B GLU 53 ? B GLU 53 
# 
loop_
_chem_comp_atom.comp_id 
_chem_comp_atom.atom_id 
_chem_comp_atom.type_symbol 
_chem_comp_atom.pdbx_aromatic_flag 
_chem_comp_atom.pdbx_stereo_config 
_chem_comp_atom.pdbx_ordinal 
ALA N    N N N 1   
ALA CA   C N S 2   
ALA C    C N N 3   
ALA O    O N N 4   
ALA CB   C N N 5   
ALA OXT  O N N 6   
ALA H    H N N 7   
ALA H2   H N N 8   
ALA HA   H N N 9   
ALA HB1  H N N 10  
ALA HB2  H N N 11  
ALA HB3  H N N 12  
ALA HXT  H N N 13  
ARG N    N N N 14  
ARG CA   C N S 15  
ARG C    C N N 16  
ARG O    O N N 17  
ARG CB   C N N 18  
ARG CG   C N N 19  
ARG CD   C N N 20  
ARG NE   N N N 21  
ARG CZ   C N N 22  
ARG NH1  N N N 23  
ARG NH2  N N N 24  
ARG OXT  O N N 25  
ARG H    H N N 26  
ARG H2   H N N 27  
ARG HA   H N N 28  
ARG HB2  H N N 29  
ARG HB3  H N N 30  
ARG HG2  H N N 31  
ARG HG3  H N N 32  
ARG HD2  H N N 33  
ARG HD3  H N N 34  
ARG HE   H N N 35  
ARG HH11 H N N 36  
ARG HH12 H N N 37  
ARG HH21 H N N 38  
ARG HH22 H N N 39  
ARG HXT  H N N 40  
ASN N    N N N 41  
ASN CA   C N S 42  
ASN C    C N N 43  
ASN O    O N N 44  
ASN CB   C N N 45  
ASN CG   C N N 46  
ASN OD1  O N N 47  
ASN ND2  N N N 48  
ASN OXT  O N N 49  
ASN H    H N N 50  
ASN H2   H N N 51  
ASN HA   H N N 52  
ASN HB2  H N N 53  
ASN HB3  H N N 54  
ASN HD21 H N N 55  
ASN HD22 H N N 56  
ASN HXT  H N N 57  
ASP N    N N N 58  
ASP CA   C N S 59  
ASP C    C N N 60  
ASP O    O N N 61  
ASP CB   C N N 62  
ASP CG   C N N 63  
ASP OD1  O N N 64  
ASP OD2  O N N 65  
ASP OXT  O N N 66  
ASP H    H N N 67  
ASP H2   H N N 68  
ASP HA   H N N 69  
ASP HB2  H N N 70  
ASP HB3  H N N 71  
ASP HD2  H N N 72  
ASP HXT  H N N 73  
GLU N    N N N 74  
GLU CA   C N S 75  
GLU C    C N N 76  
GLU O    O N N 77  
GLU CB   C N N 78  
GLU CG   C N N 79  
GLU CD   C N N 80  
GLU OE1  O N N 81  
GLU OE2  O N N 82  
GLU OXT  O N N 83  
GLU H    H N N 84  
GLU H2   H N N 85  
GLU HA   H N N 86  
GLU HB2  H N N 87  
GLU HB3  H N N 88  
GLU HG2  H N N 89  
GLU HG3  H N N 90  
GLU HE2  H N N 91  
GLU HXT  H N N 92  
GLY N    N N N 93  
GLY CA   C N N 94  
GLY C    C N N 95  
GLY O    O N N 96  
GLY OXT  O N N 97  
GLY H    H N N 98  
GLY H2   H N N 99  
GLY HA2  H N N 100 
GLY HA3  H N N 101 
GLY HXT  H N N 102 
HIS N    N N N 103 
HIS CA   C N S 104 
HIS C    C N N 105 
HIS O    O N N 106 
HIS CB   C N N 107 
HIS CG   C Y N 108 
HIS ND1  N Y N 109 
HIS CD2  C Y N 110 
HIS CE1  C Y N 111 
HIS NE2  N Y N 112 
HIS OXT  O N N 113 
HIS H    H N N 114 
HIS H2   H N N 115 
HIS HA   H N N 116 
HIS HB2  H N N 117 
HIS HB3  H N N 118 
HIS HD1  H N N 119 
HIS HD2  H N N 120 
HIS HE1  H N N 121 
HIS HE2  H N N 122 
HIS HXT  H N N 123 
HOH O    O N N 124 
HOH H1   H N N 125 
HOH H2   H N N 126 
ILE N    N N N 127 
ILE CA   C N S 128 
ILE C    C N N 129 
ILE O    O N N 130 
ILE CB   C N S 131 
ILE CG1  C N N 132 
ILE CG2  C N N 133 
ILE CD1  C N N 134 
ILE OXT  O N N 135 
ILE H    H N N 136 
ILE H2   H N N 137 
ILE HA   H N N 138 
ILE HB   H N N 139 
ILE HG12 H N N 140 
ILE HG13 H N N 141 
ILE HG21 H N N 142 
ILE HG22 H N N 143 
ILE HG23 H N N 144 
ILE HD11 H N N 145 
ILE HD12 H N N 146 
ILE HD13 H N N 147 
ILE HXT  H N N 148 
LEU N    N N N 149 
LEU CA   C N S 150 
LEU C    C N N 151 
LEU O    O N N 152 
LEU CB   C N N 153 
LEU CG   C N N 154 
LEU CD1  C N N 155 
LEU CD2  C N N 156 
LEU OXT  O N N 157 
LEU H    H N N 158 
LEU H2   H N N 159 
LEU HA   H N N 160 
LEU HB2  H N N 161 
LEU HB3  H N N 162 
LEU HG   H N N 163 
LEU HD11 H N N 164 
LEU HD12 H N N 165 
LEU HD13 H N N 166 
LEU HD21 H N N 167 
LEU HD22 H N N 168 
LEU HD23 H N N 169 
LEU HXT  H N N 170 
LYS N    N N N 171 
LYS CA   C N S 172 
LYS C    C N N 173 
LYS O    O N N 174 
LYS CB   C N N 175 
LYS CG   C N N 176 
LYS CD   C N N 177 
LYS CE   C N N 178 
LYS NZ   N N N 179 
LYS OXT  O N N 180 
LYS H    H N N 181 
LYS H2   H N N 182 
LYS HA   H N N 183 
LYS HB2  H N N 184 
LYS HB3  H N N 185 
LYS HG2  H N N 186 
LYS HG3  H N N 187 
LYS HD2  H N N 188 
LYS HD3  H N N 189 
LYS HE2  H N N 190 
LYS HE3  H N N 191 
LYS HZ1  H N N 192 
LYS HZ2  H N N 193 
LYS HZ3  H N N 194 
LYS HXT  H N N 195 
PHE N    N N N 196 
PHE CA   C N S 197 
PHE C    C N N 198 
PHE O    O N N 199 
PHE CB   C N N 200 
PHE CG   C Y N 201 
PHE CD1  C Y N 202 
PHE CD2  C Y N 203 
PHE CE1  C Y N 204 
PHE CE2  C Y N 205 
PHE CZ   C Y N 206 
PHE OXT  O N N 207 
PHE H    H N N 208 
PHE H2   H N N 209 
PHE HA   H N N 210 
PHE HB2  H N N 211 
PHE HB3  H N N 212 
PHE HD1  H N N 213 
PHE HD2  H N N 214 
PHE HE1  H N N 215 
PHE HE2  H N N 216 
PHE HZ   H N N 217 
PHE HXT  H N N 218 
PRO N    N N N 219 
PRO CA   C N S 220 
PRO C    C N N 221 
PRO O    O N N 222 
PRO CB   C N N 223 
PRO CG   C N N 224 
PRO CD   C N N 225 
PRO OXT  O N N 226 
PRO H    H N N 227 
PRO HA   H N N 228 
PRO HB2  H N N 229 
PRO HB3  H N N 230 
PRO HG2  H N N 231 
PRO HG3  H N N 232 
PRO HD2  H N N 233 
PRO HD3  H N N 234 
PRO HXT  H N N 235 
VAL N    N N N 236 
VAL CA   C N S 237 
VAL C    C N N 238 
VAL O    O N N 239 
VAL CB   C N N 240 
VAL CG1  C N N 241 
VAL CG2  C N N 242 
VAL OXT  O N N 243 
VAL H    H N N 244 
VAL H2   H N N 245 
VAL HA   H N N 246 
VAL HB   H N N 247 
VAL HG11 H N N 248 
VAL HG12 H N N 249 
VAL HG13 H N N 250 
VAL HG21 H N N 251 
VAL HG22 H N N 252 
VAL HG23 H N N 253 
VAL HXT  H N N 254 
# 
loop_
_chem_comp_bond.comp_id 
_chem_comp_bond.atom_id_1 
_chem_comp_bond.atom_id_2 
_chem_comp_bond.value_order 
_chem_comp_bond.pdbx_aromatic_flag 
_chem_comp_bond.pdbx_stereo_config 
_chem_comp_bond.pdbx_ordinal 
ALA N   CA   sing N N 1   
ALA N   H    sing N N 2   
ALA N   H2   sing N N 3   
ALA CA  C    sing N N 4   
ALA CA  CB   sing N N 5   
ALA CA  HA   sing N N 6   
ALA C   O    doub N N 7   
ALA C   OXT  sing N N 8   
ALA CB  HB1  sing N N 9   
ALA CB  HB2  sing N N 10  
ALA CB  HB3  sing N N 11  
ALA OXT HXT  sing N N 12  
ARG N   CA   sing N N 13  
ARG N   H    sing N N 14  
ARG N   H2   sing N N 15  
ARG CA  C    sing N N 16  
ARG CA  CB   sing N N 17  
ARG CA  HA   sing N N 18  
ARG C   O    doub N N 19  
ARG C   OXT  sing N N 20  
ARG CB  CG   sing N N 21  
ARG CB  HB2  sing N N 22  
ARG CB  HB3  sing N N 23  
ARG CG  CD   sing N N 24  
ARG CG  HG2  sing N N 25  
ARG CG  HG3  sing N N 26  
ARG CD  NE   sing N N 27  
ARG CD  HD2  sing N N 28  
ARG CD  HD3  sing N N 29  
ARG NE  CZ   sing N N 30  
ARG NE  HE   sing N N 31  
ARG CZ  NH1  sing N N 32  
ARG CZ  NH2  doub N N 33  
ARG NH1 HH11 sing N N 34  
ARG NH1 HH12 sing N N 35  
ARG NH2 HH21 sing N N 36  
ARG NH2 HH22 sing N N 37  
ARG OXT HXT  sing N N 38  
ASN N   CA   sing N N 39  
ASN N   H    sing N N 40  
ASN N   H2   sing N N 41  
ASN CA  C    sing N N 42  
ASN CA  CB   sing N N 43  
ASN CA  HA   sing N N 44  
ASN C   O    doub N N 45  
ASN C   OXT  sing N N 46  
ASN CB  CG   sing N N 47  
ASN CB  HB2  sing N N 48  
ASN CB  HB3  sing N N 49  
ASN CG  OD1  doub N N 50  
ASN CG  ND2  sing N N 51  
ASN ND2 HD21 sing N N 52  
ASN ND2 HD22 sing N N 53  
ASN OXT HXT  sing N N 54  
ASP N   CA   sing N N 55  
ASP N   H    sing N N 56  
ASP N   H2   sing N N 57  
ASP CA  C    sing N N 58  
ASP CA  CB   sing N N 59  
ASP CA  HA   sing N N 60  
ASP C   O    doub N N 61  
ASP C   OXT  sing N N 62  
ASP CB  CG   sing N N 63  
ASP CB  HB2  sing N N 64  
ASP CB  HB3  sing N N 65  
ASP CG  OD1  doub N N 66  
ASP CG  OD2  sing N N 67  
ASP OD2 HD2  sing N N 68  
ASP OXT HXT  sing N N 69  
GLU N   CA   sing N N 70  
GLU N   H    sing N N 71  
GLU N   H2   sing N N 72  
GLU CA  C    sing N N 73  
GLU CA  CB   sing N N 74  
GLU CA  HA   sing N N 75  
GLU C   O    doub N N 76  
GLU C   OXT  sing N N 77  
GLU CB  CG   sing N N 78  
GLU CB  HB2  sing N N 79  
GLU CB  HB3  sing N N 80  
GLU CG  CD   sing N N 81  
GLU CG  HG2  sing N N 82  
GLU CG  HG3  sing N N 83  
GLU CD  OE1  doub N N 84  
GLU CD  OE2  sing N N 85  
GLU OE2 HE2  sing N N 86  
GLU OXT HXT  sing N N 87  
GLY N   CA   sing N N 88  
GLY N   H    sing N N 89  
GLY N   H2   sing N N 90  
GLY CA  C    sing N N 91  
GLY CA  HA2  sing N N 92  
GLY CA  HA3  sing N N 93  
GLY C   O    doub N N 94  
GLY C   OXT  sing N N 95  
GLY OXT HXT  sing N N 96  
HIS N   CA   sing N N 97  
HIS N   H    sing N N 98  
HIS N   H2   sing N N 99  
HIS CA  C    sing N N 100 
HIS CA  CB   sing N N 101 
HIS CA  HA   sing N N 102 
HIS C   O    doub N N 103 
HIS C   OXT  sing N N 104 
HIS CB  CG   sing N N 105 
HIS CB  HB2  sing N N 106 
HIS CB  HB3  sing N N 107 
HIS CG  ND1  sing Y N 108 
HIS CG  CD2  doub Y N 109 
HIS ND1 CE1  doub Y N 110 
HIS ND1 HD1  sing N N 111 
HIS CD2 NE2  sing Y N 112 
HIS CD2 HD2  sing N N 113 
HIS CE1 NE2  sing Y N 114 
HIS CE1 HE1  sing N N 115 
HIS NE2 HE2  sing N N 116 
HIS OXT HXT  sing N N 117 
HOH O   H1   sing N N 118 
HOH O   H2   sing N N 119 
ILE N   CA   sing N N 120 
ILE N   H    sing N N 121 
ILE N   H2   sing N N 122 
ILE CA  C    sing N N 123 
ILE CA  CB   sing N N 124 
ILE CA  HA   sing N N 125 
ILE C   O    doub N N 126 
ILE C   OXT  sing N N 127 
ILE CB  CG1  sing N N 128 
ILE CB  CG2  sing N N 129 
ILE CB  HB   sing N N 130 
ILE CG1 CD1  sing N N 131 
ILE CG1 HG12 sing N N 132 
ILE CG1 HG13 sing N N 133 
ILE CG2 HG21 sing N N 134 
ILE CG2 HG22 sing N N 135 
ILE CG2 HG23 sing N N 136 
ILE CD1 HD11 sing N N 137 
ILE CD1 HD12 sing N N 138 
ILE CD1 HD13 sing N N 139 
ILE OXT HXT  sing N N 140 
LEU N   CA   sing N N 141 
LEU N   H    sing N N 142 
LEU N   H2   sing N N 143 
LEU CA  C    sing N N 144 
LEU CA  CB   sing N N 145 
LEU CA  HA   sing N N 146 
LEU C   O    doub N N 147 
LEU C   OXT  sing N N 148 
LEU CB  CG   sing N N 149 
LEU CB  HB2  sing N N 150 
LEU CB  HB3  sing N N 151 
LEU CG  CD1  sing N N 152 
LEU CG  CD2  sing N N 153 
LEU CG  HG   sing N N 154 
LEU CD1 HD11 sing N N 155 
LEU CD1 HD12 sing N N 156 
LEU CD1 HD13 sing N N 157 
LEU CD2 HD21 sing N N 158 
LEU CD2 HD22 sing N N 159 
LEU CD2 HD23 sing N N 160 
LEU OXT HXT  sing N N 161 
LYS N   CA   sing N N 162 
LYS N   H    sing N N 163 
LYS N   H2   sing N N 164 
LYS CA  C    sing N N 165 
LYS CA  CB   sing N N 166 
LYS CA  HA   sing N N 167 
LYS C   O    doub N N 168 
LYS C   OXT  sing N N 169 
LYS CB  CG   sing N N 170 
LYS CB  HB2  sing N N 171 
LYS CB  HB3  sing N N 172 
LYS CG  CD   sing N N 173 
LYS CG  HG2  sing N N 174 
LYS CG  HG3  sing N N 175 
LYS CD  CE   sing N N 176 
LYS CD  HD2  sing N N 177 
LYS CD  HD3  sing N N 178 
LYS CE  NZ   sing N N 179 
LYS CE  HE2  sing N N 180 
LYS CE  HE3  sing N N 181 
LYS NZ  HZ1  sing N N 182 
LYS NZ  HZ2  sing N N 183 
LYS NZ  HZ3  sing N N 184 
LYS OXT HXT  sing N N 185 
PHE N   CA   sing N N 186 
PHE N   H    sing N N 187 
PHE N   H2   sing N N 188 
PHE CA  C    sing N N 189 
PHE CA  CB   sing N N 190 
PHE CA  HA   sing N N 191 
PHE C   O    doub N N 192 
PHE C   OXT  sing N N 193 
PHE CB  CG   sing N N 194 
PHE CB  HB2  sing N N 195 
PHE CB  HB3  sing N N 196 
PHE CG  CD1  doub Y N 197 
PHE CG  CD2  sing Y N 198 
PHE CD1 CE1  sing Y N 199 
PHE CD1 HD1  sing N N 200 
PHE CD2 CE2  doub Y N 201 
PHE CD2 HD2  sing N N 202 
PHE CE1 CZ   doub Y N 203 
PHE CE1 HE1  sing N N 204 
PHE CE2 CZ   sing Y N 205 
PHE CE2 HE2  sing N N 206 
PHE CZ  HZ   sing N N 207 
PHE OXT HXT  sing N N 208 
PRO N   CA   sing N N 209 
PRO N   CD   sing N N 210 
PRO N   H    sing N N 211 
PRO CA  C    sing N N 212 
PRO CA  CB   sing N N 213 
PRO CA  HA   sing N N 214 
PRO C   O    doub N N 215 
PRO C   OXT  sing N N 216 
PRO CB  CG   sing N N 217 
PRO CB  HB2  sing N N 218 
PRO CB  HB3  sing N N 219 
PRO CG  CD   sing N N 220 
PRO CG  HG2  sing N N 221 
PRO CG  HG3  sing N N 222 
PRO CD  HD2  sing N N 223 
PRO CD  HD3  sing N N 224 
PRO OXT HXT  sing N N 225 
VAL N   CA   sing N N 226 
VAL N   H    sing N N 227 
VAL N   H2   sing N N 228 
VAL CA  C    sing N N 229 
VAL CA  CB   sing N N 230 
VAL CA  HA   sing N N 231 
VAL C   O    doub N N 232 
VAL C   OXT  sing N N 233 
VAL CB  CG1  sing N N 234 
VAL CB  CG2  sing N N 235 
VAL CB  HB   sing N N 236 
VAL CG1 HG11 sing N N 237 
VAL CG1 HG12 sing N N 238 
VAL CG1 HG13 sing N N 239 
VAL CG2 HG21 sing N N 240 
VAL CG2 HG22 sing N N 241 
VAL CG2 HG23 sing N N 242 
VAL OXT HXT  sing N N 243 
# 
loop_
_pdbx_audit_support.funding_organization 
_pdbx_audit_support.country 
_pdbx_audit_support.grant_number 
_pdbx_audit_support.ordinal 
'Japan Society for the Promotion of Science (JSPS)' Japan 18H01328 1 
'Japan Society for the Promotion of Science (JSPS)' Japan 20K15854 2 
'Japan Society for the Promotion of Science (JSPS)' Japan 22H01346 3 
# 
_pdbx_initial_refinement_model.id               1 
_pdbx_initial_refinement_model.entity_id_list   ? 
_pdbx_initial_refinement_model.type             'experimental model' 
_pdbx_initial_refinement_model.source_name      PDB 
_pdbx_initial_refinement_model.accession_code   8JVS 
_pdbx_initial_refinement_model.details          ? 
# 
_atom_sites.entry_id                    8JVZ 
_atom_sites.Cartn_transf_matrix[1][1]   ? 
_atom_sites.Cartn_transf_matrix[1][2]   ? 
_atom_sites.Cartn_transf_matrix[1][3]   ? 
_atom_sites.Cartn_transf_matrix[2][1]   ? 
_atom_sites.Cartn_transf_matrix[2][2]   ? 
_atom_sites.Cartn_transf_matrix[2][3]   ? 
_atom_sites.Cartn_transf_matrix[3][1]   ? 
_atom_sites.Cartn_transf_matrix[3][2]   ? 
_atom_sites.Cartn_transf_matrix[3][3]   ? 
_atom_sites.Cartn_transf_vector[1]      ? 
_atom_sites.Cartn_transf_vector[2]      ? 
_atom_sites.Cartn_transf_vector[3]      ? 
_atom_sites.fract_transf_matrix[1][1]   -0.00133363 
_atom_sites.fract_transf_matrix[1][2]   0.00295030 
_atom_sites.fract_transf_matrix[1][3]   0.01060580 
_atom_sites.fract_transf_matrix[2][1]   0.01952783 
_atom_sites.fract_transf_matrix[2][2]   -0.02767587 
_atom_sites.fract_transf_matrix[2][3]   0.01015434 
_atom_sites.fract_transf_matrix[3][1]   0.02127911 
_atom_sites.fract_transf_matrix[3][2]   0.01451465 
_atom_sites.fract_transf_matrix[3][3]   -0.00136190 
_atom_sites.fract_transf_vector[1]      -0.125177 
_atom_sites.fract_transf_vector[2]      0.079086 
_atom_sites.fract_transf_vector[3]      -0.199546 
_atom_sites.solution_primary            ? 
_atom_sites.solution_secondary          ? 
_atom_sites.solution_hydrogens          ? 
_atom_sites.special_details             ? 
# 
loop_
_atom_type.symbol 
C 
N 
O 
# 
loop_
_atom_site.group_PDB 
_atom_site.id 
_atom_site.type_symbol 
_atom_site.label_atom_id 
_atom_site.label_alt_id 
_atom_site.label_comp_id 
_atom_site.label_asym_id 
_atom_site.label_entity_id 
_atom_site.label_seq_id 
_atom_site.pdbx_PDB_ins_code 
_atom_site.Cartn_x 
_atom_site.Cartn_y 
_atom_site.Cartn_z 
_atom_site.occupancy 
_atom_site.B_iso_or_equiv 
_atom_site.pdbx_formal_charge 
_atom_site.auth_seq_id 
_atom_site.auth_comp_id 
_atom_site.auth_asym_id 
_atom_site.auth_atom_id 
_atom_site.pdbx_PDB_model_num 
ATOM   1   N N   . GLY A 1 3  ? 0.304   -6.893  8.560   1.00 57.77 ? 3   GLY A N   1 
ATOM   2   C CA  . GLY A 1 3  ? 0.132   -5.591  9.236   1.00 59.77 ? 3   GLY A CA  1 
ATOM   3   C C   . GLY A 1 3  ? -0.769  -4.663  8.439   1.00 54.76 ? 3   GLY A C   1 
ATOM   4   O O   . GLY A 1 3  ? -0.834  -3.462  8.770   1.00 58.96 ? 3   GLY A O   1 
ATOM   5   N N   . VAL A 1 4  ? -1.437  -5.198  7.412   1.00 48.42 ? 4   VAL A N   1 
ATOM   6   C CA  . VAL A 1 4  ? -2.346  -4.384  6.549   1.00 41.45 ? 4   VAL A CA  1 
ATOM   7   C C   . VAL A 1 4  ? -3.558  -3.945  7.378   1.00 38.75 ? 4   VAL A C   1 
ATOM   8   O O   . VAL A 1 4  ? -4.076  -4.776  8.151   1.00 40.64 ? 4   VAL A O   1 
ATOM   9   C CB  . VAL A 1 4  ? -2.776  -5.164  5.292   1.00 41.33 ? 4   VAL A CB  1 
ATOM   10  C CG1 . VAL A 1 4  ? -4.216  -4.860  4.905   1.00 39.66 ? 4   VAL A CG1 1 
ATOM   11  C CG2 . VAL A 1 4  ? -1.840  -4.909  4.121   1.00 43.21 ? 4   VAL A CG2 1 
ATOM   12  N N   . LYS A 1 5  ? -3.986  -2.688  7.217   1.00 32.94 ? 5   LYS A N   1 
ATOM   13  C CA  . LYS A 1 5  ? -5.128  -2.170  7.946   1.00 32.41 ? 5   LYS A CA  1 
ATOM   14  C C   . LYS A 1 5  ? -6.074  -1.467  6.988   1.00 30.22 ? 5   LYS A C   1 
ATOM   15  O O   . LYS A 1 5  ? -5.663  -0.993  5.916   1.00 30.11 ? 5   LYS A O   1 
ATOM   16  C CB  . LYS A 1 5  ? -4.699  -1.177  9.055   1.00 43.49 ? 5   LYS A CB  1 
ATOM   17  C CG  . LYS A 1 5  ? -3.213  -1.200  9.443   1.00 44.88 ? 5   LYS A CG  1 
ATOM   18  C CD  . LYS A 1 5  ? -2.942  -0.206  10.601  1.00 50.45 ? 5   LYS A CD  1 
ATOM   19  C CE  . LYS A 1 5  ? -1.472  0.223   10.714  1.00 51.31 ? 5   LYS A CE  1 
ATOM   20  N NZ  . LYS A 1 5  ? -1.273  1.307   11.727  1.00 56.55 ? 5   LYS A NZ  1 
ATOM   21  N N   . VAL A 1 6  ? -7.294  -1.293  7.501   1.00 27.14 ? 6   VAL A N   1 
ATOM   22  C CA  . VAL A 1 6  ? -8.349  -0.666  6.724   1.00 25.27 ? 6   VAL A CA  1 
ATOM   23  C C   . VAL A 1 6  ? -7.834  0.647   6.156   1.00 31.48 ? 6   VAL A C   1 
ATOM   24  O O   . VAL A 1 6  ? -7.161  1.417   6.850   1.00 29.62 ? 6   VAL A O   1 
ATOM   25  C CB  . VAL A 1 6  ? -9.598  -0.456  7.601   1.00 31.70 ? 6   VAL A CB  1 
ATOM   26  C CG1 . VAL A 1 6  ? -10.678 0.319   6.839   1.00 28.30 ? 6   VAL A CG1 1 
ATOM   27  C CG2 . VAL A 1 6  ? -10.114 -1.818  8.091   1.00 31.33 ? 6   VAL A CG2 1 
ATOM   28  N N   . GLY A 1 7  ? -8.117  0.886   4.877   1.00 27.94 ? 7   GLY A N   1 
ATOM   29  C CA  . GLY A 1 7  ? -7.730  2.112   4.193   1.00 28.99 ? 7   GLY A CA  1 
ATOM   30  C C   . GLY A 1 7  ? -6.406  2.066   3.468   1.00 31.28 ? 7   GLY A C   1 
ATOM   31  O O   . GLY A 1 7  ? -6.190  2.864   2.537   1.00 32.09 ? 7   GLY A O   1 
ATOM   32  N N   . ASP A 1 8  ? -5.557  1.111   3.855   1.00 25.26 ? 8   ASP A N   1 
ATOM   33  C CA  . ASP A 1 8  ? -4.246  0.899   3.189   1.00 29.04 ? 8   ASP A CA  1 
ATOM   34  C C   . ASP A 1 8  ? -4.499  0.557   1.721   1.00 31.35 ? 8   ASP A C   1 
ATOM   35  O O   . ASP A 1 8  ? -5.634  0.187   1.386   1.00 27.32 ? 8   ASP A O   1 
ATOM   36  C CB  . ASP A 1 8  ? -3.491  -0.274  3.813   1.00 31.15 ? 8   ASP A CB  1 
ATOM   37  C CG  . ASP A 1 8  ? -2.865  0.030   5.162   1.00 35.77 ? 8   ASP A CG  1 
ATOM   38  O OD1 . ASP A 1 8  ? -3.014  1.165   5.633   1.00 36.18 ? 8   ASP A OD1 1 
ATOM   39  O OD2 . ASP A 1 8  ? -2.232  -0.873  5.718   1.00 34.48 ? 8   ASP A OD2 1 
ATOM   40  N N   . VAL A 1 9  ? -3.466  0.666   0.887   1.00 26.54 ? 9   VAL A N   1 
ATOM   41  C CA  . VAL A 1 9  ? -3.595  0.326   -0.559  1.00 25.94 ? 9   VAL A CA  1 
ATOM   42  C C   . VAL A 1 9  ? -2.628  -0.817  -0.866  1.00 26.36 ? 9   VAL A C   1 
ATOM   43  O O   . VAL A 1 9  ? -1.492  -0.784  -0.370  1.00 23.94 ? 9   VAL A O   1 
ATOM   44  C CB  . VAL A 1 9  ? -3.324  1.545   -1.458  1.00 25.52 ? 9   VAL A CB  1 
ATOM   45  C CG1 . VAL A 1 9  ? -4.484  2.524   -1.428  1.00 23.70 ? 9   VAL A CG1 1 
ATOM   46  C CG2 . VAL A 1 9  ? -2.024  2.231   -1.082  1.00 26.12 ? 9   VAL A CG2 1 
ATOM   47  N N   . VAL A 1 10 ? -3.085  -1.791  -1.648  1.00 25.44 ? 10  VAL A N   1 
ATOM   48  C CA  . VAL A 1 10 ? -2.236  -2.961  -2.004  1.00 24.37 ? 10  VAL A CA  1 
ATOM   49  C C   . VAL A 1 10 ? -2.316  -3.177  -3.515  1.00 24.50 ? 10  VAL A C   1 
ATOM   50  O O   . VAL A 1 10 ? -3.260  -2.670  -4.138  1.00 25.03 ? 10  VAL A O   1 
ATOM   51  C CB  . VAL A 1 10 ? -2.700  -4.224  -1.257  1.00 24.70 ? 10  VAL A CB  1 
ATOM   52  C CG1 . VAL A 1 10 ? -2.670  -4.030  0.247   1.00 28.66 ? 10  VAL A CG1 1 
ATOM   53  C CG2 . VAL A 1 10 ? -4.079  -4.664  -1.717  1.00 21.50 ? 10  VAL A CG2 1 
ATOM   54  N N   . GLU A 1 11 ? -1.326  -3.881  -4.060  1.00 23.70 ? 11  GLU A N   1 
ATOM   55  C CA  . GLU A 1 11 ? -1.302  -4.240  -5.476  1.00 24.34 ? 11  GLU A CA  1 
ATOM   56  C C   . GLU A 1 11 ? -1.733  -5.686  -5.653  1.00 26.41 ? 11  GLU A C   1 
ATOM   57  O O   . GLU A 1 11 ? -1.243  -6.579  -4.953  1.00 25.39 ? 11  GLU A O   1 
ATOM   58  C CB  . GLU A 1 11 ? 0.081   -4.029  -6.103  1.00 26.93 ? 11  GLU A CB  1 
ATOM   59  C CG  . GLU A 1 11 ? 0.257   -2.646  -6.730  1.00 30.12 ? 11  GLU A CG  1 
ATOM   60  C CD  . GLU A 1 11 ? 1.623   -2.398  -7.383  1.00 33.27 ? 11  GLU A CD  1 
ATOM   61  O OE1 . GLU A 1 11 ? 2.630   -3.022  -6.975  1.00 38.10 ? 11  GLU A OE1 1 
ATOM   62  O OE2 . GLU A 1 11 ? 1.677   -1.556  -8.307  1.00 32.68 ? 11  GLU A OE2 1 
ATOM   63  N N   . VAL A 1 12 ? -2.657  -5.902  -6.592  1.00 23.53 ? 12  VAL A N   1 
ATOM   64  C CA  . VAL A 1 12 ? -3.175  -7.224  -6.943  1.00 22.48 ? 12  VAL A CA  1 
ATOM   65  C C   . VAL A 1 12 ? -3.299  -7.271  -8.463  1.00 28.18 ? 12  VAL A C   1 
ATOM   66  O O   . VAL A 1 12 ? -3.206  -6.249  -9.141  1.00 28.33 ? 12  VAL A O   1 
ATOM   67  C CB  . VAL A 1 12 ? -4.545  -7.521  -6.281  1.00 28.45 ? 12  VAL A CB  1 
ATOM   68  C CG1 . VAL A 1 12 ? -4.363  -7.756  -4.803  1.00 29.69 ? 12  VAL A CG1 1 
ATOM   69  C CG2 . VAL A 1 12 ? -5.498  -6.389  -6.451  1.00 26.04 ? 12  VAL A CG2 1 
ATOM   70  N N   . LYS A 1 13 ? -3.531  -8.474  -8.981  1.00 23.23 ? 13  LYS A N   1 
ATOM   71  C CA  . LYS A 1 13 ? -3.729  -8.651  -10.440 1.00 24.34 ? 13  LYS A CA  1 
ATOM   72  C C   . LYS A 1 13 ? -5.228  -8.583  -10.737 1.00 24.05 ? 13  LYS A C   1 
ATOM   73  O O   . LYS A 1 13 ? -6.015  -9.137  -9.958  1.00 26.41 ? 13  LYS A O   1 
ATOM   74  C CB  . LYS A 1 13 ? -3.179  -9.997  -10.921 1.00 27.08 ? 13  LYS A CB  1 
ATOM   75  C CG  . LYS A 1 13 ? -1.665  -10.086 -11.048 1.00 33.86 ? 13  LYS A CG  1 
ATOM   76  C CD  . LYS A 1 13 ? -1.123  -9.414  -12.283 1.00 35.48 ? 13  LYS A CD  1 
ATOM   77  C CE  . LYS A 1 13 ? 0.390   -9.337  -12.292 1.00 39.38 ? 13  LYS A CE  1 
ATOM   78  N NZ  . LYS A 1 13 ? 1.000   -10.591 -12.791 1.00 44.50 ? 13  LYS A NZ  1 
ATOM   79  N N   . LYS A 1 14 ? -5.586  -7.898  -11.802 1.00 24.01 ? 14  LYS A N   1 
ATOM   80  C CA  . LYS A 1 14 ? -6.982  -7.807  -12.283 1.00 22.56 ? 14  LYS A CA  1 
ATOM   81  C C   . LYS A 1 14 ? -6.914  -7.828  -13.812 1.00 24.75 ? 14  LYS A C   1 
ATOM   82  O O   . LYS A 1 14 ? -6.294  -6.969  -14.374 1.00 26.34 ? 14  LYS A O   1 
ATOM   83  C CB  . LYS A 1 14 ? -7.685  -6.577  -11.709 1.00 24.28 ? 14  LYS A CB  1 
ATOM   84  C CG  . LYS A 1 14 ? -9.121  -6.378  -12.151 1.00 26.24 ? 14  LYS A CG  1 
ATOM   85  C CD  . LYS A 1 14 ? -9.801  -5.212  -11.506 1.00 30.33 ? 14  LYS A CD  1 
ATOM   86  C CE  . LYS A 1 14 ? -11.176 -4.971  -12.073 1.00 34.35 ? 14  LYS A CE  1 
ATOM   87  N NZ  . LYS A 1 14 ? -11.095 -4.315  -13.385 1.00 33.27 ? 14  LYS A NZ  1 
ATOM   88  N N   . ASP A 1 15 ? -7.459  -8.868  -14.418 1.00 25.41 ? 15  ASP A N   1 
ATOM   89  C CA  . ASP A 1 15 ? -7.439  -9.030  -15.896 1.00 23.87 ? 15  ASP A CA  1 
ATOM   90  C C   . ASP A 1 15 ? -5.995  -8.973  -16.405 1.00 27.13 ? 15  ASP A C   1 
ATOM   91  O O   . ASP A 1 15 ? -5.757  -8.284  -17.405 1.00 29.00 ? 15  ASP A O   1 
ATOM   92  C CB  . ASP A 1 15 ? -8.362  -8.027  -16.593 1.00 28.27 ? 15  ASP A CB  1 
ATOM   93  C CG  . ASP A 1 15 ? -9.834  -8.355  -16.423 1.00 33.44 ? 15  ASP A CG  1 
ATOM   94  O OD1 . ASP A 1 15 ? -10.129 -9.466  -15.951 1.00 28.15 ? 15  ASP A OD1 1 
ATOM   95  O OD2 . ASP A 1 15 ? -10.662 -7.498  -16.760 1.00 28.03 ? 15  ASP A OD2 1 
ATOM   96  N N   . GLY A 1 16 ? -5.064  -9.634  -15.706 1.00 22.94 ? 16  GLY A N   1 
ATOM   97  C CA  . GLY A 1 16 ? -3.642  -9.707  -16.092 1.00 27.29 ? 16  GLY A CA  1 
ATOM   98  C C   . GLY A 1 16 ? -2.846  -8.430  -15.863 1.00 29.41 ? 16  GLY A C   1 
ATOM   99  O O   . GLY A 1 16 ? -1.684  -8.399  -16.279 1.00 32.52 ? 16  GLY A O   1 
ATOM   100 N N   . LYS A 1 17 ? -3.424  -7.427  -15.198 1.00 29.60 ? 17  LYS A N   1 
ATOM   101 C CA  . LYS A 1 17 ? -2.723  -6.139  -14.960 1.00 30.30 ? 17  LYS A CA  1 
ATOM   102 C C   . LYS A 1 17 ? -2.531  -5.915  -13.460 1.00 26.71 ? 17  LYS A C   1 
ATOM   103 O O   . LYS A 1 17 ? -3.469  -6.200  -12.698 1.00 24.94 ? 17  LYS A O   1 
ATOM   104 C CB  . LYS A 1 17 ? -3.570  -4.980  -15.487 1.00 31.59 ? 17  LYS A CB  1 
ATOM   105 C CG  . LYS A 1 17 ? -3.336  -4.583  -16.936 1.00 39.61 ? 17  LYS A CG  1 
ATOM   106 C CD  . LYS A 1 17 ? -4.423  -3.672  -17.461 1.00 44.18 ? 17  LYS A CD  1 
ATOM   107 C CE  . LYS A 1 17 ? -3.920  -2.286  -17.808 1.00 42.47 ? 17  LYS A CE  1 
ATOM   108 N NZ  . LYS A 1 17 ? -2.671  -2.343  -18.600 1.00 44.61 ? 17  LYS A NZ  1 
ATOM   109 N N   . LYS A 1 18 ? -1.356  -5.456  -13.054 1.00 28.91 ? 18  LYS A N   1 
ATOM   110 C CA  . LYS A 1 18 ? -1.104  -5.117  -11.634 1.00 33.57 ? 18  LYS A CA  1 
ATOM   111 C C   . LYS A 1 18 ? -1.866  -3.819  -11.363 1.00 31.55 ? 18  LYS A C   1 
ATOM   112 O O   . LYS A 1 18 ? -1.604  -2.839  -12.034 1.00 29.93 ? 18  LYS A O   1 
ATOM   113 C CB  . LYS A 1 18 ? 0.387   -4.907  -11.338 1.00 41.08 ? 18  LYS A CB  1 
ATOM   114 C CG  . LYS A 1 18 ? 0.790   -5.101  -9.886  1.00 40.04 ? 18  LYS A CG  1 
ATOM   115 C CD  . LYS A 1 18 ? 2.267   -5.328  -9.639  1.00 55.74 ? 18  LYS A CD  1 
ATOM   116 C CE  . LYS A 1 18 ? 2.516   -6.449  -8.646  1.00 65.21 ? 18  LYS A CE  1 
ATOM   117 N NZ  . LYS A 1 18 ? 3.278   -6.057  -7.435  1.00 85.78 ? 18  LYS A NZ  1 
ATOM   118 N N   . VAL A 1 19 ? -2.777  -3.845  -10.411 1.00 24.08 ? 19  VAL A N   1 
ATOM   119 C CA  . VAL A 1 19 ? -3.584  -2.664  -10.104 1.00 20.87 ? 19  VAL A CA  1 
ATOM   120 C C   . VAL A 1 19 ? -3.632  -2.483  -8.592  1.00 25.36 ? 19  VAL A C   1 
ATOM   121 O O   . VAL A 1 19 ? -3.397  -3.422  -7.824  1.00 25.65 ? 19  VAL A O   1 
ATOM   122 C CB  . VAL A 1 19 ? -5.024  -2.762  -10.683 1.00 26.47 ? 19  VAL A CB  1 
ATOM   123 C CG1 . VAL A 1 19 ? -4.999  -2.819  -12.191 1.00 24.74 ? 19  VAL A CG1 1 
ATOM   124 C CG2 . VAL A 1 19 ? -5.784  -3.969  -10.108 1.00 21.26 ? 19  VAL A CG2 1 
ATOM   125 N N   . VAL A 1 20 ? -3.965  -1.246  -8.165  1.00 21.62 ? 20  VAL A N   1 
ATOM   126 C CA  . VAL A 1 20 ? -4.092  -0.871  -6.760  1.00 24.45 ? 20  VAL A CA  1 
ATOM   127 C C   . VAL A 1 20 ? -5.522  -1.110  -6.286  1.00 25.49 ? 20  VAL A C   1 
ATOM   128 O O   . VAL A 1 20 ? -6.494  -0.736  -6.956  1.00 25.31 ? 20  VAL A O   1 
ATOM   129 C CB  . VAL A 1 20 ? -3.680  0.601   -6.525  1.00 29.40 ? 20  VAL A CB  1 
ATOM   130 C CG1 . VAL A 1 20 ? -3.909  1.019   -5.082  1.00 24.84 ? 20  VAL A CG1 1 
ATOM   131 C CG2 . VAL A 1 20 ? -2.205  0.822   -6.889  1.00 30.44 ? 20  VAL A CG2 1 
ATOM   132 N N   . ALA A 1 21 ? -5.656  -1.724  -5.123  1.00 22.18 ? 21  ALA A N   1 
ATOM   133 C CA  . ALA A 1 21 ? -6.941  -1.839  -4.452  1.00 23.54 ? 21  ALA A CA  1 
ATOM   134 C C   . ALA A 1 21 ? -6.837  -1.269  -3.040  1.00 23.69 ? 21  ALA A C   1 
ATOM   135 O O   . ALA A 1 21 ? -5.749  -1.215  -2.468  1.00 25.89 ? 21  ALA A O   1 
ATOM   136 C CB  . ALA A 1 21 ? -7.377  -3.291  -4.407  1.00 21.98 ? 21  ALA A CB  1 
ATOM   137 N N   . ARG A 1 22 ? -7.969  -0.812  -2.504  1.00 21.33 ? 22  ARG A N   1 
ATOM   138 C CA  . ARG A 1 22 ? -7.993  -0.237  -1.135  1.00 25.15 ? 22  ARG A CA  1 
ATOM   139 C C   . ARG A 1 22 ? -8.607  -1.254  -0.171  1.00 25.66 ? 22  ARG A C   1 
ATOM   140 O O   . ARG A 1 22 ? -9.641  -1.841  -0.513  1.00 22.65 ? 22  ARG A O   1 
ATOM   141 C CB  . ARG A 1 22 ? -8.779  1.079   -1.096  1.00 28.10 ? 22  ARG A CB  1 
ATOM   142 C CG  . ARG A 1 22 ? -8.751  1.762   0.263   1.00 27.02 ? 22  ARG A CG  1 
ATOM   143 C CD  . ARG A 1 22 ? -9.492  3.081   0.304   1.00 27.70 ? 22  ARG A CD  1 
ATOM   144 N NE  . ARG A 1 22 ? -9.070  3.979   -0.755  1.00 31.67 ? 22  ARG A NE  1 
ATOM   145 C CZ  . ARG A 1 22 ? -7.951  4.692   -0.741  1.00 35.38 ? 22  ARG A CZ  1 
ATOM   146 N NH1 . ARG A 1 22 ? -7.138  4.626   0.294   1.00 29.58 ? 22  ARG A NH1 1 
ATOM   147 N NH2 . ARG A 1 22 ? -7.658  5.474   -1.762  1.00 33.71 ? 22  ARG A NH2 1 
ATOM   148 N N   . VAL A 1 23 ? -7.966  -1.454  0.978   1.00 26.02 ? 23  VAL A N   1 
ATOM   149 C CA  . VAL A 1 23 ? -8.492  -2.384  1.971   1.00 23.53 ? 23  VAL A CA  1 
ATOM   150 C C   . VAL A 1 23 ? -9.706  -1.740  2.604   1.00 24.45 ? 23  VAL A C   1 
ATOM   151 O O   . VAL A 1 23 ? -9.616  -0.642  3.167   1.00 27.88 ? 23  VAL A O   1 
ATOM   152 C CB  . VAL A 1 23 ? -7.436  -2.737  3.032   1.00 23.58 ? 23  VAL A CB  1 
ATOM   153 C CG1 . VAL A 1 23 ? -8.014  -3.703  4.075   1.00 25.72 ? 23  VAL A CG1 1 
ATOM   154 C CG2 . VAL A 1 23 ? -6.168  -3.298  2.382   1.00 22.30 ? 23  VAL A CG2 1 
ATOM   155 N N   . VAL A 1 24 ? -10.851 -2.414  2.505   1.00 23.59 ? 24  VAL A N   1 
ATOM   156 C CA  . VAL A 1 24 ? -12.112 -1.850  3.065   1.00 25.20 ? 24  VAL A CA  1 
ATOM   157 C C   . VAL A 1 24 ? -12.520 -2.621  4.322   1.00 27.37 ? 24  VAL A C   1 
ATOM   158 O O   . VAL A 1 24 ? -13.326 -2.086  5.092   1.00 21.08 ? 24  VAL A O   1 
ATOM   159 C CB  . VAL A 1 24 ? -13.242 -1.850  2.019   1.00 27.35 ? 24  VAL A CB  1 
ATOM   160 C CG1 . VAL A 1 24 ? -12.902 -0.985  0.815   1.00 29.44 ? 24  VAL A CG1 1 
ATOM   161 C CG2 . VAL A 1 24 ? -13.601 -3.258  1.582   1.00 27.86 ? 24  VAL A CG2 1 
ATOM   162 N N   . GLU A 1 25 ? -11.978 -3.823  4.526   1.00 26.13 ? 25  GLU A N   1 
ATOM   163 C CA  . GLU A 1 25 ? -12.374 -4.627  5.710   1.00 28.80 ? 25  GLU A CA  1 
ATOM   164 C C   . GLU A 1 25 ? -11.342 -5.726  5.983   1.00 28.40 ? 25  GLU A C   1 
ATOM   165 O O   . GLU A 1 25 ? -10.734 -6.220  5.024   1.00 25.03 ? 25  GLU A O   1 
ATOM   166 C CB  . GLU A 1 25 ? -13.748 -5.252  5.461   1.00 28.96 ? 25  GLU A CB  1 
ATOM   167 C CG  . GLU A 1 25 ? -14.339 -5.943  6.671   1.00 35.87 ? 25  GLU A CG  1 
ATOM   168 C CD  . GLU A 1 25 ? -15.703 -6.571  6.457   1.00 37.90 ? 25  GLU A CD  1 
ATOM   169 O OE1 . GLU A 1 25 ? -16.245 -7.114  7.426   1.00 43.79 ? 25  GLU A OE1 1 
ATOM   170 O OE2 . GLU A 1 25 ? -16.216 -6.509  5.329   1.00 34.28 ? 25  GLU A OE2 1 
ATOM   171 N N   . LEU A 1 26 ? -11.155 -6.062  7.260   1.00 23.84 ? 26  LEU A N   1 
ATOM   172 C CA  . LEU A 1 26 ? -10.237 -7.152  7.670   1.00 25.27 ? 26  LEU A CA  1 
ATOM   173 C C   . LEU A 1 26 ? -11.091 -8.287  8.236   1.00 29.64 ? 26  LEU A C   1 
ATOM   174 O O   . LEU A 1 26 ? -11.898 -8.025  9.140   1.00 27.03 ? 26  LEU A O   1 
ATOM   175 C CB  . LEU A 1 26 ? -9.262  -6.629  8.727   1.00 26.92 ? 26  LEU A CB  1 
ATOM   176 C CG  . LEU A 1 26 ? -8.259  -5.588  8.235   1.00 33.11 ? 26  LEU A CG  1 
ATOM   177 C CD1 . LEU A 1 26 ? -7.154  -5.385  9.259   1.00 39.71 ? 26  LEU A CD1 1 
ATOM   178 C CD2 . LEU A 1 26 ? -7.675  -5.993  6.895   1.00 31.76 ? 26  LEU A CD2 1 
ATOM   179 N N   . LEU A 1 27 ? -10.957 -9.479  7.667   1.00 27.81 ? 27  LEU A N   1 
ATOM   180 C CA  . LEU A 1 27 ? -11.702 -10.663 8.156   1.00 24.81 ? 27  LEU A CA  1 
ATOM   181 C C   . LEU A 1 27 ? -10.697 -11.768 8.493   1.00 24.54 ? 27  LEU A C   1 
ATOM   182 O O   . LEU A 1 27 ? -9.483  -11.542 8.355   1.00 23.55 ? 27  LEU A O   1 
ATOM   183 C CB  . LEU A 1 27 ? -12.689 -11.118 7.080   1.00 23.86 ? 27  LEU A CB  1 
ATOM   184 C CG  . LEU A 1 27 ? -13.831 -10.146 6.796   1.00 29.24 ? 27  LEU A CG  1 
ATOM   185 C CD1 . LEU A 1 27 ? -14.202 -10.163 5.322   1.00 39.13 ? 27  LEU A CD1 1 
ATOM   186 C CD2 . LEU A 1 27 ? -15.040 -10.473 7.651   1.00 37.21 ? 27  LEU A CD2 1 
ATOM   187 N N   . HIS A 1 28 ? -11.197 -12.925 8.911   1.00 25.20 ? 28  HIS A N   1 
ATOM   188 C CA  . HIS A 1 28 ? -10.287 -14.040 9.269   1.00 28.69 ? 28  HIS A CA  1 
ATOM   189 C C   . HIS A 1 28 ? -10.838 -15.350 8.715   1.00 28.39 ? 28  HIS A C   1 
ATOM   190 O O   . HIS A 1 28 ? -12.051 -15.581 8.839   1.00 27.41 ? 28  HIS A O   1 
ATOM   191 C CB  . HIS A 1 28 ? -10.100 -14.107 10.791  1.00 33.24 ? 28  HIS A CB  1 
ATOM   192 C CG  . HIS A 1 28 ? -9.105  -15.126 11.232  1.00 31.45 ? 28  HIS A CG  1 
ATOM   193 N ND1 . HIS A 1 28 ? -7.758  -14.855 11.308  1.00 33.65 ? 28  HIS A ND1 1 
ATOM   194 C CD2 . HIS A 1 28 ? -9.253  -16.411 11.613  1.00 34.32 ? 28  HIS A CD2 1 
ATOM   195 C CE1 . HIS A 1 28 ? -7.120  -15.929 11.718  1.00 31.61 ? 28  HIS A CE1 1 
ATOM   196 N NE2 . HIS A 1 28 ? -8.011  -16.895 11.909  1.00 31.98 ? 28  HIS A NE2 1 
ATOM   197 N N   . ASP A 1 29 ? -9.961  -16.148 8.104   1.00 24.39 ? 29  ASP A N   1 
ATOM   198 C CA  . ASP A 1 29 ? -10.354 -17.485 7.598   1.00 27.45 ? 29  ASP A CA  1 
ATOM   199 C C   . ASP A 1 29 ? -9.873  -18.503 8.635   1.00 26.81 ? 29  ASP A C   1 
ATOM   200 O O   . ASP A 1 29 ? -8.657  -18.719 8.721   1.00 25.21 ? 29  ASP A O   1 
ATOM   201 C CB  . ASP A 1 29 ? -9.763  -17.780 6.222   1.00 27.29 ? 29  ASP A CB  1 
ATOM   202 C CG  . ASP A 1 29 ? -9.967  -19.227 5.814   1.00 37.33 ? 29  ASP A CG  1 
ATOM   203 O OD1 . ASP A 1 29 ? -10.869 -19.864 6.379   1.00 30.85 ? 29  ASP A OD1 1 
ATOM   204 O OD2 . ASP A 1 29 ? -9.220  -19.702 4.950   1.00 35.86 ? 29  ASP A OD2 1 
ATOM   205 N N   . PRO A 1 30 ? -10.775 -19.120 9.429   1.00 32.40 ? 30  PRO A N   1 
ATOM   206 C CA  . PRO A 1 30 ? -10.376 -20.083 10.456  1.00 29.65 ? 30  PRO A CA  1 
ATOM   207 C C   . PRO A 1 30 ? -9.663  -21.307 9.859   1.00 32.40 ? 30  PRO A C   1 
ATOM   208 O O   . PRO A 1 30 ? -8.767  -21.811 10.494  1.00 30.39 ? 30  PRO A O   1 
ATOM   209 C CB  . PRO A 1 30 ? -11.701 -20.498 11.111  1.00 36.89 ? 30  PRO A CB  1 
ATOM   210 C CG  . PRO A 1 30 ? -12.662 -19.390 10.750  1.00 30.71 ? 30  PRO A CG  1 
ATOM   211 C CD  . PRO A 1 30 ? -12.221 -18.933 9.376   1.00 32.05 ? 30  PRO A CD  1 
ATOM   212 N N   . ALA A 1 31 ? -10.087 -21.739 8.669   1.00 35.26 ? 31  ALA A N   1 
ATOM   213 C CA  . ALA A 1 31 ? -9.483  -22.897 7.984   1.00 35.64 ? 31  ALA A CA  1 
ATOM   214 C C   . ALA A 1 31 ? -8.000  -22.690 7.728   1.00 36.02 ? 31  ALA A C   1 
ATOM   215 O O   . ALA A 1 31 ? -7.199  -23.513 8.194   1.00 37.19 ? 31  ALA A O   1 
ATOM   216 C CB  . ALA A 1 31 ? -10.211 -23.173 6.675   1.00 33.41 ? 31  ALA A CB  1 
ATOM   217 N N   . ARG A 1 32 ? -7.648  -21.613 7.020   1.00 32.17 ? 32  ARG A N   1 
ATOM   218 C CA  . ARG A 1 32 ? -6.224  -21.323 6.714   1.00 28.88 ? 32  ARG A CA  1 
ATOM   219 C C   . ARG A 1 32 ? -5.569  -20.649 7.922   1.00 35.59 ? 32  ARG A C   1 
ATOM   220 O O   . ARG A 1 32 ? -4.344  -20.473 7.897   1.00 37.86 ? 32  ARG A O   1 
ATOM   221 C CB  . ARG A 1 32 ? -6.112  -20.425 5.476   1.00 34.25 ? 32  ARG A CB  1 
ATOM   222 C CG  . ARG A 1 32 ? -6.424  -21.121 4.159   1.00 31.88 ? 32  ARG A CG  1 
ATOM   223 C CD  . ARG A 1 32 ? -6.422  -20.161 2.983   1.00 39.60 ? 32  ARG A CD  1 
ATOM   224 N NE  . ARG A 1 32 ? -7.605  -19.318 2.987   1.00 36.82 ? 32  ARG A NE  1 
ATOM   225 C CZ  . ARG A 1 32 ? -7.866  -18.359 2.108   1.00 37.15 ? 32  ARG A CZ  1 
ATOM   226 N NH1 . ARG A 1 32 ? -7.015  -18.094 1.131   1.00 33.08 ? 32  ARG A NH1 1 
ATOM   227 N NH2 . ARG A 1 32 ? -8.981  -17.661 2.216   1.00 36.58 ? 32  ARG A NH2 1 
ATOM   228 N N   . ASN A 1 33 ? -6.359  -20.301 8.944   1.00 34.05 ? 33  ASN A N   1 
ATOM   229 C CA  . ASN A 1 33 ? -5.816  -19.609 10.141  1.00 30.92 ? 33  ASN A CA  1 
ATOM   230 C C   . ASN A 1 33 ? -4.972  -18.426 9.668   1.00 33.45 ? 33  ASN A C   1 
ATOM   231 O O   . ASN A 1 33 ? -3.803  -18.336 10.069  1.00 29.81 ? 33  ASN A O   1 
ATOM   232 C CB  . ASN A 1 33 ? -4.995  -20.519 11.057  1.00 31.23 ? 33  ASN A CB  1 
ATOM   233 C CG  . ASN A 1 33 ? -4.543  -19.794 12.307  1.00 32.46 ? 33  ASN A CG  1 
ATOM   234 O OD1 . ASN A 1 33 ? -5.155  -18.808 12.705  1.00 32.74 ? 33  ASN A OD1 1 
ATOM   235 N ND2 . ASN A 1 33 ? -3.473  -20.262 12.922  1.00 36.70 ? 33  ASN A ND2 1 
ATOM   236 N N   . ALA A 1 34 ? -5.562  -17.561 8.844   1.00 32.11 ? 34  ALA A N   1 
ATOM   237 C CA  . ALA A 1 34 ? -4.831  -16.388 8.320   1.00 32.20 ? 34  ALA A CA  1 
ATOM   238 C C   . ALA A 1 34 ? -5.817  -15.248 8.054   1.00 28.05 ? 34  ALA A C   1 
ATOM   239 O O   . ALA A 1 34 ? -6.981  -15.527 7.740   1.00 27.47 ? 34  ALA A O   1 
ATOM   240 C CB  . ALA A 1 34 ? -4.083  -16.773 7.070   1.00 34.87 ? 34  ALA A CB  1 
ATOM   241 N N   . PRO A 1 35 ? -5.397  -13.973 8.174   1.00 29.14 ? 35  PRO A N   1 
ATOM   242 C CA  . PRO A 1 35 ? -6.293  -12.857 7.927   1.00 31.44 ? 35  PRO A CA  1 
ATOM   243 C C   . PRO A 1 35 ? -6.650  -12.766 6.437   1.00 27.64 ? 35  PRO A C   1 
ATOM   244 O O   . PRO A 1 35 ? -5.858  -13.156 5.609   1.00 25.44 ? 35  PRO A O   1 
ATOM   245 C CB  . PRO A 1 35 ? -5.493  -11.629 8.379   1.00 34.67 ? 35  PRO A CB  1 
ATOM   246 C CG  . PRO A 1 35 ? -4.051  -12.062 8.278   1.00 37.36 ? 35  PRO A CG  1 
ATOM   247 C CD  . PRO A 1 35 ? -4.056  -13.550 8.559   1.00 30.41 ? 35  PRO A CD  1 
ATOM   248 N N   . VAL A 1 36 ? -7.859  -12.283 6.156   1.00 25.61 ? 36  VAL A N   1 
ATOM   249 C CA  . VAL A 1 36 ? -8.339  -12.082 4.762   1.00 23.28 ? 36  VAL A CA  1 
ATOM   250 C C   . VAL A 1 36 ? -8.811  -10.632 4.668   1.00 23.49 ? 36  VAL A C   1 
ATOM   251 O O   . VAL A 1 36 ? -9.440  -10.160 5.623   1.00 23.92 ? 36  VAL A O   1 
ATOM   252 C CB  . VAL A 1 36 ? -9.464  -13.069 4.396   1.00 25.22 ? 36  VAL A CB  1 
ATOM   253 C CG1 . VAL A 1 36 ? -10.074 -12.743 3.044   1.00 26.91 ? 36  VAL A CG1 1 
ATOM   254 C CG2 . VAL A 1 36 ? -8.978  -14.507 4.430   1.00 29.78 ? 36  VAL A CG2 1 
ATOM   255 N N   . ALA A 1 37 ? -8.499  -9.953  3.566   1.00 22.74 ? 37  ALA A N   1 
ATOM   256 C CA  . ALA A 1 37 ? -8.901  -8.539  3.426   1.00 21.79 ? 37  ALA A CA  1 
ATOM   257 C C   . ALA A 1 37 ? -9.910  -8.374  2.289   1.00 24.62 ? 37  ALA A C   1 
ATOM   258 O O   . ALA A 1 37 ? -9.720  -8.989  1.229   1.00 23.87 ? 37  ALA A O   1 
ATOM   259 C CB  . ALA A 1 37 ? -7.684  -7.686  3.177   1.00 23.60 ? 37  ALA A CB  1 
ATOM   260 N N   . ARG A 1 38 ? -10.955 -7.585  2.543   1.00 21.22 ? 38  ARG A N   1 
ATOM   261 C CA  . ARG A 1 38 ? -11.939 -7.236  1.494   1.00 22.33 ? 38  ARG A CA  1 
ATOM   262 C C   . ARG A 1 38 ? -11.364 -6.001  0.800   1.00 20.06 ? 38  ARG A C   1 
ATOM   263 O O   . ARG A 1 38 ? -11.252 -4.961  1.467   1.00 19.60 ? 38  ARG A O   1 
ATOM   264 C CB  . ARG A 1 38 ? -13.303 -6.915  2.109   1.00 24.41 ? 38  ARG A CB  1 
ATOM   265 C CG  . ARG A 1 38 ? -14.476 -7.414  1.283   1.00 33.09 ? 38  ARG A CG  1 
ATOM   266 C CD  . ARG A 1 38 ? -15.540 -6.355  1.097   1.00 39.79 ? 38  ARG A CD  1 
ATOM   267 N NE  . ARG A 1 38 ? -15.990 -5.813  2.366   1.00 29.94 ? 38  ARG A NE  1 
ATOM   268 C CZ  . ARG A 1 38 ? -16.892 -4.849  2.486   1.00 39.29 ? 38  ARG A CZ  1 
ATOM   269 N NH1 . ARG A 1 38 ? -17.438 -4.319  1.407   1.00 40.71 ? 38  ARG A NH1 1 
ATOM   270 N NH2 . ARG A 1 38 ? -17.239 -4.415  3.681   1.00 37.46 ? 38  ARG A NH2 1 
ATOM   271 N N   . VAL A 1 39 ? -10.952 -6.132  -0.459  1.00 23.66 ? 39  VAL A N   1 
ATOM   272 C CA  . VAL A 1 39 ? -10.340 -4.979  -1.177  1.00 21.26 ? 39  VAL A CA  1 
ATOM   273 C C   . VAL A 1 39 ? -11.306 -4.468  -2.249  1.00 23.06 ? 39  VAL A C   1 
ATOM   274 O O   . VAL A 1 39 ? -12.139 -5.250  -2.730  1.00 20.44 ? 39  VAL A O   1 
ATOM   275 C CB  . VAL A 1 39 ? -8.951  -5.313  -1.751  1.00 20.01 ? 39  VAL A CB  1 
ATOM   276 C CG1 . VAL A 1 39 ? -7.980  -5.725  -0.660  1.00 20.18 ? 39  VAL A CG1 1 
ATOM   277 C CG2 . VAL A 1 39 ? -9.024  -6.374  -2.835  1.00 22.65 ? 39  VAL A CG2 1 
ATOM   278 N N   . ARG A 1 40 ? -11.218 -3.168  -2.543  1.00 19.52 ? 40  ARG A N   1 
ATOM   279 C CA  . ARG A 1 40 ? -12.092 -2.502  -3.538  1.00 18.78 ? 40  ARG A CA  1 
ATOM   280 C C   . ARG A 1 40 ? -11.222 -1.821  -4.596  1.00 23.51 ? 40  ARG A C   1 
ATOM   281 O O   . ARG A 1 40 ? -10.346 -1.025  -4.225  1.00 18.18 ? 40  ARG A O   1 
ATOM   282 C CB  . ARG A 1 40 ? -13.006 -1.479  -2.862  1.00 24.89 ? 40  ARG A CB  1 
ATOM   283 C CG  . ARG A 1 40 ? -13.849 -0.676  -3.841  1.00 26.00 ? 40  ARG A CG  1 
ATOM   284 C CD  . ARG A 1 40 ? -14.736 0.347   -3.167  1.00 30.32 ? 40  ARG A CD  1 
ATOM   285 N NE  . ARG A 1 40 ? -15.695 -0.287  -2.279  1.00 44.69 ? 40  ARG A NE  1 
ATOM   286 C CZ  . ARG A 1 40 ? -16.053 0.192   -1.094  1.00 55.64 ? 40  ARG A CZ  1 
ATOM   287 N NH1 . ARG A 1 40 ? -16.939 -0.457  -0.359  1.00 55.73 ? 40  ARG A NH1 1 
ATOM   288 N NH2 . ARG A 1 40 ? -15.526 1.320   -0.648  1.00 50.95 ? 40  ARG A NH2 1 
ATOM   289 N N   . PHE A 1 41 ? -11.485 -2.145  -5.860  1.00 18.06 ? 41  PHE A N   1 
ATOM   290 C CA  . PHE A 1 41 ? -10.727 -1.585  -6.997  1.00 20.13 ? 41  PHE A CA  1 
ATOM   291 C C   . PHE A 1 41 ? -11.310 -0.224  -7.357  1.00 21.69 ? 41  PHE A C   1 
ATOM   292 O O   . PHE A 1 41 ? -12.379 0.119   -6.904  1.00 23.23 ? 41  PHE A O   1 
ATOM   293 C CB  . PHE A 1 41 ? -10.785 -2.523  -8.201  1.00 20.71 ? 41  PHE A CB  1 
ATOM   294 C CG  . PHE A 1 41 ? -10.147 -3.864  -7.954  1.00 21.87 ? 41  PHE A CG  1 
ATOM   295 C CD1 . PHE A 1 41 ? -8.796  -4.042  -8.147  1.00 20.02 ? 41  PHE A CD1 1 
ATOM   296 C CD2 . PHE A 1 41 ? -10.881 -4.930  -7.475  1.00 21.11 ? 41  PHE A CD2 1 
ATOM   297 C CE1 . PHE A 1 41 ? -8.204  -5.265  -7.899  1.00 20.09 ? 41  PHE A CE1 1 
ATOM   298 C CE2 . PHE A 1 41 ? -10.283 -6.150  -7.228  1.00 24.32 ? 41  PHE A CE2 1 
ATOM   299 C CZ  . PHE A 1 41 ? -8.948  -6.316  -7.445  1.00 20.93 ? 41  PHE A CZ  1 
ATOM   300 N N   . GLU A 1 42 ? -10.598 0.485   -8.210  1.00 20.05 ? 42  GLU A N   1 
ATOM   301 C CA  . GLU A 1 42 ? -10.981 1.825   -8.692  1.00 24.65 ? 42  GLU A CA  1 
ATOM   302 C C   . GLU A 1 42 ? -12.439 1.856   -9.164  1.00 25.72 ? 42  GLU A C   1 
ATOM   303 O O   . GLU A 1 42 ? -13.129 2.795   -8.855  1.00 26.55 ? 42  GLU A O   1 
ATOM   304 C CB  . GLU A 1 42 ? -10.128 2.072   -9.924  1.00 27.29 ? 42  GLU A CB  1 
ATOM   305 C CG  . GLU A 1 42 ? -10.061 3.496   -10.363 1.00 45.39 ? 42  GLU A CG  1 
ATOM   306 C CD  . GLU A 1 42 ? -8.744  3.696   -11.085 1.00 49.99 ? 42  GLU A CD  1 
ATOM   307 O OE1 . GLU A 1 42 ? -7.954  4.511   -10.616 1.00 49.96 ? 42  GLU A OE1 1 
ATOM   308 O OE2 . GLU A 1 42 ? -8.519  2.980   -12.066 1.00 49.52 ? 42  GLU A OE2 1 
ATOM   309 N N   . ASP A 1 43 ? -12.860 0.843   -9.900  1.00 22.47 ? 43  ASP A N   1 
ATOM   310 C CA  . ASP A 1 43 ? -14.206 0.852   -10.518 1.00 23.95 ? 43  ASP A CA  1 
ATOM   311 C C   . ASP A 1 43 ? -15.296 0.358   -9.560  1.00 22.75 ? 43  ASP A C   1 
ATOM   312 O O   . ASP A 1 43 ? -16.437 0.371   -9.951  1.00 27.48 ? 43  ASP A O   1 
ATOM   313 C CB  . ASP A 1 43 ? -14.119 0.203   -11.894 1.00 29.09 ? 43  ASP A CB  1 
ATOM   314 C CG  . ASP A 1 43 ? -13.278 1.063   -12.826 1.00 35.50 ? 43  ASP A CG  1 
ATOM   315 O OD1 . ASP A 1 43 ? -13.458 2.286   -12.790 1.00 33.44 ? 43  ASP A OD1 1 
ATOM   316 O OD2 . ASP A 1 43 ? -12.442 0.514   -13.532 1.00 37.38 ? 43  ASP A OD2 1 
ATOM   317 N N   . GLY A 1 44 ? -14.939 -0.047  -8.352  1.00 23.21 ? 44  GLY A N   1 
ATOM   318 C CA  . GLY A 1 44 ? -15.959 -0.493  -7.392  1.00 24.92 ? 44  GLY A CA  1 
ATOM   319 C C   . GLY A 1 44 ? -16.058 -2.001  -7.296  1.00 24.33 ? 44  GLY A C   1 
ATOM   320 O O   . GLY A 1 44 ? -16.785 -2.464  -6.477  1.00 22.91 ? 44  GLY A O   1 
ATOM   321 N N   . GLU A 1 45 ? -15.309 -2.734  -8.114  1.00 21.78 ? 45  GLU A N   1 
ATOM   322 C CA  . GLU A 1 45 ? -15.292 -4.211  -8.009  1.00 22.18 ? 45  GLU A CA  1 
ATOM   323 C C   . GLU A 1 45 ? -14.658 -4.559  -6.662  1.00 22.09 ? 45  GLU A C   1 
ATOM   324 O O   . GLU A 1 45 ? -13.800 -3.826  -6.242  1.00 23.00 ? 45  GLU A O   1 
ATOM   325 C CB  . GLU A 1 45 ? -14.464 -4.845  -9.128  1.00 26.97 ? 45  GLU A CB  1 
ATOM   326 C CG  . GLU A 1 45 ? -14.819 -4.376  -10.534 1.00 38.57 ? 45  GLU A CG  1 
ATOM   327 C CD  . GLU A 1 45 ? -14.140 -3.148  -11.144 1.00 37.28 ? 45  GLU A CD  1 
ATOM   328 O OE1 . GLU A 1 45 ? -14.170 -3.029  -12.377 1.00 26.44 ? 45  GLU A OE1 1 
ATOM   329 O OE2 . GLU A 1 45 ? -13.635 -2.309  -10.405 1.00 33.08 ? 45  GLU A OE2 1 
ATOM   330 N N   . GLU A 1 46 ? -15.096 -5.629  -6.013  1.00 23.32 ? 46  GLU A N   1 
ATOM   331 C CA  . GLU A 1 46 ? -14.476 -6.043  -4.739  1.00 17.88 ? 46  GLU A CA  1 
ATOM   332 C C   . GLU A 1 46 ? -14.001 -7.487  -4.849  1.00 23.58 ? 46  GLU A C   1 
ATOM   333 O O   . GLU A 1 46 ? -14.467 -8.232  -5.678  1.00 22.42 ? 46  GLU A O   1 
ATOM   334 C CB  . GLU A 1 46 ? -15.380 -5.796  -3.543  1.00 22.97 ? 46  GLU A CB  1 
ATOM   335 C CG  . GLU A 1 46 ? -15.735 -4.345  -3.343  1.00 24.64 ? 46  GLU A CG  1 
ATOM   336 C CD  . GLU A 1 46 ? -16.599 -4.073  -2.126  1.00 37.42 ? 46  GLU A CD  1 
ATOM   337 O OE1 . GLU A 1 46 ? -16.783 -4.973  -1.331  1.00 32.47 ? 46  GLU A OE1 1 
ATOM   338 O OE2 . GLU A 1 46 ? -17.090 -2.967  -2.014  1.00 39.71 ? 46  GLU A OE2 1 
ATOM   339 N N   . ARG A 1 47 ? -13.097 -7.821  -3.969  1.00 21.04 ? 47  ARG A N   1 
ATOM   340 C CA  . ARG A 1 47 ? -12.495 -9.144  -3.945  1.00 22.02 ? 47  ARG A CA  1 
ATOM   341 C C   . ARG A 1 47 ? -11.966 -9.402  -2.544  1.00 19.41 ? 47  ARG A C   1 
ATOM   342 O O   . ARG A 1 47 ? -11.597 -8.464  -1.835  1.00 23.86 ? 47  ARG A O   1 
ATOM   343 C CB  . ARG A 1 47 ? -11.355 -9.267  -4.964  1.00 20.02 ? 47  ARG A CB  1 
ATOM   344 C CG  . ARG A 1 47 ? -10.767 -10.704 -5.078  1.00 28.84 ? 47  ARG A CG  1 
ATOM   345 C CD  . ARG A 1 47 ? -9.488  -10.705 -5.942  1.00 23.84 ? 47  ARG A CD  1 
ATOM   346 N NE  . ARG A 1 47 ? -9.747  -10.100 -7.241  1.00 27.37 ? 47  ARG A NE  1 
ATOM   347 C CZ  . ARG A 1 47 ? -8.814  -9.841  -8.150  1.00 26.08 ? 47  ARG A CZ  1 
ATOM   348 N NH1 . ARG A 1 47 ? -7.543  -10.124 -7.893  1.00 27.21 ? 47  ARG A NH1 1 
ATOM   349 N NH2 . ARG A 1 47 ? -9.161  -9.285  -9.308  1.00 27.21 ? 47  ARG A NH2 1 
ATOM   350 N N   . LEU A 1 48 ? -11.927 -10.679 -2.163  1.00 22.87 ? 48  LEU A N   1 
ATOM   351 C CA  . LEU A 1 48 ? -11.313 -11.145 -0.921  1.00 22.34 ? 48  LEU A CA  1 
ATOM   352 C C   . LEU A 1 48 ? -9.923  -11.681 -1.237  1.00 24.36 ? 48  LEU A C   1 
ATOM   353 O O   . LEU A 1 48 ? -9.764  -12.452 -2.197  1.00 24.16 ? 48  LEU A O   1 
ATOM   354 C CB  . LEU A 1 48 ? -12.172 -12.242 -0.278  1.00 23.93 ? 48  LEU A CB  1 
ATOM   355 C CG  . LEU A 1 48 ? -13.578 -11.925 0.222   1.00 26.23 ? 48  LEU A CG  1 
ATOM   356 C CD1 . LEU A 1 48 ? -14.175 -13.195 0.697   1.00 31.09 ? 48  LEU A CD1 1 
ATOM   357 C CD2 . LEU A 1 48 ? -13.536 -10.879 1.334   1.00 26.92 ? 48  LEU A CD2 1 
ATOM   358 N N   . ILE A 1 49 ? -8.912  -11.251 -0.469  1.00 22.38 ? 49  ILE A N   1 
ATOM   359 C CA  . ILE A 1 49 ? -7.529  -11.688 -0.703  1.00 25.86 ? 49  ILE A CA  1 
ATOM   360 C C   . ILE A 1 49 ? -6.873  -12.097 0.615   1.00 29.55 ? 49  ILE A C   1 
ATOM   361 O O   . ILE A 1 49 ? -7.047  -11.433 1.646   1.00 26.31 ? 49  ILE A O   1 
ATOM   362 C CB  . ILE A 1 49 ? -6.688  -10.603 -1.414  1.00 28.17 ? 49  ILE A CB  1 
ATOM   363 C CG1 . ILE A 1 49 ? -6.419  -9.387  -0.524  1.00 28.31 ? 49  ILE A CG1 1 
ATOM   364 C CG2 . ILE A 1 49 ? -7.359  -10.136 -2.711  1.00 26.80 ? 49  ILE A CG2 1 
ATOM   365 C CD1 . ILE A 1 49 ? -5.770  -8.227  -1.305  1.00 31.16 ? 49  ILE A CD1 1 
ATOM   366 N N   . LEU A 1 50 ? -6.117  -13.183 0.569   1.00 24.62 ? 50  LEU A N   1 
ATOM   367 C CA  . LEU A 1 50 ? -5.369  -13.615 1.768   1.00 28.58 ? 50  LEU A CA  1 
ATOM   368 C C   . LEU A 1 50 ? -4.340  -12.518 2.038   1.00 29.87 ? 50  LEU A C   1 
ATOM   369 O O   . LEU A 1 50 ? -3.828  -11.983 1.089   1.00 34.52 ? 50  LEU A O   1 
ATOM   370 C CB  . LEU A 1 50 ? -4.684  -14.955 1.509   1.00 25.11 ? 50  LEU A CB  1 
ATOM   371 C CG  . LEU A 1 50 ? -3.751  -15.426 2.616   1.00 31.05 ? 50  LEU A CG  1 
ATOM   372 C CD1 . LEU A 1 50 ? -4.510  -16.136 3.697   1.00 32.27 ? 50  LEU A CD1 1 
ATOM   373 C CD2 . LEU A 1 50 ? -2.666  -16.323 2.091   1.00 33.81 ? 50  LEU A CD2 1 
ATOM   374 N N   . VAL A 1 51 ? -4.196  -12.109 3.298   1.00 32.04 ? 51  VAL A N   1 
ATOM   375 C CA  . VAL A 1 51 ? -3.231  -11.021 3.622   1.00 38.17 ? 51  VAL A CA  1 
ATOM   376 C C   . VAL A 1 51 ? -1.821  -11.595 3.504   1.00 39.56 ? 51  VAL A C   1 
ATOM   377 O O   . VAL A 1 51 ? -1.504  -12.541 4.236   1.00 38.31 ? 51  VAL A O   1 
ATOM   378 C CB  . VAL A 1 51 ? -3.500  -10.391 5.001   1.00 35.37 ? 51  VAL A CB  1 
ATOM   379 C CG1 . VAL A 1 51 ? -2.461  -9.338  5.340   1.00 43.44 ? 51  VAL A CG1 1 
ATOM   380 C CG2 . VAL A 1 51 ? -4.896  -9.795  5.071   1.00 34.70 ? 51  VAL A CG2 1 
ATOM   381 N N   . PRO A 1 52 ? -0.963  -11.037 2.623   1.00 48.72 ? 52  PRO A N   1 
ATOM   382 C CA  . PRO A 1 52 ? 0.406   -11.524 2.449   1.00 53.13 ? 52  PRO A CA  1 
ATOM   383 C C   . PRO A 1 52 ? 1.139   -11.616 3.793   1.00 59.86 ? 52  PRO A C   1 
ATOM   384 O O   . PRO A 1 52 ? 0.979   -10.724 4.604   1.00 52.39 ? 52  PRO A O   1 
ATOM   385 C CB  . PRO A 1 52 ? 1.060   -10.438 1.586   1.00 55.01 ? 52  PRO A CB  1 
ATOM   386 C CG  . PRO A 1 52 ? -0.088  -9.839  0.811   1.00 48.71 ? 52  PRO A CG  1 
ATOM   387 C CD  . PRO A 1 52 ? -1.268  -9.899  1.756   1.00 45.75 ? 52  PRO A CD  1 
ATOM   388 N N   . GLY B 1 3  ? 5.284   -0.769  9.379   1.00 68.42 ? 3   GLY B N   1 
ATOM   389 C CA  . GLY B 1 3  ? 5.526   -2.037  8.664   1.00 68.73 ? 3   GLY B CA  1 
ATOM   390 C C   . GLY B 1 3  ? 5.580   -1.827  7.162   1.00 61.01 ? 3   GLY B C   1 
ATOM   391 O O   . GLY B 1 3  ? 4.904   -2.575  6.435   1.00 57.98 ? 3   GLY B O   1 
ATOM   392 N N   . VAL B 1 4  ? 6.349   -0.831  6.719   1.00 56.76 ? 4   VAL B N   1 
ATOM   393 C CA  . VAL B 1 4  ? 6.469   -0.527  5.264   1.00 48.49 ? 4   VAL B CA  1 
ATOM   394 C C   . VAL B 1 4  ? 7.690   -1.269  4.717   1.00 46.11 ? 4   VAL B C   1 
ATOM   395 O O   . VAL B 1 4  ? 8.744   -1.232  5.369   1.00 45.27 ? 4   VAL B O   1 
ATOM   396 C CB  . VAL B 1 4  ? 6.568   0.991   5.014   1.00 52.73 ? 4   VAL B CB  1 
ATOM   397 C CG1 . VAL B 1 4  ? 7.338   1.310   3.743   1.00 42.80 ? 4   VAL B CG1 1 
ATOM   398 C CG2 . VAL B 1 4  ? 5.193   1.642   4.979   1.00 55.30 ? 4   VAL B CG2 1 
ATOM   399 N N   . LYS B 1 5  ? 7.540   -1.928  3.569   1.00 38.91 ? 5   LYS B N   1 
ATOM   400 C CA  . LYS B 1 5  ? 8.678   -2.666  2.970   1.00 40.58 ? 5   LYS B CA  1 
ATOM   401 C C   . LYS B 1 5  ? 8.868   -2.235  1.514   1.00 35.55 ? 5   LYS B C   1 
ATOM   402 O O   . LYS B 1 5  ? 7.888   -1.843  0.868   1.00 35.24 ? 5   LYS B O   1 
ATOM   403 C CB  . LYS B 1 5  ? 8.462   -4.181  3.065   1.00 41.68 ? 5   LYS B CB  1 
ATOM   404 C CG  . LYS B 1 5  ? 7.113   -4.679  2.571   1.00 48.35 ? 5   LYS B CG  1 
ATOM   405 C CD  . LYS B 1 5  ? 6.851   -6.133  2.897   1.00 52.05 ? 5   LYS B CD  1 
ATOM   406 C CE  . LYS B 1 5  ? 5.994   -6.319  4.133   1.00 57.06 ? 5   LYS B CE  1 
ATOM   407 N NZ  . LYS B 1 5  ? 6.038   -7.716  4.625   1.00 64.95 ? 5   LYS B NZ  1 
ATOM   408 N N   . VAL B 1 6  ? 10.107  -2.303  1.041   1.00 33.18 ? 6   VAL B N   1 
ATOM   409 C CA  . VAL B 1 6  ? 10.430  -1.959  -0.339  1.00 31.88 ? 6   VAL B CA  1 
ATOM   410 C C   . VAL B 1 6  ? 9.543   -2.775  -1.263  1.00 38.69 ? 6   VAL B C   1 
ATOM   411 O O   . VAL B 1 6  ? 9.395   -3.989  -1.083  1.00 34.63 ? 6   VAL B O   1 
ATOM   412 C CB  . VAL B 1 6  ? 11.910  -2.228  -0.639  1.00 35.35 ? 6   VAL B CB  1 
ATOM   413 C CG1 . VAL B 1 6  ? 12.167  -2.099  -2.145  1.00 37.78 ? 6   VAL B CG1 1 
ATOM   414 C CG2 . VAL B 1 6  ? 12.804  -1.280  0.165   1.00 38.27 ? 6   VAL B CG2 1 
ATOM   415 N N   . GLY B 1 7  ? 8.965   -2.098  -2.250  1.00 32.58 ? 7   GLY B N   1 
ATOM   416 C CA  . GLY B 1 7  ? 8.015   -2.680  -3.159  1.00 36.99 ? 7   GLY B CA  1 
ATOM   417 C C   . GLY B 1 7  ? 6.571   -2.427  -2.796  1.00 36.10 ? 7   GLY B C   1 
ATOM   418 O O   . GLY B 1 7  ? 5.697   -2.584  -3.656  1.00 37.46 ? 7   GLY B O   1 
ATOM   419 N N   . ASP B 1 8  ? 6.315   -2.050  -1.544  1.00 29.60 ? 8   ASP B N   1 
ATOM   420 C CA  . ASP B 1 8  ? 4.929   -1.756  -1.101  1.00 33.57 ? 8   ASP B CA  1 
ATOM   421 C C   . ASP B 1 8  ? 4.439   -0.484  -1.795  1.00 32.82 ? 8   ASP B C   1 
ATOM   422 O O   . ASP B 1 8  ? 5.281   0.290   -2.260  1.00 30.35 ? 8   ASP B O   1 
ATOM   423 C CB  . ASP B 1 8  ? 4.871   -1.501  0.405   1.00 35.14 ? 8   ASP B CB  1 
ATOM   424 C CG  . ASP B 1 8  ? 4.774   -2.759  1.244   1.00 41.08 ? 8   ASP B CG  1 
ATOM   425 O OD1 . ASP B 1 8  ? 4.797   -3.855  0.658   1.00 36.87 ? 8   ASP B OD1 1 
ATOM   426 O OD2 . ASP B 1 8  ? 4.683   -2.626  2.473   1.00 43.29 ? 8   ASP B OD2 1 
ATOM   427 N N   . VAL B 1 9  ? 3.122   -0.303  -1.882  1.00 28.83 ? 9   VAL B N   1 
ATOM   428 C CA  . VAL B 1 9  ? 2.546   0.946   -2.450  1.00 27.33 ? 9   VAL B CA  1 
ATOM   429 C C   . VAL B 1 9  ? 1.886   1.689   -1.292  1.00 27.60 ? 9   VAL B C   1 
ATOM   430 O O   . VAL B 1 9  ? 1.240   1.036   -0.459  1.00 27.10 ? 9   VAL B O   1 
ATOM   431 C CB  . VAL B 1 9  ? 1.543   0.671   -3.586  1.00 25.97 ? 9   VAL B CB  1 
ATOM   432 C CG1 . VAL B 1 9  ? 2.237   0.210   -4.856  1.00 34.62 ? 9   VAL B CG1 1 
ATOM   433 C CG2 . VAL B 1 9  ? 0.465   -0.312  -3.161  1.00 26.44 ? 9   VAL B CG2 1 
ATOM   434 N N   . VAL B 1 10 ? 2.085   3.003   -1.235  1.00 27.54 ? 10  VAL B N   1 
ATOM   435 C CA  . VAL B 1 10 ? 1.473   3.840   -0.166  1.00 26.17 ? 10  VAL B CA  1 
ATOM   436 C C   . VAL B 1 10 ? 0.830   5.058   -0.830  1.00 25.92 ? 10  VAL B C   1 
ATOM   437 O O   . VAL B 1 10 ? 1.133   5.330   -2.001  1.00 29.39 ? 10  VAL B O   1 
ATOM   438 C CB  . VAL B 1 10 ? 2.523   4.272   0.871   1.00 26.71 ? 10  VAL B CB  1 
ATOM   439 C CG1 . VAL B 1 10 ? 3.205   3.079   1.520   1.00 28.39 ? 10  VAL B CG1 1 
ATOM   440 C CG2 . VAL B 1 10 ? 3.550   5.211   0.261   1.00 27.66 ? 10  VAL B CG2 1 
ATOM   441 N N   . GLU B 1 11 ? -0.039  5.749   -0.093  1.00 28.50 ? 11  GLU B N   1 
ATOM   442 C CA  . GLU B 1 11 ? -0.679  6.981   -0.613  1.00 28.54 ? 11  GLU B CA  1 
ATOM   443 C C   . GLU B 1 11 ? 0.077   8.182   -0.035  1.00 31.99 ? 11  GLU B C   1 
ATOM   444 O O   . GLU B 1 11 ? 0.316   8.191   1.180   1.00 31.34 ? 11  GLU B O   1 
ATOM   445 C CB  . GLU B 1 11 ? -2.162  7.014   -0.244  1.00 31.21 ? 11  GLU B CB  1 
ATOM   446 C CG  . GLU B 1 11 ? -3.017  6.109   -1.110  1.00 34.60 ? 11  GLU B CG  1 
ATOM   447 C CD  . GLU B 1 11 ? -4.511  6.227   -0.864  1.00 30.34 ? 11  GLU B CD  1 
ATOM   448 O OE1 . GLU B 1 11 ? -4.916  6.216   0.309   1.00 31.30 ? 11  GLU B OE1 1 
ATOM   449 O OE2 . GLU B 1 11 ? -5.257  6.329   -1.847  1.00 32.80 ? 11  GLU B OE2 1 
ATOM   450 N N   . VAL B 1 12 ? 0.412   9.151   -0.884  1.00 33.37 ? 12  VAL B N   1 
ATOM   451 C CA  . VAL B 1 12 ? 1.141   10.374  -0.440  1.00 37.36 ? 12  VAL B CA  1 
ATOM   452 C C   . VAL B 1 12 ? 0.360   11.593  -0.942  1.00 43.58 ? 12  VAL B C   1 
ATOM   453 O O   . VAL B 1 12 ? -0.046  11.588  -2.116  1.00 42.23 ? 12  VAL B O   1 
ATOM   454 C CB  . VAL B 1 12 ? 2.590   10.369  -0.962  1.00 42.03 ? 12  VAL B CB  1 
ATOM   455 C CG1 . VAL B 1 12 ? 3.387   11.541  -0.419  1.00 44.46 ? 12  VAL B CG1 1 
ATOM   456 C CG2 . VAL B 1 12 ? 3.291   9.055   -0.661  1.00 30.89 ? 12  VAL B CG2 1 
ATOM   457 N N   . LYS B 1 13 ? 0.121   12.577  -0.081  1.00 47.32 ? 13  LYS B N   1 
ATOM   458 C CA  . LYS B 1 13 ? -0.615  13.794  -0.486  1.00 46.41 ? 13  LYS B CA  1 
ATOM   459 C C   . LYS B 1 13 ? 0.255   14.578  -1.464  1.00 46.66 ? 13  LYS B C   1 
ATOM   460 O O   . LYS B 1 13 ? 1.308   15.012  -1.072  1.00 48.13 ? 13  LYS B O   1 
ATOM   461 C CB  . LYS B 1 13 ? -0.994  14.614  0.747   1.00 54.42 ? 13  LYS B CB  1 
ATOM   462 C CG  . LYS B 1 13 ? -2.256  15.466  0.648   1.00 54.07 ? 13  LYS B CG  1 
ATOM   463 C CD  . LYS B 1 13 ? -2.945  15.669  1.990   1.00 63.61 ? 13  LYS B CD  1 
ATOM   464 C CE  . LYS B 1 13 ? -4.315  16.318  1.924   1.00 55.74 ? 13  LYS B CE  1 
ATOM   465 N NZ  . LYS B 1 13 ? -5.399  15.345  2.196   1.00 55.08 ? 13  LYS B NZ  1 
ATOM   466 N N   . LYS B 1 14 ? -0.170  14.676  -2.717  1.00 49.88 ? 14  LYS B N   1 
ATOM   467 C CA  . LYS B 1 14 ? 0.544   15.446  -3.762  1.00 47.91 ? 14  LYS B CA  1 
ATOM   468 C C   . LYS B 1 14 ? -0.473  16.290  -4.534  1.00 54.72 ? 14  LYS B C   1 
ATOM   469 O O   . LYS B 1 14 ? -1.430  15.722  -5.036  1.00 70.20 ? 14  LYS B O   1 
ATOM   470 C CB  . LYS B 1 14 ? 1.273   14.512  -4.716  1.00 42.19 ? 14  LYS B CB  1 
ATOM   471 C CG  . LYS B 1 14 ? 1.665   15.135  -6.034  1.00 47.66 ? 14  LYS B CG  1 
ATOM   472 C CD  . LYS B 1 14 ? 2.968   14.632  -6.560  1.00 49.24 ? 14  LYS B CD  1 
ATOM   473 C CE  . LYS B 1 14 ? 2.817   13.969  -7.906  1.00 55.20 ? 14  LYS B CE  1 
ATOM   474 N NZ  . LYS B 1 14 ? 4.041   13.248  -8.309  1.00 64.82 ? 14  LYS B NZ  1 
ATOM   475 N N   . ASP B 1 15 ? -0.265  17.609  -4.594  1.00 51.89 ? 15  ASP B N   1 
ATOM   476 C CA  . ASP B 1 15 ? -1.177  18.560  -5.285  1.00 44.16 ? 15  ASP B CA  1 
ATOM   477 C C   . ASP B 1 15 ? -2.597  18.459  -4.711  1.00 47.44 ? 15  ASP B C   1 
ATOM   478 O O   . ASP B 1 15 ? -3.537  18.522  -5.495  1.00 43.45 ? 15  ASP B O   1 
ATOM   479 C CB  . ASP B 1 15 ? -1.221  18.376  -6.805  1.00 44.34 ? 15  ASP B CB  1 
ATOM   480 C CG  . ASP B 1 15 ? 0.089   18.488  -7.556  1.00 47.54 ? 15  ASP B CG  1 
ATOM   481 O OD1 . ASP B 1 15 ? 0.269   17.720  -8.508  1.00 53.09 ? 15  ASP B OD1 1 
ATOM   482 O OD2 . ASP B 1 15 ? 0.871   19.359  -7.235  1.00 45.32 ? 15  ASP B OD2 1 
ATOM   483 N N   . GLY B 1 16 ? -2.738  18.280  -3.396  1.00 48.37 ? 16  GLY B N   1 
ATOM   484 C CA  . GLY B 1 16 ? -4.036  18.199  -2.701  1.00 48.84 ? 16  GLY B CA  1 
ATOM   485 C C   . GLY B 1 16 ? -4.722  16.841  -2.759  1.00 49.84 ? 16  GLY B C   1 
ATOM   486 O O   . GLY B 1 16 ? -5.664  16.659  -1.997  1.00 51.53 ? 16  GLY B O   1 
ATOM   487 N N   . LYS B 1 17 ? -4.233  15.912  -3.579  1.00 48.26 ? 17  LYS B N   1 
ATOM   488 C CA  . LYS B 1 17 ? -4.872  14.580  -3.764  1.00 50.10 ? 17  LYS B CA  1 
ATOM   489 C C   . LYS B 1 17 ? -3.971  13.428  -3.296  1.00 52.02 ? 17  LYS B C   1 
ATOM   490 O O   . LYS B 1 17 ? -2.770  13.503  -3.481  1.00 51.96 ? 17  LYS B O   1 
ATOM   491 C CB  . LYS B 1 17 ? -5.122  14.381  -5.255  1.00 44.33 ? 17  LYS B CB  1 
ATOM   492 C CG  . LYS B 1 17 ? -4.432  15.391  -6.150  1.00 50.26 ? 17  LYS B CG  1 
ATOM   493 C CD  . LYS B 1 17 ? -3.775  14.788  -7.357  1.00 50.54 ? 17  LYS B CD  1 
ATOM   494 C CE  . LYS B 1 17 ? -3.121  15.803  -8.261  1.00 48.87 ? 17  LYS B CE  1 
ATOM   495 N NZ  . LYS B 1 17 ? -3.978  16.183  -9.405  1.00 51.52 ? 17  LYS B NZ  1 
ATOM   496 N N   . LYS B 1 18 ? -4.559  12.374  -2.741  1.00 48.14 ? 18  LYS B N   1 
ATOM   497 C CA  . LYS B 1 18 ? -3.769  11.191  -2.338  1.00 44.40 ? 18  LYS B CA  1 
ATOM   498 C C   . LYS B 1 18 ? -3.400  10.423  -3.609  1.00 43.96 ? 18  LYS B C   1 
ATOM   499 O O   . LYS B 1 18 ? -4.296  10.052  -4.335  1.00 41.17 ? 18  LYS B O   1 
ATOM   500 C CB  . LYS B 1 18 ? -4.583  10.316  -1.388  1.00 41.85 ? 18  LYS B CB  1 
ATOM   501 C CG  . LYS B 1 18 ? -4.905  10.898  -0.023  1.00 40.89 ? 18  LYS B CG  1 
ATOM   502 C CD  . LYS B 1 18 ? -3.706  11.451  0.709   1.00 50.72 ? 18  LYS B CD  1 
ATOM   503 C CE  . LYS B 1 18 ? -3.666  11.146  2.190   1.00 53.76 ? 18  LYS B CE  1 
ATOM   504 N NZ  . LYS B 1 18 ? -2.635  10.139  2.527   1.00 50.86 ? 18  LYS B NZ  1 
ATOM   505 N N   . VAL B 1 19 ? -2.112  10.291  -3.915  1.00 39.98 ? 19  VAL B N   1 
ATOM   506 C CA  . VAL B 1 19 ? -1.698  9.510   -5.115  1.00 38.28 ? 19  VAL B CA  1 
ATOM   507 C C   . VAL B 1 19 ? -0.883  8.301   -4.656  1.00 34.03 ? 19  VAL B C   1 
ATOM   508 O O   . VAL B 1 19 ? -0.362  8.357   -3.576  1.00 35.02 ? 19  VAL B O   1 
ATOM   509 C CB  . VAL B 1 19 ? -0.928  10.361  -6.130  1.00 39.95 ? 19  VAL B CB  1 
ATOM   510 C CG1 . VAL B 1 19 ? -1.744  11.554  -6.570  1.00 45.26 ? 19  VAL B CG1 1 
ATOM   511 C CG2 . VAL B 1 19 ? 0.389   10.804  -5.570  1.00 39.85 ? 19  VAL B CG2 1 
ATOM   512 N N   . VAL B 1 20 ? -0.810  7.261   -5.478  1.00 32.66 ? 20  VAL B N   1 
ATOM   513 C CA  . VAL B 1 20 ? -0.098  6.040   -5.127  1.00 31.98 ? 20  VAL B CA  1 
ATOM   514 C C   . VAL B 1 20 ? 1.378   6.196   -5.469  1.00 29.17 ? 20  VAL B C   1 
ATOM   515 O O   . VAL B 1 20 ? 1.746   6.733   -6.519  1.00 31.46 ? 20  VAL B O   1 
ATOM   516 C CB  . VAL B 1 20 ? -0.709  4.819   -5.837  1.00 29.72 ? 20  VAL B CB  1 
ATOM   517 C CG1 . VAL B 1 20 ? -0.006  3.542   -5.346  1.00 31.53 ? 20  VAL B CG1 1 
ATOM   518 C CG2 . VAL B 1 20 ? -2.186  4.728   -5.565  1.00 38.18 ? 20  VAL B CG2 1 
ATOM   519 N N   . ALA B 1 21 ? 2.280   5.834   -4.564  1.00 26.42 ? 21  ALA B N   1 
ATOM   520 C CA  . ALA B 1 21 ? 3.694   5.771   -4.891  1.00 27.35 ? 21  ALA B CA  1 
ATOM   521 C C   . ALA B 1 21 ? 4.246   4.451   -4.376  1.00 27.20 ? 21  ALA B C   1 
ATOM   522 O O   . ALA B 1 21 ? 3.710   3.851   -3.436  1.00 30.33 ? 21  ALA B O   1 
ATOM   523 C CB  . ALA B 1 21 ? 4.467   6.950   -4.301  1.00 29.01 ? 21  ALA B CB  1 
ATOM   524 N N   . ARG B 1 22 ? 5.271   3.963   -5.074  1.00 22.24 ? 22  ARG B N   1 
ATOM   525 C CA  . ARG B 1 22 ? 5.930   2.677   -4.733  1.00 24.29 ? 22  ARG B CA  1 
ATOM   526 C C   . ARG B 1 22 ? 7.199   2.967   -3.931  1.00 27.26 ? 22  ARG B C   1 
ATOM   527 O O   . ARG B 1 22 ? 7.957   3.862   -4.326  1.00 27.26 ? 22  ARG B O   1 
ATOM   528 C CB  . ARG B 1 22 ? 6.265   1.881   -5.995  1.00 27.37 ? 22  ARG B CB  1 
ATOM   529 C CG  . ARG B 1 22 ? 6.960   0.555   -5.721  1.00 32.04 ? 22  ARG B CG  1 
ATOM   530 C CD  . ARG B 1 22 ? 7.232   -0.258  -6.971  1.00 38.23 ? 22  ARG B CD  1 
ATOM   531 N NE  . ARG B 1 22 ? 6.147   -0.186  -7.936  1.00 47.68 ? 22  ARG B NE  1 
ATOM   532 C CZ  . ARG B 1 22 ? 5.100   -1.000  -7.952  1.00 49.28 ? 22  ARG B CZ  1 
ATOM   533 N NH1 . ARG B 1 22 ? 4.997   -1.960  -7.048  1.00 47.84 ? 22  ARG B NH1 1 
ATOM   534 N NH2 . ARG B 1 22 ? 4.161   -0.849  -8.868  1.00 45.27 ? 22  ARG B NH2 1 
ATOM   535 N N   . VAL B 1 23 ? 7.394   2.221   -2.844  1.00 26.29 ? 23  VAL B N   1 
ATOM   536 C CA  . VAL B 1 23 ? 8.556   2.368   -1.965  1.00 25.10 ? 23  VAL B CA  1 
ATOM   537 C C   . VAL B 1 23 ? 9.737   1.655   -2.618  1.00 28.05 ? 23  VAL B C   1 
ATOM   538 O O   . VAL B 1 23 ? 9.664   0.446   -2.876  1.00 30.46 ? 23  VAL B O   1 
ATOM   539 C CB  . VAL B 1 23 ? 8.272   1.796   -0.573  1.00 27.42 ? 23  VAL B CB  1 
ATOM   540 C CG1 . VAL B 1 23 ? 9.477   1.940   0.335   1.00 29.61 ? 23  VAL B CG1 1 
ATOM   541 C CG2 . VAL B 1 23 ? 7.023   2.450   0.012   1.00 24.76 ? 23  VAL B CG2 1 
ATOM   542 N N   . VAL B 1 24 ? 10.816  2.395   -2.880  1.00 29.17 ? 24  VAL B N   1 
ATOM   543 C CA  . VAL B 1 24 ? 11.978  1.859   -3.585  1.00 30.70 ? 24  VAL B CA  1 
ATOM   544 C C   . VAL B 1 24 ? 13.161  1.645   -2.654  1.00 30.93 ? 24  VAL B C   1 
ATOM   545 O O   . VAL B 1 24 ? 13.935  0.705   -2.842  1.00 36.44 ? 24  VAL B O   1 
ATOM   546 C CB  . VAL B 1 24 ? 12.384  2.753   -4.777  1.00 32.31 ? 24  VAL B CB  1 
ATOM   547 C CG1 . VAL B 1 24 ? 11.519  2.471   -5.962  1.00 40.65 ? 24  VAL B CG1 1 
ATOM   548 C CG2 . VAL B 1 24 ? 12.323  4.224   -4.425  1.00 34.21 ? 24  VAL B CG2 1 
ATOM   549 N N   . GLU B 1 25 ? 13.298  2.480   -1.632  1.00 28.43 ? 25  GLU B N   1 
ATOM   550 C CA  . GLU B 1 25 ? 14.466  2.481   -0.772  1.00 30.21 ? 25  GLU B CA  1 
ATOM   551 C C   . GLU B 1 25 ? 14.017  2.899   0.618   1.00 29.53 ? 25  GLU B C   1 
ATOM   552 O O   . GLU B 1 25 ? 13.078  3.673   0.767   1.00 28.38 ? 25  GLU B O   1 
ATOM   553 C CB  . GLU B 1 25 ? 15.554  3.444   -1.311  1.00 30.27 ? 25  GLU B CB  1 
ATOM   554 C CG  . GLU B 1 25 ? 16.899  3.347   -0.602  1.00 32.49 ? 25  GLU B CG  1 
ATOM   555 C CD  . GLU B 1 25 ? 17.954  4.283   -1.179  1.00 35.81 ? 25  GLU B CD  1 
ATOM   556 O OE1 . GLU B 1 25 ? 19.096  4.285   -0.655  1.00 38.78 ? 25  GLU B OE1 1 
ATOM   557 O OE2 . GLU B 1 25 ? 17.644  5.006   -2.151  1.00 31.23 ? 25  GLU B OE2 1 
ATOM   558 N N   . LEU B 1 26 ? 14.696  2.352   1.627   1.00 26.15 ? 26  LEU B N   1 
ATOM   559 C CA  . LEU B 1 26 ? 14.411  2.680   3.046   1.00 28.54 ? 26  LEU B CA  1 
ATOM   560 C C   . LEU B 1 26 ? 15.681  3.283   3.654   1.00 36.66 ? 26  LEU B C   1 
ATOM   561 O O   . LEU B 1 26 ? 16.759  2.689   3.489   1.00 35.96 ? 26  LEU B O   1 
ATOM   562 C CB  . LEU B 1 26 ? 13.997  1.405   3.786   1.00 34.67 ? 26  LEU B CB  1 
ATOM   563 C CG  . LEU B 1 26 ? 12.569  0.934   3.529   1.00 35.96 ? 26  LEU B CG  1 
ATOM   564 C CD1 . LEU B 1 26 ? 12.168  -0.157  4.510   1.00 40.66 ? 26  LEU B CD1 1 
ATOM   565 C CD2 . LEU B 1 26 ? 11.595  2.094   3.602   1.00 33.16 ? 26  LEU B CD2 1 
ATOM   566 N N   . LEU B 1 27 ? 15.552  4.441   4.295   1.00 32.41 ? 27  LEU B N   1 
ATOM   567 C CA  . LEU B 1 27 ? 16.720  5.106   4.931   1.00 33.02 ? 27  LEU B CA  1 
ATOM   568 C C   . LEU B 1 27 ? 16.349  5.500   6.360   1.00 25.99 ? 27  LEU B C   1 
ATOM   569 O O   . LEU B 1 27 ? 15.254  5.132   6.819   1.00 27.41 ? 27  LEU B O   1 
ATOM   570 C CB  . LEU B 1 27 ? 17.103  6.338   4.107   1.00 32.97 ? 27  LEU B CB  1 
ATOM   571 C CG  . LEU B 1 27 ? 17.462  6.057   2.652   1.00 37.15 ? 27  LEU B CG  1 
ATOM   572 C CD1 . LEU B 1 27 ? 17.351  7.316   1.814   1.00 37.64 ? 27  LEU B CD1 1 
ATOM   573 C CD2 . LEU B 1 27 ? 18.856  5.466   2.548   1.00 38.65 ? 27  LEU B CD2 1 
ATOM   574 N N   . HIS B 1 28 ? 17.236  6.230   7.032   1.00 25.61 ? 28  HIS B N   1 
ATOM   575 C CA  . HIS B 1 28 ? 16.944  6.653   8.423   1.00 27.07 ? 28  HIS B CA  1 
ATOM   576 C C   . HIS B 1 28 ? 17.161  8.158   8.573   1.00 27.64 ? 28  HIS B C   1 
ATOM   577 O O   . HIS B 1 28 ? 18.148  8.672   8.033   1.00 26.95 ? 28  HIS B O   1 
ATOM   578 C CB  . HIS B 1 28 ? 17.792  5.858   9.422   1.00 28.64 ? 28  HIS B CB  1 
ATOM   579 C CG  . HIS B 1 28 ? 17.469  6.175   10.842  1.00 31.07 ? 28  HIS B CG  1 
ATOM   580 N ND1 . HIS B 1 28 ? 16.333  5.709   11.457  1.00 29.76 ? 28  HIS B ND1 1 
ATOM   581 C CD2 . HIS B 1 28 ? 18.119  6.919   11.762  1.00 33.14 ? 28  HIS B CD2 1 
ATOM   582 C CE1 . HIS B 1 28 ? 16.297  6.143   12.696  1.00 34.50 ? 28  HIS B CE1 1 
ATOM   583 N NE2 . HIS B 1 28 ? 17.379  6.886   12.908  1.00 34.90 ? 28  HIS B NE2 1 
ATOM   584 N N   . ASP B 1 29 ? 16.233  8.820   9.263   1.00 28.73 ? 29  ASP B N   1 
ATOM   585 C CA  . ASP B 1 29 ? 16.348  10.246  9.562   1.00 31.91 ? 29  ASP B CA  1 
ATOM   586 C C   . ASP B 1 29 ? 16.918  10.401  10.958  1.00 34.33 ? 29  ASP B C   1 
ATOM   587 O O   . ASP B 1 29 ? 16.189  10.229  11.940  1.00 32.06 ? 29  ASP B O   1 
ATOM   588 C CB  . ASP B 1 29 ? 14.993  10.952  9.462   1.00 36.44 ? 29  ASP B CB  1 
ATOM   589 C CG  . ASP B 1 29 ? 15.093  12.468  9.701   1.00 43.38 ? 29  ASP B CG  1 
ATOM   590 O OD1 . ASP B 1 29 ? 16.185  12.990  10.050  1.00 44.56 ? 29  ASP B OD1 1 
ATOM   591 O OD2 . ASP B 1 29 ? 14.070  13.160  9.509   1.00 48.80 ? 29  ASP B OD2 1 
ATOM   592 N N   . PRO B 1 30 ? 18.228  10.698  11.097  1.00 37.91 ? 30  PRO B N   1 
ATOM   593 C CA  . PRO B 1 30 ? 18.865  10.796  12.412  1.00 36.61 ? 30  PRO B CA  1 
ATOM   594 C C   . PRO B 1 30 ? 18.168  11.761  13.383  1.00 39.65 ? 30  PRO B C   1 
ATOM   595 O O   . PRO B 1 30 ? 18.011  11.402  14.531  1.00 39.72 ? 30  PRO B O   1 
ATOM   596 C CB  . PRO B 1 30 ? 20.292  11.271  12.097  1.00 38.06 ? 30  PRO B CB  1 
ATOM   597 C CG  . PRO B 1 30 ? 20.205  11.826  10.695  1.00 41.08 ? 30  PRO B CG  1 
ATOM   598 C CD  . PRO B 1 30 ? 19.152  10.983  10.009  1.00 36.69 ? 30  PRO B CD  1 
ATOM   599 N N   . ALA B 1 31 ? 17.767  12.936  12.893  1.00 33.97 ? 31  ALA B N   1 
ATOM   600 C CA  . ALA B 1 31 ? 17.110  13.967  13.731  1.00 42.76 ? 31  ALA B CA  1 
ATOM   601 C C   . ALA B 1 31 ? 15.785  13.446  14.291  1.00 40.94 ? 31  ALA B C   1 
ATOM   602 O O   . ALA B 1 31 ? 15.608  13.489  15.517  1.00 48.61 ? 31  ALA B O   1 
ATOM   603 C CB  . ALA B 1 31 ? 16.902  15.225  12.926  1.00 44.47 ? 31  ALA B CB  1 
ATOM   604 N N   . ARG B 1 32 ? 14.911  12.942  13.420  1.00 39.90 ? 32  ARG B N   1 
ATOM   605 C CA  . ARG B 1 32 ? 13.575  12.440  13.837  1.00 43.45 ? 32  ARG B CA  1 
ATOM   606 C C   . ARG B 1 32 ? 13.684  11.036  14.442  1.00 38.33 ? 32  ARG B C   1 
ATOM   607 O O   . ARG B 1 32 ? 12.727  10.608  15.095  1.00 43.74 ? 32  ARG B O   1 
ATOM   608 C CB  . ARG B 1 32 ? 12.630  12.433  12.633  1.00 40.82 ? 32  ARG B CB  1 
ATOM   609 C CG  . ARG B 1 32 ? 11.161  12.587  13.001  1.00 46.35 ? 32  ARG B CG  1 
ATOM   610 C CD  . ARG B 1 32 ? 10.891  13.896  13.711  1.00 35.51 ? 32  ARG B CD  1 
ATOM   611 N NE  . ARG B 1 32 ? 11.271  15.026  12.883  1.00 42.71 ? 32  ARG B NE  1 
ATOM   612 C CZ  . ARG B 1 32 ? 12.075  16.000  13.278  1.00 44.51 ? 32  ARG B CZ  1 
ATOM   613 N NH1 . ARG B 1 32 ? 12.585  15.986  14.497  1.00 40.95 ? 32  ARG B NH1 1 
ATOM   614 N NH2 . ARG B 1 32 ? 12.370  16.988  12.453  1.00 46.30 ? 32  ARG B NH2 1 
ATOM   615 N N   . ASN B 1 33 ? 14.814  10.359  14.236  1.00 37.26 ? 33  ASN B N   1 
ATOM   616 C CA  . ASN B 1 33 ? 15.005  8.974   14.741  1.00 34.07 ? 33  ASN B CA  1 
ATOM   617 C C   . ASN B 1 33 ? 13.820  8.140   14.248  1.00 36.53 ? 33  ASN B C   1 
ATOM   618 O O   . ASN B 1 33 ? 13.129  7.527   15.078  1.00 41.03 ? 33  ASN B O   1 
ATOM   619 C CB  . ASN B 1 33 ? 15.211  8.888   16.255  1.00 40.02 ? 33  ASN B CB  1 
ATOM   620 C CG  . ASN B 1 33 ? 15.255  7.454   16.739  1.00 40.91 ? 33  ASN B CG  1 
ATOM   621 O OD1 . ASN B 1 33 ? 15.544  6.547   15.967  1.00 40.98 ? 33  ASN B OD1 1 
ATOM   622 N ND2 . ASN B 1 33 ? 14.948  7.241   18.006  1.00 41.85 ? 33  ASN B ND2 1 
ATOM   623 N N   . ALA B 1 34 ? 13.598  8.149   12.934  1.00 34.60 ? 34  ALA B N   1 
ATOM   624 C CA  . ALA B 1 34 ? 12.487  7.394   12.312  1.00 36.98 ? 34  ALA B CA  1 
ATOM   625 C C   . ALA B 1 34 ? 12.868  7.028   10.877  1.00 31.67 ? 34  ALA B C   1 
ATOM   626 O O   . ALA B 1 34 ? 13.662  7.757   10.269  1.00 30.48 ? 34  ALA B O   1 
ATOM   627 C CB  . ALA B 1 34 ? 11.230  8.222   12.346  1.00 39.68 ? 34  ALA B CB  1 
ATOM   628 N N   . PRO B 1 35 ? 12.352  5.904   10.337  1.00 40.13 ? 35  PRO B N   1 
ATOM   629 C CA  . PRO B 1 35 ? 12.671  5.476   8.982   1.00 34.33 ? 35  PRO B CA  1 
ATOM   630 C C   . PRO B 1 35 ? 12.120  6.466   7.951   1.00 35.21 ? 35  PRO B C   1 
ATOM   631 O O   . PRO B 1 35 ? 11.085  7.039   8.189   1.00 39.52 ? 35  PRO B O   1 
ATOM   632 C CB  . PRO B 1 35 ? 11.922  4.146   8.811   1.00 36.85 ? 35  PRO B CB  1 
ATOM   633 C CG  . PRO B 1 35 ? 11.567  3.715   10.211  1.00 38.36 ? 35  PRO B CG  1 
ATOM   634 C CD  . PRO B 1 35 ? 11.425  4.997   11.005  1.00 44.69 ? 35  PRO B CD  1 
ATOM   635 N N   . VAL B 1 36 ? 12.852  6.651   6.856   1.00 31.15 ? 36  VAL B N   1 
ATOM   636 C CA  . VAL B 1 36 ? 12.408  7.527   5.735   1.00 34.09 ? 36  VAL B CA  1 
ATOM   637 C C   . VAL B 1 36 ? 12.350  6.631   4.499   1.00 31.64 ? 36  VAL B C   1 
ATOM   638 O O   . VAL B 1 36 ? 13.174  5.708   4.413   1.00 31.15 ? 36  VAL B O   1 
ATOM   639 C CB  . VAL B 1 36 ? 13.356  8.722   5.529   1.00 30.12 ? 36  VAL B CB  1 
ATOM   640 C CG1 . VAL B 1 36 ? 14.728  8.270   5.063   1.00 36.62 ? 36  VAL B CG1 1 
ATOM   641 C CG2 . VAL B 1 36 ? 12.773  9.734   4.557   1.00 38.30 ? 36  VAL B CG2 1 
ATOM   642 N N   . ALA B 1 37 ? 11.410  6.878   3.589   1.00 25.46 ? 37  ALA B N   1 
ATOM   643 C CA  . ALA B 1 37 ? 11.301  6.002   2.403   1.00 26.42 ? 37  ALA B CA  1 
ATOM   644 C C   . ALA B 1 37 ? 11.393  6.816   1.114   1.00 23.57 ? 37  ALA B C   1 
ATOM   645 O O   . ALA B 1 37 ? 10.766  7.876   1.039   1.00 29.86 ? 37  ALA B O   1 
ATOM   646 C CB  . ALA B 1 37 ? 10.010  5.228   2.459   1.00 32.75 ? 37  ALA B CB  1 
ATOM   647 N N   . ARG B 1 38 ? 12.188  6.339   0.157   1.00 24.11 ? 38  ARG B N   1 
ATOM   648 C CA  . ARG B 1 38 ? 12.236  6.992   -1.171  1.00 28.78 ? 38  ARG B CA  1 
ATOM   649 C C   . ARG B 1 38 ? 11.071  6.392   -1.963  1.00 26.90 ? 38  ARG B C   1 
ATOM   650 O O   . ARG B 1 38 ? 11.102  5.175   -2.207  1.00 27.36 ? 38  ARG B O   1 
ATOM   651 C CB  . ARG B 1 38 ? 13.571  6.735   -1.875  1.00 28.51 ? 38  ARG B CB  1 
ATOM   652 C CG  . ARG B 1 38 ? 13.658  7.372   -3.254  1.00 28.63 ? 38  ARG B CG  1 
ATOM   653 C CD  . ARG B 1 38 ? 15.068  7.504   -3.784  1.00 35.42 ? 38  ARG B CD  1 
ATOM   654 N NE  . ARG B 1 38 ? 15.742  6.222   -3.913  1.00 32.32 ? 38  ARG B NE  1 
ATOM   655 C CZ  . ARG B 1 38 ? 15.822  5.525   -5.036  1.00 38.06 ? 38  ARG B CZ  1 
ATOM   656 N NH1 . ARG B 1 38 ? 15.259  5.981   -6.141  1.00 34.91 ? 38  ARG B NH1 1 
ATOM   657 N NH2 . ARG B 1 38 ? 16.458  4.368   -5.051  1.00 37.10 ? 38  ARG B NH2 1 
ATOM   658 N N   . VAL B 1 39 ? 10.070  7.205   -2.300  1.00 25.51 ? 39  VAL B N   1 
ATOM   659 C CA  . VAL B 1 39 ? 8.876   6.691   -3.028  1.00 28.06 ? 39  VAL B CA  1 
ATOM   660 C C   . VAL B 1 39 ? 8.906   7.202   -4.468  1.00 36.10 ? 39  VAL B C   1 
ATOM   661 O O   . VAL B 1 39 ? 9.460   8.288   -4.700  1.00 33.02 ? 39  VAL B O   1 
ATOM   662 C CB  . VAL B 1 39 ? 7.577   7.100   -2.315  1.00 24.59 ? 39  VAL B CB  1 
ATOM   663 C CG1 . VAL B 1 39 ? 7.360   6.287   -1.051  1.00 27.52 ? 39  VAL B CG1 1 
ATOM   664 C CG2 . VAL B 1 39 ? 7.567   8.585   -2.002  1.00 30.27 ? 39  VAL B CG2 1 
ATOM   665 N N   . ARG B 1 40 ? 8.340   6.421   -5.389  1.00 30.04 ? 40  ARG B N   1 
ATOM   666 C CA  . ARG B 1 40 ? 8.311   6.799   -6.821  1.00 30.16 ? 40  ARG B CA  1 
ATOM   667 C C   . ARG B 1 40 ? 6.863   6.787   -7.313  1.00 33.39 ? 40  ARG B C   1 
ATOM   668 O O   . ARG B 1 40 ? 6.180   5.766   -7.125  1.00 26.42 ? 40  ARG B O   1 
ATOM   669 C CB  . ARG B 1 40 ? 9.182   5.846   -7.647  1.00 36.17 ? 40  ARG B CB  1 
ATOM   670 C CG  . ARG B 1 40 ? 8.738   5.714   -9.094  1.00 43.98 ? 40  ARG B CG  1 
ATOM   671 C CD  . ARG B 1 40 ? 9.715   4.967   -9.981  1.00 39.70 ? 40  ARG B CD  1 
ATOM   672 N NE  . ARG B 1 40 ? 11.075  4.996   -9.471  1.00 49.40 ? 40  ARG B NE  1 
ATOM   673 C CZ  . ARG B 1 40 ? 11.823  3.919   -9.283  1.00 49.42 ? 40  ARG B CZ  1 
ATOM   674 N NH1 . ARG B 1 40 ? 11.341  2.723   -9.562  1.00 44.54 ? 40  ARG B NH1 1 
ATOM   675 N NH2 . ARG B 1 40 ? 13.050  4.043   -8.812  1.00 47.21 ? 40  ARG B NH2 1 
ATOM   676 N N   . PHE B 1 41 ? 6.421   7.902   -7.897  1.00 34.21 ? 41  PHE B N   1 
ATOM   677 C CA  . PHE B 1 41 ? 5.039   8.017   -8.428  1.00 38.42 ? 41  PHE B CA  1 
ATOM   678 C C   . PHE B 1 41 ? 4.959   7.308   -9.784  1.00 43.90 ? 41  PHE B C   1 
ATOM   679 O O   . PHE B 1 41 ? 5.982   6.782   -10.248 1.00 39.91 ? 41  PHE B O   1 
ATOM   680 C CB  . PHE B 1 41 ? 4.609   9.486   -8.483  1.00 37.39 ? 41  PHE B CB  1 
ATOM   681 C CG  . PHE B 1 41 ? 4.667   10.184  -7.152  1.00 37.82 ? 41  PHE B CG  1 
ATOM   682 C CD1 . PHE B 1 41 ? 3.651   10.024  -6.222  1.00 32.02 ? 41  PHE B CD1 1 
ATOM   683 C CD2 . PHE B 1 41 ? 5.745   10.982  -6.812  1.00 43.01 ? 41  PHE B CD2 1 
ATOM   684 C CE1 . PHE B 1 41 ? 3.708   10.657  -4.995  1.00 39.94 ? 41  PHE B CE1 1 
ATOM   685 C CE2 . PHE B 1 41 ? 5.801   11.618  -5.583  1.00 42.25 ? 41  PHE B CE2 1 
ATOM   686 C CZ  . PHE B 1 41 ? 4.785   11.454  -4.675  1.00 43.38 ? 41  PHE B CZ  1 
ATOM   687 N N   . GLU B 1 42 ? 3.777   7.313   -10.403 1.00 49.81 ? 42  GLU B N   1 
ATOM   688 C CA  . GLU B 1 42 ? 3.586   6.614   -11.704 1.00 50.75 ? 42  GLU B CA  1 
ATOM   689 C C   . GLU B 1 42 ? 4.369   7.320   -12.817 1.00 49.00 ? 42  GLU B C   1 
ATOM   690 O O   . GLU B 1 42 ? 4.838   6.623   -13.727 1.00 55.80 ? 42  GLU B O   1 
ATOM   691 C CB  . GLU B 1 42 ? 2.100   6.474   -12.030 1.00 57.84 ? 42  GLU B CB  1 
ATOM   692 C CG  . GLU B 1 42 ? 1.564   5.069   -11.792 1.00 69.44 ? 42  GLU B CG  1 
ATOM   693 C CD  . GLU B 1 42 ? 2.380   3.942   -12.413 1.00 78.77 ? 42  GLU B CD  1 
ATOM   694 O OE1 . GLU B 1 42 ? 2.867   4.124   -13.547 1.00 76.26 ? 42  GLU B OE1 1 
ATOM   695 O OE2 . GLU B 1 42 ? 2.524   2.887   -11.760 1.00 74.03 ? 42  GLU B OE2 1 
ATOM   696 N N   . ASP B 1 43 ? 4.559   8.639   -12.713 1.00 47.73 ? 43  ASP B N   1 
ATOM   697 C CA  . ASP B 1 43 ? 5.273   9.436   -13.749 1.00 51.61 ? 43  ASP B CA  1 
ATOM   698 C C   . ASP B 1 43 ? 6.795   9.443   -13.529 1.00 53.80 ? 43  ASP B C   1 
ATOM   699 O O   . ASP B 1 43 ? 7.469   10.239  -14.205 1.00 53.32 ? 43  ASP B O   1 
ATOM   700 C CB  . ASP B 1 43 ? 4.731   10.861  -13.823 1.00 51.96 ? 43  ASP B CB  1 
ATOM   701 C CG  . ASP B 1 43 ? 5.057   11.682  -12.589 1.00 55.40 ? 43  ASP B CG  1 
ATOM   702 O OD1 . ASP B 1 43 ? 5.584   11.097  -11.629 1.00 49.79 ? 43  ASP B OD1 1 
ATOM   703 O OD2 . ASP B 1 43 ? 4.780   12.894  -12.601 1.00 62.86 ? 43  ASP B OD2 1 
ATOM   704 N N   . GLY B 1 44 ? 7.318   8.630   -12.607 1.00 48.24 ? 44  GLY B N   1 
ATOM   705 C CA  . GLY B 1 44 ? 8.775   8.555   -12.387 1.00 50.47 ? 44  GLY B CA  1 
ATOM   706 C C   . GLY B 1 44 ? 9.274   9.532   -11.336 1.00 47.07 ? 44  GLY B C   1 
ATOM   707 O O   . GLY B 1 44 ? 10.421  9.369   -10.897 1.00 47.82 ? 44  GLY B O   1 
ATOM   708 N N   . GLU B 1 45 ? 8.460   10.522  -10.970 1.00 50.55 ? 45  GLU B N   1 
ATOM   709 C CA  . GLU B 1 45 ? 8.879   11.501  -9.935  1.00 47.30 ? 45  GLU B CA  1 
ATOM   710 C C   . GLU B 1 45 ? 9.142   10.743  -8.628  1.00 44.90 ? 45  GLU B C   1 
ATOM   711 O O   . GLU B 1 45 ? 8.388   9.799   -8.327  1.00 36.45 ? 45  GLU B O   1 
ATOM   712 C CB  . GLU B 1 45 ? 7.830   12.603  -9.787  1.00 51.30 ? 45  GLU B CB  1 
ATOM   713 C CG  . GLU B 1 45 ? 7.875   13.618  -10.916 1.00 64.44 ? 45  GLU B CG  1 
ATOM   714 C CD  . GLU B 1 45 ? 9.279   14.042  -11.316 1.00 71.81 ? 45  GLU B CD  1 
ATOM   715 O OE1 . GLU B 1 45 ? 9.935   14.723  -10.507 1.00 67.51 ? 45  GLU B OE1 1 
ATOM   716 O OE2 . GLU B 1 45 ? 9.717   13.682  -12.427 1.00 86.46 ? 45  GLU B OE2 1 
ATOM   717 N N   . GLU B 1 46 ? 10.193  11.136  -7.904  1.00 41.86 ? 46  GLU B N   1 
ATOM   718 C CA  . GLU B 1 46 ? 10.563  10.476  -6.627  1.00 34.39 ? 46  GLU B CA  1 
ATOM   719 C C   . GLU B 1 46 ? 10.486  11.506  -5.502  1.00 39.72 ? 46  GLU B C   1 
ATOM   720 O O   . GLU B 1 46 ? 10.597  12.707  -5.792  1.00 35.44 ? 46  GLU B O   1 
ATOM   721 C CB  . GLU B 1 46 ? 11.949  9.841   -6.741  1.00 40.58 ? 46  GLU B CB  1 
ATOM   722 C CG  . GLU B 1 46 ? 12.025  8.794   -7.830  1.00 36.82 ? 46  GLU B CG  1 
ATOM   723 C CD  . GLU B 1 46 ? 13.259  7.916   -7.776  1.00 44.48 ? 46  GLU B CD  1 
ATOM   724 O OE1 . GLU B 1 46 ? 14.128  8.179   -6.930  1.00 40.80 ? 46  GLU B OE1 1 
ATOM   725 O OE2 . GLU B 1 46 ? 13.342  6.977   -8.584  1.00 45.82 ? 46  GLU B OE2 1 
ATOM   726 N N   . ARG B 1 47 ? 10.318  11.055  -4.263  1.00 36.87 ? 47  ARG B N   1 
ATOM   727 C CA  . ARG B 1 47 ? 10.179  11.955  -3.095  1.00 34.76 ? 47  ARG B CA  1 
ATOM   728 C C   . ARG B 1 47 ? 10.523  11.171  -1.834  1.00 35.37 ? 47  ARG B C   1 
ATOM   729 O O   . ARG B 1 47 ? 10.291  9.987   -1.831  1.00 34.84 ? 47  ARG B O   1 
ATOM   730 C CB  . ARG B 1 47 ? 8.715   12.375  -2.990  1.00 40.68 ? 47  ARG B CB  1 
ATOM   731 C CG  . ARG B 1 47 ? 8.242   12.882  -1.641  1.00 46.79 ? 47  ARG B CG  1 
ATOM   732 C CD  . ARG B 1 47 ? 7.408   14.115  -1.899  1.00 41.08 ? 47  ARG B CD  1 
ATOM   733 N NE  . ARG B 1 47 ? 6.302   14.253  -0.984  1.00 45.76 ? 47  ARG B NE  1 
ATOM   734 C CZ  . ARG B 1 47 ? 5.054   14.509  -1.350  1.00 48.59 ? 47  ARG B CZ  1 
ATOM   735 N NH1 . ARG B 1 47 ? 4.120   14.617  -0.434  1.00 52.48 ? 47  ARG B NH1 1 
ATOM   736 N NH2 . ARG B 1 47 ? 4.735   14.678  -2.618  1.00 42.31 ? 47  ARG B NH2 1 
ATOM   737 N N   . LEU B 1 48 ? 11.059  11.847  -0.824  1.00 36.06 ? 48  LEU B N   1 
ATOM   738 C CA  . LEU B 1 48 ? 11.366  11.215  0.485   1.00 34.67 ? 48  LEU B CA  1 
ATOM   739 C C   . LEU B 1 48 ? 10.168  11.449  1.410   1.00 34.44 ? 48  LEU B C   1 
ATOM   740 O O   . LEU B 1 48 ? 9.693   12.592  1.469   1.00 34.28 ? 48  LEU B O   1 
ATOM   741 C CB  . LEU B 1 48 ? 12.628  11.857  1.070   1.00 29.30 ? 48  LEU B CB  1 
ATOM   742 C CG  . LEU B 1 48 ? 13.951  11.422  0.442   1.00 31.51 ? 48  LEU B CG  1 
ATOM   743 C CD1 . LEU B 1 48 ? 15.128  11.977  1.224   1.00 34.40 ? 48  LEU B CD1 1 
ATOM   744 C CD2 . LEU B 1 48 ? 14.039  9.908   0.357   1.00 32.26 ? 48  LEU B CD2 1 
ATOM   745 N N   . ILE B 1 49 ? 9.683   10.390  2.044   1.00 26.73 ? 49  ILE B N   1 
ATOM   746 C CA  . ILE B 1 49 ? 8.535   10.515  2.975   1.00 31.84 ? 49  ILE B CA  1 
ATOM   747 C C   . ILE B 1 49 ? 8.854   9.788   4.276   1.00 38.49 ? 49  ILE B C   1 
ATOM   748 O O   . ILE B 1 49 ? 9.533   8.784   4.252   1.00 33.25 ? 49  ILE B O   1 
ATOM   749 C CB  . ILE B 1 49 ? 7.232   10.008  2.339   1.00 34.14 ? 49  ILE B CB  1 
ATOM   750 C CG1 . ILE B 1 49 ? 7.370   8.590   1.799   1.00 36.23 ? 49  ILE B CG1 1 
ATOM   751 C CG2 . ILE B 1 49 ? 6.766   10.962  1.266   1.00 36.25 ? 49  ILE B CG2 1 
ATOM   752 C CD1 . ILE B 1 49 ? 6.266   7.663   2.200   1.00 36.39 ? 49  ILE B CD1 1 
ATOM   753 N N   . LEU B 1 50 ? 8.374   10.321  5.386   1.00 40.60 ? 50  LEU B N   1 
ATOM   754 C CA  . LEU B 1 50 ? 8.636   9.592   6.638   1.00 44.37 ? 50  LEU B CA  1 
ATOM   755 C C   . LEU B 1 50 ? 7.599   8.487   6.755   1.00 45.10 ? 50  LEU B C   1 
ATOM   756 O O   . LEU B 1 50 ? 6.467   8.707   6.413   1.00 52.50 ? 50  LEU B O   1 
ATOM   757 C CB  . LEU B 1 50 ? 8.644   10.519  7.848   1.00 42.99 ? 50  LEU B CB  1 
ATOM   758 C CG  . LEU B 1 50 ? 9.704   10.165  8.887   1.00 49.15 ? 50  LEU B CG  1 
ATOM   759 C CD1 . LEU B 1 50 ? 11.054  10.706  8.469   1.00 38.27 ? 50  LEU B CD1 1 
ATOM   760 C CD2 . LEU B 1 50 ? 9.323   10.672  10.268  1.00 48.24 ? 50  LEU B CD2 1 
ATOM   761 N N   . VAL B 1 51 ? 8.049   7.327   7.185   1.00 48.08 ? 51  VAL B N   1 
ATOM   762 C CA  . VAL B 1 51 ? 7.184   6.137   7.335   1.00 57.25 ? 51  VAL B CA  1 
ATOM   763 C C   . VAL B 1 51 ? 6.613   6.179   8.750   1.00 68.44 ? 51  VAL B C   1 
ATOM   764 O O   . VAL B 1 51 ? 7.294   6.674   9.651   1.00 69.19 ? 51  VAL B O   1 
ATOM   765 C CB  . VAL B 1 51 ? 8.041   4.888   7.109   1.00 53.76 ? 51  VAL B CB  1 
ATOM   766 C CG1 . VAL B 1 51 ? 7.367   3.613   7.543   1.00 59.91 ? 51  VAL B CG1 1 
ATOM   767 C CG2 . VAL B 1 51 ? 8.489   4.785   5.682   1.00 44.13 ? 51  VAL B CG2 1 
ATOM   768 N N   . PRO B 1 52 ? 5.380   5.714   8.988   1.00 75.23 ? 52  PRO B N   1 
ATOM   769 C CA  . PRO B 1 52 ? 4.847   5.701   10.320  1.00 82.59 ? 52  PRO B CA  1 
ATOM   770 C C   . PRO B 1 52 ? 5.385   4.410   10.948  1.00 89.05 ? 52  PRO B C   1 
ATOM   771 O O   . PRO B 1 52 ? 5.008   3.354   10.501  1.00 92.97 ? 52  PRO B O   1 
ATOM   772 C CB  . PRO B 1 52 ? 3.353   5.620   10.025  1.00 84.22 ? 52  PRO B CB  1 
ATOM   773 C CG  . PRO B 1 52 ? 3.312   4.669   8.862   1.00 77.87 ? 52  PRO B CG  1 
ATOM   774 C CD  . PRO B 1 52 ? 4.485   5.111   8.013   1.00 72.16 ? 52  PRO B CD  1 
HETATM 775 O O   . HOH C 2 .  ? -2.690  -13.711 5.711   1.00 37.07 ? 101 HOH A O   1 
HETATM 776 O O   . HOH C 2 .  ? -12.845 -1.943  -14.005 1.00 35.21 ? 102 HOH A O   1 
HETATM 777 O O   . HOH C 2 .  ? -0.506  -0.744  7.521   1.00 46.29 ? 103 HOH A O   1 
HETATM 778 O O   . HOH C 2 .  ? -14.152 0.461   5.131   1.00 39.43 ? 104 HOH A O   1 
HETATM 779 O O   . HOH C 2 .  ? -17.826 -1.128  -4.395  1.00 33.07 ? 105 HOH A O   1 
HETATM 780 O O   . HOH C 2 .  ? 0.937   -11.750 -15.233 1.00 41.74 ? 106 HOH A O   1 
HETATM 781 O O   . HOH C 2 .  ? -12.259 -6.396  -14.666 1.00 33.97 ? 107 HOH A O   1 
HETATM 782 O O   . HOH C 2 .  ? -7.170  -12.249 11.819  1.00 34.35 ? 108 HOH A O   1 
HETATM 783 O O   . HOH C 2 .  ? -9.112  -11.983 -16.134 1.00 32.55 ? 109 HOH A O   1 
HETATM 784 O O   . HOH C 2 .  ? -9.858  -15.103 -1.578  1.00 30.75 ? 110 HOH A O   1 
HETATM 785 O O   . HOH C 2 .  ? -17.078 -7.075  -7.223  1.00 33.66 ? 111 HOH A O   1 
HETATM 786 O O   . HOH C 2 .  ? -9.906  -5.261  -18.156 1.00 25.94 ? 112 HOH A O   1 
HETATM 787 O O   . HOH C 2 .  ? -0.115  -0.737  -10.223 1.00 40.33 ? 113 HOH A O   1 
HETATM 788 O O   . HOH C 2 .  ? 0.529   -4.942  -14.991 1.00 39.82 ? 114 HOH A O   1 
HETATM 789 O O   . HOH C 2 .  ? -8.509  -21.699 13.233  1.00 31.40 ? 115 HOH A O   1 
HETATM 790 O O   . HOH C 2 .  ? -12.162 4.569   -13.641 1.00 43.35 ? 116 HOH A O   1 
HETATM 791 O O   . HOH C 2 .  ? -11.654 -8.487  -10.223 1.00 38.79 ? 117 HOH A O   1 
HETATM 792 O O   . HOH C 2 .  ? -8.100  -0.250  -9.166  1.00 32.35 ? 118 HOH A O   1 
HETATM 793 O O   . HOH C 2 .  ? -12.833 -8.149  -18.375 1.00 30.45 ? 119 HOH A O   1 
HETATM 794 O O   . HOH C 2 .  ? -6.595  -24.185 10.837  1.00 40.20 ? 120 HOH A O   1 
HETATM 795 O O   . HOH C 2 .  ? -2.865  -10.747 -7.483  1.00 30.58 ? 121 HOH A O   1 
HETATM 796 O O   . HOH C 2 .  ? -11.263 -1.139  -11.379 1.00 28.71 ? 122 HOH A O   1 
HETATM 797 O O   . HOH C 2 .  ? -4.828  3.004   6.862   1.00 33.83 ? 123 HOH A O   1 
HETATM 798 O O   . HOH C 2 .  ? -1.981  0.326   -17.967 1.00 43.36 ? 124 HOH A O   1 
HETATM 799 O O   . HOH C 2 .  ? -13.682 -12.572 -3.350  1.00 30.47 ? 125 HOH A O   1 
HETATM 800 O O   . HOH C 2 .  ? -0.389  -10.614 -17.512 1.00 42.72 ? 126 HOH A O   1 
HETATM 801 O O   . HOH C 2 .  ? -15.714 -6.057  10.015  1.00 52.85 ? 127 HOH A O   1 
HETATM 802 O O   . HOH C 2 .  ? -7.834  -1.558  10.287  1.00 32.92 ? 128 HOH A O   1 
HETATM 803 O O   . HOH C 2 .  ? -4.010  -7.612  8.598   1.00 51.30 ? 129 HOH A O   1 
HETATM 804 O O   . HOH C 2 .  ? -7.168  -4.332  -15.164 1.00 29.94 ? 130 HOH A O   1 
HETATM 805 O O   . HOH C 2 .  ? -8.192  -10.038 10.464  1.00 28.82 ? 131 HOH A O   1 
HETATM 806 O O   . HOH C 2 .  ? -8.005  -26.237 8.798   1.00 38.14 ? 132 HOH A O   1 
HETATM 807 O O   . HOH C 2 .  ? -9.548  -10.091 -12.810 1.00 25.53 ? 133 HOH A O   1 
HETATM 808 O O   . HOH C 2 .  ? 1.032   -4.312  -2.405  1.00 24.78 ? 134 HOH A O   1 
HETATM 809 O O   . HOH C 2 .  ? -7.754  -16.662 -1.311  1.00 30.31 ? 135 HOH A O   1 
HETATM 810 O O   . HOH C 2 .  ? -6.210  2.730   -9.036  1.00 43.72 ? 136 HOH A O   1 
HETATM 811 O O   . HOH C 2 .  ? -12.289 -4.433  9.454   1.00 30.95 ? 137 HOH A O   1 
HETATM 812 O O   . HOH C 2 .  ? -8.871  -18.778 14.033  1.00 47.68 ? 138 HOH A O   1 
HETATM 813 O O   . HOH C 2 .  ? -2.618  4.002   11.815  1.00 48.10 ? 139 HOH A O   1 
HETATM 814 O O   . HOH C 2 .  ? -4.573  0.817   -10.341 1.00 31.35 ? 140 HOH A O   1 
HETATM 815 O O   . HOH C 2 .  ? -13.813 -8.878  -8.629  1.00 30.00 ? 141 HOH A O   1 
HETATM 816 O O   . HOH C 2 .  ? -11.606 1.767   -3.736  1.00 36.58 ? 142 HOH A O   1 
HETATM 817 O O   . HOH C 2 .  ? -4.257  -4.558  11.245  1.00 43.84 ? 143 HOH A O   1 
HETATM 818 O O   . HOH C 2 .  ? -13.853 2.440   -5.441  1.00 31.54 ? 144 HOH A O   1 
HETATM 819 O O   . HOH C 2 .  ? -0.622  1.294   2.086   1.00 32.10 ? 145 HOH A O   1 
HETATM 820 O O   . HOH C 2 .  ? 1.003   -6.936  -17.071 1.00 49.82 ? 146 HOH A O   1 
HETATM 821 O O   . HOH C 2 .  ? -1.697  -7.935  -2.037  1.00 37.59 ? 147 HOH A O   1 
HETATM 822 O O   . HOH C 2 .  ? -6.057  -11.746 -5.457  1.00 33.61 ? 148 HOH A O   1 
HETATM 823 O O   . HOH C 2 .  ? -2.452  -19.053 5.471   1.00 40.51 ? 149 HOH A O   1 
HETATM 824 O O   . HOH C 2 .  ? -7.326  -13.753 -4.167  1.00 30.92 ? 150 HOH A O   1 
HETATM 825 O O   . HOH C 2 .  ? -14.179 -2.194  8.392   1.00 43.41 ? 151 HOH A O   1 
HETATM 826 O O   . HOH C 2 .  ? 0.799   -12.392 -9.750  1.00 42.96 ? 152 HOH A O   1 
HETATM 827 O O   . HOH C 2 .  ? -9.410  4.315   6.745   1.00 47.47 ? 153 HOH A O   1 
HETATM 828 O O   . HOH C 2 .  ? 0.601   -8.509  -8.372  1.00 44.44 ? 154 HOH A O   1 
HETATM 829 O O   . HOH C 2 .  ? -9.640  -8.280  12.169  1.00 37.98 ? 155 HOH A O   1 
HETATM 830 O O   . HOH C 2 .  ? -4.582  -11.994 -18.767 1.00 33.83 ? 156 HOH A O   1 
HETATM 831 O O   . HOH C 2 .  ? -16.290 2.771   -6.003  1.00 34.60 ? 157 HOH A O   1 
HETATM 832 O O   . HOH C 2 .  ? -12.390 -8.522  -12.851 1.00 40.16 ? 158 HOH A O   1 
HETATM 833 O O   . HOH C 2 .  ? -9.782  -15.177 -5.150  1.00 36.51 ? 159 HOH A O   1 
HETATM 834 O O   . HOH C 2 .  ? -10.546 -14.719 14.298  1.00 37.42 ? 160 HOH A O   1 
HETATM 835 O O   . HOH C 2 .  ? -8.583  -1.540  -11.398 1.00 32.73 ? 161 HOH A O   1 
HETATM 836 O O   . HOH C 2 .  ? -1.514  1.234   -10.609 1.00 41.04 ? 162 HOH A O   1 
HETATM 837 O O   . HOH C 2 .  ? 0.683   -6.656  -1.121  1.00 34.14 ? 163 HOH A O   1 
HETATM 838 O O   . HOH C 2 .  ? -14.435 -5.282  -16.073 1.00 32.40 ? 164 HOH A O   1 
HETATM 839 O O   . HOH C 2 .  ? -4.644  4.418   -7.809  1.00 45.54 ? 165 HOH A O   1 
HETATM 840 O O   . HOH C 2 .  ? -1.910  -10.589 -2.925  1.00 34.43 ? 166 HOH A O   1 
HETATM 841 O O   . HOH C 2 .  ? 0.056   -11.044 -7.902  1.00 41.20 ? 167 HOH A O   1 
HETATM 842 O O   . HOH C 2 .  ? -13.604 -7.382  -10.484 1.00 30.00 ? 168 HOH A O   1 
HETATM 843 O O   . HOH C 2 .  ? -10.491 -2.588  10.874  1.00 37.76 ? 169 HOH A O   1 
HETATM 844 O O   . HOH C 2 .  ? -6.129  -6.374  12.312  1.00 40.84 ? 170 HOH A O   1 
HETATM 845 O O   . HOH C 2 .  ? -11.458 3.637   8.644   1.00 42.97 ? 171 HOH A O   1 
HETATM 846 O O   . HOH D 2 .  ? 8.894   15.984  -9.218  1.00 55.97 ? 101 HOH B O   1 
HETATM 847 O O   . HOH D 2 .  ? 0.053   17.721  -2.387  1.00 51.55 ? 102 HOH B O   1 
HETATM 848 O O   . HOH D 2 .  ? 7.370   12.407  5.539   1.00 40.67 ? 103 HOH B O   1 
HETATM 849 O O   . HOH D 2 .  ? 11.669  14.148  -1.207  1.00 36.96 ? 104 HOH B O   1 
HETATM 850 O O   . HOH D 2 .  ? 16.078  9.628   -6.751  1.00 41.11 ? 105 HOH B O   1 
HETATM 851 O O   . HOH D 2 .  ? 13.023  15.406  9.155   0.50 49.95 ? 106 HOH B O   1 
HETATM 852 O O   . HOH D 2 .  ? 18.623  1.112   4.073   1.00 46.32 ? 107 HOH B O   1 
HETATM 853 O O   . HOH D 2 .  ? 11.269  5.800   15.037  1.00 53.89 ? 108 HOH B O   1 
HETATM 854 O O   . HOH D 2 .  ? -5.356  7.648   -4.035  1.00 40.71 ? 109 HOH B O   1 
HETATM 855 O O   . HOH D 2 .  ? 15.451  3.989   15.896  1.00 41.04 ? 110 HOH B O   1 
HETATM 856 O O   . HOH D 2 .  ? 19.695  2.018   0.387   1.00 45.50 ? 111 HOH B O   1 
HETATM 857 O O   . HOH D 2 .  ? 1.490   7.864   -8.868  1.00 40.64 ? 112 HOH B O   1 
HETATM 858 O O   . HOH D 2 .  ? 14.189  12.715  17.599  1.00 42.54 ? 113 HOH B O   1 
HETATM 859 O O   . HOH D 2 .  ? 13.210  8.426   19.746  1.00 44.83 ? 114 HOH B O   1 
HETATM 860 O O   . HOH D 2 .  ? 21.258  5.968   -1.109  1.00 35.10 ? 115 HOH B O   1 
HETATM 861 O O   . HOH D 2 .  ? 16.561  0.428   0.880   1.00 34.78 ? 116 HOH B O   1 
HETATM 862 O O   . HOH D 2 .  ? -5.568  16.402  -11.738 1.00 48.97 ? 117 HOH B O   1 
HETATM 863 O O   . HOH D 2 .  ? 1.228   12.434  2.529   1.00 53.32 ? 118 HOH B O   1 
HETATM 864 O O   . HOH D 2 .  ? 16.282  2.950   -7.522  1.00 44.50 ? 119 HOH B O   1 
HETATM 865 O O   . HOH D 2 .  ? 1.317   -2.083  -0.525  1.00 29.70 ? 120 HOH B O   1 
HETATM 866 O O   . HOH D 2 .  ? 3.172   -3.903  -4.139  1.00 38.79 ? 121 HOH B O   1 
HETATM 867 O O   . HOH D 2 .  ? -3.554  4.705   2.405   1.00 27.28 ? 122 HOH B O   1 
HETATM 868 O O   . HOH D 2 .  ? -0.912  4.126   2.185   1.00 31.70 ? 123 HOH B O   1 
HETATM 869 O O   . HOH D 2 .  ? 15.125  2.329   7.672   1.00 39.38 ? 124 HOH B O   1 
HETATM 870 O O   . HOH D 2 .  ? -2.582  7.344   -7.862  1.00 38.51 ? 125 HOH B O   1 
HETATM 871 O O   . HOH D 2 .  ? 19.297  6.089   -4.385  1.00 36.55 ? 126 HOH B O   1 
HETATM 872 O O   . HOH D 2 .  ? 2.286   18.514  -2.948  1.00 47.15 ? 127 HOH B O   1 
HETATM 873 O O   . HOH D 2 .  ? 7.098   -6.107  -0.523  1.00 47.30 ? 128 HOH B O   1 
HETATM 874 O O   . HOH D 2 .  ? 17.195  0.753   6.593   1.00 39.74 ? 129 HOH B O   1 
HETATM 875 O O   . HOH D 2 .  ? 0.909   -3.577  2.291   1.00 42.91 ? 130 HOH B O   1 
HETATM 876 O O   . HOH D 2 .  ? 18.141  2.189   11.891  1.00 36.61 ? 131 HOH B O   1 
HETATM 877 O O   . HOH D 2 .  ? -0.962  6.830   -9.742  1.00 47.71 ? 132 HOH B O   1 
HETATM 878 O O   . HOH D 2 .  ? 20.322  3.919   12.013  1.00 50.51 ? 133 HOH B O   1 
HETATM 879 O O   . HOH D 2 .  ? 0.606   5.309   4.492   1.00 47.50 ? 134 HOH B O   1 
HETATM 880 O O   . HOH D 2 .  ? -5.559  6.525   -6.929  1.00 45.27 ? 135 HOH B O   1 
HETATM 881 O O   . HOH D 2 .  ? 0.583   -6.196  1.781   1.00 41.83 ? 136 HOH B O   1 
# 
